data_4GSI
# 
_entry.id   4GSI 
# 
_audit_conform.dict_name       mmcif_pdbx.dic 
_audit_conform.dict_version    5.379 
_audit_conform.dict_location   http://mmcif.pdb.org/dictionaries/ascii/mmcif_pdbx.dic 
# 
loop_
_database_2.database_id 
_database_2.database_code 
_database_2.pdbx_database_accession 
_database_2.pdbx_DOI 
PDB   4GSI         pdb_00004gsi 10.2210/pdb4gsi/pdb 
NDB   NA2018       ?            ?                   
RCSB  RCSB074580   ?            ?                   
WWPDB D_1000074580 ?            ?                   
# 
loop_
_pdbx_database_related.db_name 
_pdbx_database_related.db_id 
_pdbx_database_related.details 
_pdbx_database_related.content_type 
PDB 2ORG . unspecified 
PDB 2ORF . unspecified 
PDB 2ORH . unspecified 
PDB 3TOK . unspecified 
PDB 4GQD . unspecified 
PDB 4GRE . unspecified 
PDB 4GS2 . unspecified 
PDB 4GSG . unspecified 
# 
_pdbx_database_status.entry_id                        4GSI 
_pdbx_database_status.status_code                     REL 
_pdbx_database_status.deposit_site                    RCSB 
_pdbx_database_status.process_site                    RCSB 
_pdbx_database_status.recvd_initial_deposition_date   2012-08-27 
_pdbx_database_status.status_code_sf                  REL 
_pdbx_database_status.status_code_mr                  ? 
_pdbx_database_status.SG_entry                        ? 
_pdbx_database_status.status_code_cs                  ? 
_pdbx_database_status.methods_development_category    ? 
_pdbx_database_status.pdb_format_compatible           Y 
_pdbx_database_status.status_code_nmr_data            ? 
# 
loop_
_audit_author.name 
_audit_author.pdbx_ordinal 
'Ho, P.S.'   1 
'Carter, M.' 2 
# 
_citation.id                        primary 
_citation.title                     'Enthalpy-entropy compensation in biomolecular halogen bonds measured in DNA junctions.' 
_citation.journal_abbrev            Biochemistry 
_citation.journal_volume            52 
_citation.page_first                4891 
_citation.page_last                 4903 
_citation.year                      2013 
_citation.journal_id_ASTM           BICHAW 
_citation.country                   US 
_citation.journal_id_ISSN           0006-2960 
_citation.journal_id_CSD            0033 
_citation.book_publisher            ? 
_citation.pdbx_database_id_PubMed   23789744 
_citation.pdbx_database_id_DOI      10.1021/bi400590h 
# 
loop_
_citation_author.citation_id 
_citation_author.name 
_citation_author.ordinal 
_citation_author.identifier_ORCID 
primary 'Carter, M.'       1 ? 
primary 'Voth, A.R.'       2 ? 
primary 'Scholfield, M.R.' 3 ? 
primary 'Rummel, B.'       4 ? 
primary 'Sowers, L.C.'     5 ? 
primary 'Ho, P.S.'         6 ? 
# 
_cell.length_a           65.213 
_cell.length_b           23.917 
_cell.length_c           77.450 
_cell.angle_alpha        90.000 
_cell.angle_beta         114.800 
_cell.angle_gamma        90.000 
_cell.entry_id           4GSI 
_cell.pdbx_unique_axis   ? 
_cell.Z_PDB              16 
_cell.length_a_esd       ? 
_cell.length_b_esd       ? 
_cell.length_c_esd       ? 
_cell.angle_alpha_esd    ? 
_cell.angle_beta_esd     ? 
_cell.angle_gamma_esd    ? 
# 
_symmetry.space_group_name_H-M             'C 1 2 1' 
_symmetry.entry_id                         4GSI 
_symmetry.Int_Tables_number                5 
_symmetry.pdbx_full_space_group_name_H-M   ? 
_symmetry.cell_setting                     ? 
_symmetry.space_group_name_Hall            ? 
# 
loop_
_entity.id 
_entity.type 
_entity.src_method 
_entity.pdbx_description 
_entity.formula_weight 
_entity.pdbx_number_of_molecules 
_entity.pdbx_ec 
_entity.pdbx_mutation 
_entity.pdbx_fragment 
_entity.details 
1 polymer syn 
;DNA (5'-D(*CP*CP*GP*GP*TP*AP*(UFP)P*CP*GP*G)-3')
;
3064.968 4   ? ? ? ? 
2 polymer syn 
;DNA (5'-D(*CP*CP*GP*AP*TP*AP*CP*CP*GP*G)-3')
;
3029.994 4   ? ? ? ? 
3 water   nat water                                              18.015   100 ? ? ? ? 
# 
loop_
_entity_poly.entity_id 
_entity_poly.type 
_entity_poly.nstd_linkage 
_entity_poly.nstd_monomer 
_entity_poly.pdbx_seq_one_letter_code 
_entity_poly.pdbx_seq_one_letter_code_can 
_entity_poly.pdbx_strand_id 
_entity_poly.pdbx_target_identifier 
1 polydeoxyribonucleotide no yes '(DC)(DC)(DG)(DG)(DT)(DA)(UFP)(DC)(DG)(DG)' CCGGTANCGG A,C,F,H ? 
2 polydeoxyribonucleotide no no  '(DC)(DC)(DG)(DA)(DT)(DA)(DC)(DC)(DG)(DG)'  CCGATACCGG B,D,E,G ? 
# 
loop_
_entity_poly_seq.entity_id 
_entity_poly_seq.num 
_entity_poly_seq.mon_id 
_entity_poly_seq.hetero 
1 1  DC  n 
1 2  DC  n 
1 3  DG  n 
1 4  DG  n 
1 5  DT  n 
1 6  DA  n 
1 7  UFP n 
1 8  DC  n 
1 9  DG  n 
1 10 DG  n 
2 1  DC  n 
2 2  DC  n 
2 3  DG  n 
2 4  DA  n 
2 5  DT  n 
2 6  DA  n 
2 7  DC  n 
2 8  DC  n 
2 9  DG  n 
2 10 DG  n 
# 
loop_
_pdbx_entity_src_syn.entity_id 
_pdbx_entity_src_syn.pdbx_src_id 
_pdbx_entity_src_syn.pdbx_alt_source_flag 
_pdbx_entity_src_syn.pdbx_beg_seq_num 
_pdbx_entity_src_syn.pdbx_end_seq_num 
_pdbx_entity_src_syn.organism_scientific 
_pdbx_entity_src_syn.organism_common_name 
_pdbx_entity_src_syn.ncbi_taxonomy_id 
_pdbx_entity_src_syn.details 
1 1 sample ? ? ? ? ? 'synthetically engineered DNA sequence' 
2 1 sample ? ? ? ? ? 'synthetically engineered DNA sequence' 
# 
loop_
_struct_ref.id 
_struct_ref.db_name 
_struct_ref.db_code 
_struct_ref.pdbx_db_accession 
_struct_ref.entity_id 
_struct_ref.pdbx_align_begin 
_struct_ref.pdbx_seq_one_letter_code 
_struct_ref.pdbx_db_isoform 
1 PDB 4GSI 4GSI 1 ? CCGGTANCGG ? 
2 PDB 4GSI 4GSI 2 ? CCGATACCGG ? 
# 
loop_
_struct_ref_seq.align_id 
_struct_ref_seq.ref_id 
_struct_ref_seq.pdbx_PDB_id_code 
_struct_ref_seq.pdbx_strand_id 
_struct_ref_seq.seq_align_beg 
_struct_ref_seq.pdbx_seq_align_beg_ins_code 
_struct_ref_seq.seq_align_end 
_struct_ref_seq.pdbx_seq_align_end_ins_code 
_struct_ref_seq.pdbx_db_accession 
_struct_ref_seq.db_align_beg 
_struct_ref_seq.pdbx_db_align_beg_ins_code 
_struct_ref_seq.db_align_end 
_struct_ref_seq.pdbx_db_align_end_ins_code 
_struct_ref_seq.pdbx_auth_seq_align_beg 
_struct_ref_seq.pdbx_auth_seq_align_end 
1 1 4GSI A 1 ? 10 ? 4GSI 1   ? 10  ? 1   10  
2 1 4GSI C 1 ? 10 ? 4GSI 21  ? 30  ? 21  30  
3 1 4GSI F 1 ? 10 ? 4GSI 211 ? 220 ? 211 220 
4 1 4GSI H 1 ? 10 ? 4GSI 231 ? 240 ? 231 240 
5 2 4GSI B 1 ? 10 ? 4GSI 11  ? 20  ? 11  20  
6 2 4GSI D 1 ? 10 ? 4GSI 31  ? 40  ? 31  40  
7 2 4GSI E 1 ? 10 ? 4GSI 201 ? 210 ? 201 210 
8 2 4GSI G 1 ? 10 ? 4GSI 221 ? 230 ? 221 230 
# 
loop_
_chem_comp.id 
_chem_comp.type 
_chem_comp.mon_nstd_flag 
_chem_comp.name 
_chem_comp.pdbx_synonyms 
_chem_comp.formula 
_chem_comp.formula_weight 
DA  'DNA linking' y "2'-DEOXYADENOSINE-5'-MONOPHOSPHATE"        ? 'C10 H14 N5 O6 P'  331.222 
DC  'DNA linking' y "2'-DEOXYCYTIDINE-5'-MONOPHOSPHATE"         ? 'C9 H14 N3 O7 P'   307.197 
DG  'DNA linking' y "2'-DEOXYGUANOSINE-5'-MONOPHOSPHATE"        ? 'C10 H14 N5 O7 P'  347.221 
DT  'DNA linking' y "THYMIDINE-5'-MONOPHOSPHATE"                ? 'C10 H15 N2 O8 P'  322.208 
HOH non-polymer   . WATER                                       ? 'H2 O'             18.015  
UFP 'DNA linking' . "5-FLUORO-2'-DEOXYURIDINE-5'-MONOPHOSPHATE" ? 'C9 H12 F N2 O8 P' 326.172 
# 
_exptl.crystals_number   1 
_exptl.entry_id          4GSI 
_exptl.method            'X-RAY DIFFRACTION' 
# 
_exptl_crystal.id                    1 
_exptl_crystal.density_Matthews      2.27 
_exptl_crystal.density_meas          ? 
_exptl_crystal.density_percent_sol   63.4 
_exptl_crystal.description           ? 
_exptl_crystal.F_000                 ? 
_exptl_crystal.preparation           ? 
# 
_exptl_crystal_grow.crystal_id      1 
_exptl_crystal_grow.method          'hanging drop' 
_exptl_crystal_grow.pH              7 
_exptl_crystal_grow.temp            298 
_exptl_crystal_grow.pdbx_details    
;0.7mM DNA, 25mM sodium cacodylate pH 7.0 buffer, 10-25mM calcium chloride, and 0.8-1.2mM spermine, equilibrated against a reservoir of 30-40% aqueous MPD, hanging drop, temperature 298K
;
_exptl_crystal_grow.temp_details    ? 
_exptl_crystal_grow.pdbx_pH_range   ? 
# 
_diffrn.id                     1 
_diffrn.ambient_temp           133 
_diffrn.ambient_temp_details   ? 
_diffrn.crystal_id             1 
# 
_diffrn_detector.diffrn_id              1 
_diffrn_detector.detector               CCD 
_diffrn_detector.type                   NOIR-1 
_diffrn_detector.pdbx_collection_date   2011-01-01 
_diffrn_detector.details                ? 
# 
_diffrn_radiation.diffrn_id                        1 
_diffrn_radiation.pdbx_diffrn_protocol             'SINGLE WAVELENGTH' 
_diffrn_radiation.monochromator                    ? 
_diffrn_radiation.wavelength_id                    1 
_diffrn_radiation.pdbx_monochromatic_or_laue_m_l   M 
_diffrn_radiation.pdbx_scattering_type             x-ray 
# 
_diffrn_radiation_wavelength.id           1 
_diffrn_radiation_wavelength.wavelength   0.9 
_diffrn_radiation_wavelength.wt           1.0 
# 
_diffrn_source.diffrn_id                   1 
_diffrn_source.source                      SYNCHROTRON 
_diffrn_source.type                        'ALS BEAMLINE 4.2.2' 
_diffrn_source.pdbx_wavelength_list        0.9 
_diffrn_source.pdbx_wavelength             ? 
_diffrn_source.pdbx_synchrotron_site       ALS 
_diffrn_source.pdbx_synchrotron_beamline   4.2.2 
# 
_reflns.entry_id                     4GSI 
_reflns.d_resolution_high            2.040 
_reflns.d_resolution_low             55.000 
_reflns.number_obs                   3910 
_reflns.pdbx_Rmerge_I_obs            0.066 
_reflns.pdbx_netI_over_sigmaI        23.000 
_reflns.pdbx_chi_squared             5.397 
_reflns.pdbx_redundancy              5.500 
_reflns.percent_possible_obs         24.900 
_reflns.observed_criterion_sigma_F   ? 
_reflns.observed_criterion_sigma_I   ? 
_reflns.number_all                   6763 
_reflns.pdbx_Rsym_value              ? 
_reflns.B_iso_Wilson_estimate        ? 
_reflns.R_free_details               ? 
_reflns.limit_h_max                  ? 
_reflns.limit_h_min                  ? 
_reflns.limit_k_max                  ? 
_reflns.limit_k_min                  ? 
_reflns.limit_l_max                  ? 
_reflns.limit_l_min                  ? 
_reflns.observed_criterion_F_max     ? 
_reflns.observed_criterion_F_min     ? 
_reflns.pdbx_scaling_rejects         ? 
_reflns.pdbx_ordinal                 1 
_reflns.pdbx_diffrn_id               1 
# 
loop_
_reflns_shell.d_res_high 
_reflns_shell.d_res_low 
_reflns_shell.number_measured_obs 
_reflns_shell.number_measured_all 
_reflns_shell.number_unique_obs 
_reflns_shell.Rmerge_I_obs 
_reflns_shell.meanI_over_sigI_obs 
_reflns_shell.pdbx_Rsym_value 
_reflns_shell.pdbx_chi_squared 
_reflns_shell.pdbx_redundancy 
_reflns_shell.percent_possible_obs 
_reflns_shell.number_unique_all 
_reflns_shell.percent_possible_all 
_reflns_shell.pdbx_ordinal 
_reflns_shell.pdbx_diffrn_id 
2.040 2.130  ? ? ? 0.207 ? ? 3.314 3.400 ? 26  3.300  1 1 
2.130 2.240  ? ? ? 0.282 ? ? 4.319 4.500 ? 172 22.300 2 1 
2.240 2.380  ? ? ? 0.265 ? ? 1.649 5.000 ? 395 49.900 3 1 
2.380 2.560  ? ? ? 0.245 ? ? 4.698 5.200 ? 556 71.100 4 1 
2.560 2.820  ? ? ? 0.202 ? ? 6.298 5.600 ? 602 75.700 5 1 
2.820 3.230  ? ? ? 0.099 ? ? 4.485 5.600 ? 628 78.000 6 1 
3.230 4.070  ? ? ? 0.068 ? ? 9.417 5.200 ? 691 85.800 7 1 
4.070 55.000 ? ? ? 0.045 ? ? 4.656 6.200 ? 840 99.400 8 1 
# 
_refine.entry_id                                 4GSI 
_refine.ls_d_res_high                            2.3800 
_refine.ls_d_res_low                             32.6100 
_refine.pdbx_ls_sigma_F                          0.000 
_refine.pdbx_data_cutoff_high_absF               27432.0000 
_refine.pdbx_data_cutoff_low_absF                0.0000 
_refine.ls_percent_reflns_obs                    74.2000 
_refine.ls_number_reflns_obs                     3398 
_refine.ls_number_reflns_all                     4947 
_refine.pdbx_ls_cross_valid_method               THROUGHOUT 
_refine.pdbx_R_Free_selection_details            RANDOM 
_refine.details                                  'BULK SOLVENT MODEL USED' 
_refine.ls_R_factor_all                          ? 
_refine.ls_R_factor_obs                          ? 
_refine.ls_R_factor_R_work                       0.2250 
_refine.ls_wR_factor_R_work                      ? 
_refine.ls_R_factor_R_free                       0.2910 
_refine.ls_wR_factor_R_free                      ? 
_refine.ls_percent_reflns_R_free                 5.3000 
_refine.ls_number_reflns_R_free                  180 
_refine.ls_R_factor_R_free_error                 0.0220 
_refine.B_iso_mean                               15.9929 
_refine.solvent_model_param_bsol                 85.8826 
_refine.solvent_model_param_ksol                 0.3500 
_refine.pdbx_isotropic_thermal_model             RESTRAINED 
_refine.aniso_B[1][1]                            2.4800 
_refine.aniso_B[2][2]                            3.5800 
_refine.aniso_B[3][3]                            -6.0600 
_refine.aniso_B[1][2]                            0.0000 
_refine.aniso_B[1][3]                            0.8800 
_refine.aniso_B[2][3]                            0.0000 
_refine.correlation_coeff_Fo_to_Fc               ? 
_refine.correlation_coeff_Fo_to_Fc_free          ? 
_refine.overall_SU_R_Cruickshank_DPI             ? 
_refine.overall_SU_R_free                        ? 
_refine.pdbx_overall_ESU_R                       ? 
_refine.pdbx_overall_ESU_R_Free                  ? 
_refine.overall_SU_ML                            ? 
_refine.overall_SU_B                             ? 
_refine.solvent_model_details                    'FLAT MODEL' 
_refine.pdbx_solvent_vdw_probe_radii             ? 
_refine.pdbx_solvent_ion_probe_radii             ? 
_refine.pdbx_solvent_shrinkage_radii             ? 
_refine.ls_number_parameters                     ? 
_refine.ls_number_restraints                     ? 
_refine.pdbx_starting_model                      2ORG 
_refine.pdbx_method_to_determine_struct          'MOLECULAR REPLACEMENT' 
_refine.pdbx_stereochemistry_target_values       ? 
_refine.pdbx_stereochem_target_val_spec_case     ? 
_refine.overall_FOM_work_R_set                   ? 
_refine.B_iso_max                                39.210 
_refine.B_iso_min                                0.110 
_refine.pdbx_overall_phase_error                 ? 
_refine.occupancy_max                            1.000 
_refine.occupancy_min                            0.400 
_refine.pdbx_ls_sigma_I                          ? 
_refine.ls_redundancy_reflns_obs                 ? 
_refine.ls_R_factor_R_free_error_details         ? 
_refine.pdbx_data_cutoff_high_rms_absF           ? 
_refine.overall_FOM_free_R_set                   ? 
_refine.pdbx_diffrn_id                           1 
_refine.pdbx_refine_id                           'X-RAY DIFFRACTION' 
_refine.pdbx_TLS_residual_ADP_flag               ? 
_refine.pdbx_overall_SU_R_free_Cruickshank_DPI   ? 
_refine.pdbx_overall_SU_R_Blow_DPI               ? 
_refine.pdbx_overall_SU_R_free_Blow_DPI          ? 
# 
_refine_analyze.entry_id                        4GSI 
_refine_analyze.Luzzati_coordinate_error_obs    0.300 
_refine_analyze.Luzzati_sigma_a_obs             0.320 
_refine_analyze.Luzzati_d_res_low_obs           5.000 
_refine_analyze.Luzzati_coordinate_error_free   0.390 
_refine_analyze.Luzzati_sigma_a_free            0.660 
_refine_analyze.Luzzati_d_res_low_free          ? 
_refine_analyze.number_disordered_residues      ? 
_refine_analyze.occupancy_sum_non_hydrogen      ? 
_refine_analyze.occupancy_sum_hydrogen          ? 
_refine_analyze.pdbx_Luzzati_d_res_high_obs     ? 
_refine_analyze.pdbx_refine_id                  'X-RAY DIFFRACTION' 
# 
_refine_hist.pdbx_refine_id                   'X-RAY DIFFRACTION' 
_refine_hist.cycle_id                         LAST 
_refine_hist.pdbx_number_atoms_protein        0 
_refine_hist.pdbx_number_atoms_nucleic_acid   1616 
_refine_hist.pdbx_number_atoms_ligand         0 
_refine_hist.number_atoms_solvent             100 
_refine_hist.number_atoms_total               1716 
_refine_hist.d_res_high                       2.3800 
_refine_hist.d_res_low                        32.6100 
# 
loop_
_refine_ls_restr.type 
_refine_ls_restr.number 
_refine_ls_restr.dev_ideal 
_refine_ls_restr.dev_ideal_target 
_refine_ls_restr.weight 
_refine_ls_restr.pdbx_restraint_function 
_refine_ls_restr.pdbx_refine_id 
c_bond_d           ? 0.002  ? ? ? 'X-RAY DIFFRACTION' 
c_angle_deg        ? 0.600  ? ? ? 'X-RAY DIFFRACTION' 
c_dihedral_angle_d ? 17.700 ? ? ? 'X-RAY DIFFRACTION' 
c_improper_angle_d ? 1.020  ? ? ? 'X-RAY DIFFRACTION' 
c_mcbond_it        ? ?      ? ? ? 'X-RAY DIFFRACTION' 
c_mcangle_it       ? ?      ? ? ? 'X-RAY DIFFRACTION' 
c_scbond_it        ? ?      ? ? ? 'X-RAY DIFFRACTION' 
c_scangle_it       ? ?      ? ? ? 'X-RAY DIFFRACTION' 
# 
_refine_ls_shell.d_res_high                       2.3800 
_refine_ls_shell.d_res_low                        2.5300 
_refine_ls_shell.pdbx_total_number_of_bins_used   6 
_refine_ls_shell.percent_reflns_obs               51.2000 
_refine_ls_shell.number_reflns_R_work             347 
_refine_ls_shell.R_factor_all                     ? 
_refine_ls_shell.R_factor_R_work                  0.3310 
_refine_ls_shell.R_factor_R_free                  0.3610 
_refine_ls_shell.percent_reflns_R_free            8.2000 
_refine_ls_shell.number_reflns_R_free             31 
_refine_ls_shell.R_factor_R_free_error            0.0650 
_refine_ls_shell.number_reflns_all                378 
_refine_ls_shell.number_reflns_obs                ? 
_refine_ls_shell.redundancy_reflns_obs            ? 
_refine_ls_shell.pdbx_refine_id                   'X-RAY DIFFRACTION' 
# 
loop_
_pdbx_xplor_file.serial_no 
_pdbx_xplor_file.param_file 
_pdbx_xplor_file.topol_file 
_pdbx_xplor_file.pdbx_refine_id 
1 mcdna-rna_rep.param mcdna-rna.top 'X-RAY DIFFRACTION' 
2 ion.param           ?             'X-RAY DIFFRACTION' 
3 water_rep.param     ?             'X-RAY DIFFRACTION' 
# 
_struct.entry_id                  4GSI 
_struct.title                     'DNA Holliday junction stabilized by fluorine halogen bond. F2J construct of related reference.' 
_struct.pdbx_model_details        ? 
_struct.pdbx_CASP_flag            ? 
_struct.pdbx_model_type_details   ? 
# 
_struct_keywords.entry_id        4GSI 
_struct_keywords.text            'DNA Holliday junction, halogen bond, DNA' 
_struct_keywords.pdbx_keywords   DNA 
# 
loop_
_struct_asym.id 
_struct_asym.pdbx_blank_PDB_chainid_flag 
_struct_asym.pdbx_modified 
_struct_asym.entity_id 
_struct_asym.details 
A N N 1 ? 
B N N 2 ? 
C N N 1 ? 
D N N 2 ? 
E N N 2 ? 
F N N 1 ? 
G N N 2 ? 
H N N 1 ? 
I N N 3 ? 
J N N 3 ? 
K N N 3 ? 
L N N 3 ? 
M N N 3 ? 
N N N 3 ? 
O N N 3 ? 
P N N 3 ? 
# 
_struct_biol.id        1 
_struct_biol.details   ? 
# 
loop_
_struct_conn.id 
_struct_conn.conn_type_id 
_struct_conn.pdbx_leaving_atom_flag 
_struct_conn.pdbx_PDB_id 
_struct_conn.ptnr1_label_asym_id 
_struct_conn.ptnr1_label_comp_id 
_struct_conn.ptnr1_label_seq_id 
_struct_conn.ptnr1_label_atom_id 
_struct_conn.pdbx_ptnr1_label_alt_id 
_struct_conn.pdbx_ptnr1_PDB_ins_code 
_struct_conn.pdbx_ptnr1_standard_comp_id 
_struct_conn.ptnr1_symmetry 
_struct_conn.ptnr2_label_asym_id 
_struct_conn.ptnr2_label_comp_id 
_struct_conn.ptnr2_label_seq_id 
_struct_conn.ptnr2_label_atom_id 
_struct_conn.pdbx_ptnr2_label_alt_id 
_struct_conn.pdbx_ptnr2_PDB_ins_code 
_struct_conn.ptnr1_auth_asym_id 
_struct_conn.ptnr1_auth_comp_id 
_struct_conn.ptnr1_auth_seq_id 
_struct_conn.ptnr2_auth_asym_id 
_struct_conn.ptnr2_auth_comp_id 
_struct_conn.ptnr2_auth_seq_id 
_struct_conn.ptnr2_symmetry 
_struct_conn.pdbx_ptnr3_label_atom_id 
_struct_conn.pdbx_ptnr3_label_seq_id 
_struct_conn.pdbx_ptnr3_label_comp_id 
_struct_conn.pdbx_ptnr3_label_asym_id 
_struct_conn.pdbx_ptnr3_label_alt_id 
_struct_conn.pdbx_ptnr3_PDB_ins_code 
_struct_conn.details 
_struct_conn.pdbx_dist_value 
_struct_conn.pdbx_value_order 
_struct_conn.pdbx_role 
covale1  covale both ? A DA  6  "O3'" A ? ? 1_555 A UFP 7  P  A ? A DA  6   A UFP 7   1_555 ? ? ? ? ? ? ?               1.608 ? ? 
covale2  covale one  ? A UFP 7  "O3'" A ? ? 1_555 A DC  8  P  A ? A UFP 7   A DC  8   1_555 ? ? ? ? ? ? ?               1.604 ? ? 
covale3  covale both ? C DA  6  "O3'" A ? ? 1_555 C UFP 7  P  A ? C DA  26  C UFP 27  1_555 ? ? ? ? ? ? ?               1.606 ? ? 
covale4  covale one  ? C UFP 7  "O3'" A ? ? 1_555 C DC  8  P  A ? C UFP 27  C DC  28  1_555 ? ? ? ? ? ? ?               1.605 ? ? 
covale5  covale both ? F DA  6  "O3'" B ? ? 1_555 F UFP 7  P  B ? F DA  216 F UFP 217 1_555 ? ? ? ? ? ? ?               1.601 ? ? 
covale6  covale one  ? F UFP 7  "O3'" B ? ? 1_555 F DC  8  P  B ? F UFP 217 F DC  218 1_555 ? ? ? ? ? ? ?               1.604 ? ? 
covale7  covale both ? H DA  6  "O3'" B ? ? 1_555 H UFP 7  P  B ? H DA  236 H UFP 237 1_555 ? ? ? ? ? ? ?               1.605 ? ? 
covale8  covale one  ? H UFP 7  "O3'" B ? ? 1_555 H DC  8  P  B ? H UFP 237 H DC  238 1_555 ? ? ? ? ? ? ?               1.600 ? ? 
hydrog1  hydrog ?    ? A DC  1  N3    A ? ? 1_555 B DG  10 N1 A ? A DC  1   B DG  20  1_555 ? ? ? ? ? ? WATSON-CRICK    ?     ? ? 
hydrog2  hydrog ?    ? A DC  1  N4    A ? ? 1_555 B DG  10 O6 A ? A DC  1   B DG  20  1_555 ? ? ? ? ? ? WATSON-CRICK    ?     ? ? 
hydrog3  hydrog ?    ? A DC  1  O2    A ? ? 1_555 B DG  10 N2 A ? A DC  1   B DG  20  1_555 ? ? ? ? ? ? WATSON-CRICK    ?     ? ? 
hydrog4  hydrog ?    ? A DC  2  N3    A ? ? 1_555 B DG  9  N1 A ? A DC  2   B DG  19  1_555 ? ? ? ? ? ? WATSON-CRICK    ?     ? ? 
hydrog5  hydrog ?    ? A DC  2  N4    A ? ? 1_555 B DG  9  O6 A ? A DC  2   B DG  19  1_555 ? ? ? ? ? ? WATSON-CRICK    ?     ? ? 
hydrog6  hydrog ?    ? A DC  2  O2    A ? ? 1_555 B DG  9  N2 A ? A DC  2   B DG  19  1_555 ? ? ? ? ? ? WATSON-CRICK    ?     ? ? 
hydrog7  hydrog ?    ? A DG  3  N1    A ? ? 1_555 B DC  8  N3 A ? A DG  3   B DC  18  1_555 ? ? ? ? ? ? WATSON-CRICK    ?     ? ? 
hydrog8  hydrog ?    ? A DG  3  N2    A ? ? 1_555 B DC  8  O2 A ? A DG  3   B DC  18  1_555 ? ? ? ? ? ? WATSON-CRICK    ?     ? ? 
hydrog9  hydrog ?    ? A DG  3  O6    A ? ? 1_555 B DC  8  N4 A ? A DG  3   B DC  18  1_555 ? ? ? ? ? ? WATSON-CRICK    ?     ? ? 
hydrog10 hydrog ?    ? A DG  4  N2    A ? ? 1_555 B DC  7  N3 A ? A DG  4   B DC  17  1_555 ? ? ? ? ? ? 'DG-DC PAIR'    ?     ? ? 
hydrog11 hydrog ?    ? A DT  5  N3    A ? ? 1_555 B DA  6  N1 A ? A DT  5   B DA  16  1_555 ? ? ? ? ? ? WATSON-CRICK    ?     ? ? 
hydrog12 hydrog ?    ? A DT  5  O4    A ? ? 1_555 B DA  6  N6 A ? A DT  5   B DA  16  1_555 ? ? ? ? ? ? WATSON-CRICK    ?     ? ? 
hydrog13 hydrog ?    ? A UFP 7  N3    A ? ? 1_555 D DA  4  N1 A ? A UFP 7   D DA  34  1_555 ? ? ? ? ? ? 'UFP-DA PAIR'   ?     ? ? 
hydrog14 hydrog ?    ? A DC  8  N3    A ? ? 1_555 D DG  3  N1 A ? A DC  8   D DG  33  1_555 ? ? ? ? ? ? WATSON-CRICK    ?     ? ? 
hydrog15 hydrog ?    ? A DC  8  N4    A ? ? 1_555 D DG  3  O6 A ? A DC  8   D DG  33  1_555 ? ? ? ? ? ? WATSON-CRICK    ?     ? ? 
hydrog16 hydrog ?    ? A DC  8  O2    A ? ? 1_555 D DG  3  N2 A ? A DC  8   D DG  33  1_555 ? ? ? ? ? ? WATSON-CRICK    ?     ? ? 
hydrog17 hydrog ?    ? A DG  9  N1    A ? ? 1_555 D DC  2  N3 A ? A DG  9   D DC  32  1_555 ? ? ? ? ? ? WATSON-CRICK    ?     ? ? 
hydrog18 hydrog ?    ? A DG  9  N2    A ? ? 1_555 D DC  2  O2 A ? A DG  9   D DC  32  1_555 ? ? ? ? ? ? WATSON-CRICK    ?     ? ? 
hydrog19 hydrog ?    ? A DG  9  O6    A ? ? 1_555 D DC  2  N4 A ? A DG  9   D DC  32  1_555 ? ? ? ? ? ? WATSON-CRICK    ?     ? ? 
hydrog20 hydrog ?    ? A DG  10 O6    A ? ? 1_555 D DC  1  N4 A ? A DG  10  D DC  31  1_555 ? ? ? ? ? ? 'DG-DC PAIR'    ?     ? ? 
hydrog21 hydrog ?    ? B DC  1  N4    A ? ? 1_555 C DG  10 O6 A ? B DC  11  C DG  30  1_555 ? ? ? ? ? ? 'DC-DG PAIR'    ?     ? ? 
hydrog22 hydrog ?    ? B DC  2  N4    A ? ? 1_555 C DC  8  N3 A ? B DC  12  C DC  28  1_555 ? ? ? ? ? ? 'DC-DC MISPAIR' ?     ? ? 
hydrog23 hydrog ?    ? B DC  2  N3    A ? ? 1_555 C DG  9  N1 A ? B DC  12  C DG  29  1_555 ? ? ? ? ? ? WATSON-CRICK    ?     ? ? 
hydrog24 hydrog ?    ? B DC  2  N4    A ? ? 1_555 C DG  9  O6 A ? B DC  12  C DG  29  1_555 ? ? ? ? ? ? WATSON-CRICK    ?     ? ? 
hydrog25 hydrog ?    ? B DC  2  O2    A ? ? 1_555 C DG  9  N2 A ? B DC  12  C DG  29  1_555 ? ? ? ? ? ? WATSON-CRICK    ?     ? ? 
hydrog26 hydrog ?    ? B DG  3  N1    A ? ? 1_555 C DC  8  N3 A ? B DG  13  C DC  28  1_555 ? ? ? ? ? ? 'DG-DC PAIR'    ?     ? ? 
hydrog27 hydrog ?    ? B DA  4  N1    A ? ? 1_555 C UFP 7  N3 A ? B DA  14  C UFP 27  1_555 ? ? ? ? ? ? WATSON-CRICK    ?     ? ? 
hydrog28 hydrog ?    ? B DA  4  N6    A ? ? 1_555 C UFP 7  O4 A ? B DA  14  C UFP 27  1_555 ? ? ? ? ? ? WATSON-CRICK    ?     ? ? 
hydrog29 hydrog ?    ? C DC  1  N4    A ? ? 1_555 D DG  10 O6 A ? C DC  21  D DG  40  1_555 ? ? ? ? ? ? 'DC-DG PAIR'    ?     ? ? 
hydrog30 hydrog ?    ? C DC  2  O2    A ? ? 1_555 D DG  9  N2 A ? C DC  22  D DG  39  1_555 ? ? ? ? ? ? 'DC-DG PAIR'    ?     ? ? 
hydrog31 hydrog ?    ? C DG  3  N1    A ? ? 1_555 D DC  8  O2 A ? C DG  23  D DC  38  1_555 ? ? ? ? ? ? 'DG-DC PAIR'    ?     ? ? 
hydrog32 hydrog ?    ? C DG  4  N1    A ? ? 1_555 D DC  7  N3 A ? C DG  24  D DC  37  1_555 ? ? ? ? ? ? WATSON-CRICK    ?     ? ? 
hydrog33 hydrog ?    ? C DG  4  N2    A ? ? 1_555 D DC  7  O2 A ? C DG  24  D DC  37  1_555 ? ? ? ? ? ? WATSON-CRICK    ?     ? ? 
hydrog34 hydrog ?    ? C DG  4  O6    A ? ? 1_555 D DC  7  N4 A ? C DG  24  D DC  37  1_555 ? ? ? ? ? ? WATSON-CRICK    ?     ? ? 
hydrog35 hydrog ?    ? C DT  5  N3    A ? ? 1_555 D DA  6  N1 A ? C DT  25  D DA  36  1_555 ? ? ? ? ? ? WATSON-CRICK    ?     ? ? 
hydrog36 hydrog ?    ? C DT  5  O4    A ? ? 1_555 D DA  6  N6 A ? C DT  25  D DA  36  1_555 ? ? ? ? ? ? WATSON-CRICK    ?     ? ? 
hydrog37 hydrog ?    ? C DA  6  N1    A ? ? 1_555 D DT  5  N3 A ? C DA  26  D DT  35  1_555 ? ? ? ? ? ? WATSON-CRICK    ?     ? ? 
hydrog38 hydrog ?    ? C DA  6  N6    A ? ? 1_555 D DT  5  O4 A ? C DA  26  D DT  35  1_555 ? ? ? ? ? ? WATSON-CRICK    ?     ? ? 
# 
loop_
_struct_conn_type.id 
_struct_conn_type.criteria 
_struct_conn_type.reference 
covale ? ? 
hydrog ? ? 
# 
_atom_sites.entry_id                    4GSI 
_atom_sites.fract_transf_matrix[1][1]   -0.01065962 
_atom_sites.fract_transf_matrix[1][2]   0.00961648 
_atom_sites.fract_transf_matrix[1][3]   -0.00890162 
_atom_sites.fract_transf_matrix[2][1]   -0.00118559 
_atom_sites.fract_transf_matrix[2][2]   -0.02909115 
_atom_sites.fract_transf_matrix[2][3]   -0.03000765 
_atom_sites.fract_transf_matrix[3][1]   -0.01377409 
_atom_sites.fract_transf_matrix[3][2]   -0.00225789 
_atom_sites.fract_transf_matrix[3][3]   0.00273314 
_atom_sites.fract_transf_vector[1]      0.270746 
_atom_sites.fract_transf_vector[2]      0.486015 
_atom_sites.fract_transf_vector[3]      0.248310 
# 
loop_
_atom_type.symbol 
C 
F 
N 
O 
P 
# 
loop_
_atom_site.group_PDB 
_atom_site.id 
_atom_site.type_symbol 
_atom_site.label_atom_id 
_atom_site.label_alt_id 
_atom_site.label_comp_id 
_atom_site.label_asym_id 
_atom_site.label_entity_id 
_atom_site.label_seq_id 
_atom_site.pdbx_PDB_ins_code 
_atom_site.Cartn_x 
_atom_site.Cartn_y 
_atom_site.Cartn_z 
_atom_site.occupancy 
_atom_site.B_iso_or_equiv 
_atom_site.pdbx_formal_charge 
_atom_site.auth_seq_id 
_atom_site.auth_comp_id 
_atom_site.auth_asym_id 
_atom_site.auth_atom_id 
_atom_site.pdbx_PDB_model_num 
ATOM   1    O "O5'" A DC  A 1 1  ? 19.420  -11.526 7.988   0.40 15.56 ? 1   DC  A "O5'" 1 
ATOM   2    C "C5'" A DC  A 1 1  ? 19.045  -11.590 6.606   0.40 19.27 ? 1   DC  A "C5'" 1 
ATOM   3    C "C4'" A DC  A 1 1  ? 18.765  -12.998 6.133   0.40 19.17 ? 1   DC  A "C4'" 1 
ATOM   4    O "O4'" A DC  A 1 1  ? 17.836  -13.630 7.045   0.40 17.96 ? 1   DC  A "O4'" 1 
ATOM   5    C "C3'" A DC  A 1 1  ? 18.119  -13.089 4.749   0.40 19.81 ? 1   DC  A "C3'" 1 
ATOM   6    O "O3'" A DC  A 1 1  ? 18.558  -14.279 4.086   0.40 22.70 ? 1   DC  A "O3'" 1 
ATOM   7    C "C2'" A DC  A 1 1  ? 16.641  -13.194 5.073   0.40 17.82 ? 1   DC  A "C2'" 1 
ATOM   8    C "C1'" A DC  A 1 1  ? 16.666  -14.022 6.345   0.40 16.73 ? 1   DC  A "C1'" 1 
ATOM   9    N N1    A DC  A 1 1  ? 15.520  -13.832 7.242   0.40 14.30 ? 1   DC  A N1    1 
ATOM   10   C C2    A DC  A 1 1  ? 14.358  -14.551 6.994   0.40 12.41 ? 1   DC  A C2    1 
ATOM   11   O O2    A DC  A 1 1  ? 14.323  -15.298 6.006   0.40 10.08 ? 1   DC  A O2    1 
ATOM   12   N N3    A DC  A 1 1  ? 13.304  -14.418 7.830   0.40 13.47 ? 1   DC  A N3    1 
ATOM   13   C C4    A DC  A 1 1  ? 13.384  -13.594 8.876   0.40 14.48 ? 1   DC  A C4    1 
ATOM   14   N N4    A DC  A 1 1  ? 12.323  -13.501 9.683   0.40 16.45 ? 1   DC  A N4    1 
ATOM   15   C C5    A DC  A 1 1  ? 14.556  -12.832 9.144   0.40 14.48 ? 1   DC  A C5    1 
ATOM   16   C C6    A DC  A 1 1  ? 15.590  -12.979 8.308   0.40 13.91 ? 1   DC  A C6    1 
ATOM   17   P P     A DC  A 1 2  ? 19.107  -14.198 2.577   0.40 25.68 ? 2   DC  A P     1 
ATOM   18   O OP1   A DC  A 1 2  ? 19.447  -15.576 2.137   0.40 24.69 ? 2   DC  A OP1   1 
ATOM   19   O OP2   A DC  A 1 2  ? 20.150  -13.142 2.548   0.40 26.42 ? 2   DC  A OP2   1 
ATOM   20   O "O5'" A DC  A 1 2  ? 17.856  -13.689 1.730   0.40 25.71 ? 2   DC  A "O5'" 1 
ATOM   21   C "C5'" A DC  A 1 2  ? 16.951  -14.618 1.139   0.40 26.73 ? 2   DC  A "C5'" 1 
ATOM   22   C "C4'" A DC  A 1 2  ? 15.700  -13.914 0.664   0.40 27.45 ? 2   DC  A "C4'" 1 
ATOM   23   O "O4'" A DC  A 1 2  ? 15.013  -13.323 1.792   0.40 28.57 ? 2   DC  A "O4'" 1 
ATOM   24   C "C3'" A DC  A 1 2  ? 15.912  -12.777 -0.340  0.40 27.02 ? 2   DC  A "C3'" 1 
ATOM   25   O "O3'" A DC  A 1 2  ? 14.820  -12.766 -1.266  0.40 25.67 ? 2   DC  A "O3'" 1 
ATOM   26   C "C2'" A DC  A 1 2  ? 15.832  -11.537 0.531   0.40 28.21 ? 2   DC  A "C2'" 1 
ATOM   27   C "C1'" A DC  A 1 2  ? 14.761  -11.954 1.520   0.40 30.32 ? 2   DC  A "C1'" 1 
ATOM   28   N N1    A DC  A 1 2  ? 14.748  -11.228 2.798   0.40 31.94 ? 2   DC  A N1    1 
ATOM   29   C C2    A DC  A 1 2  ? 13.511  -10.884 3.352   0.40 32.26 ? 2   DC  A C2    1 
ATOM   30   O O2    A DC  A 1 2  ? 12.477  -11.191 2.738   0.40 33.39 ? 2   DC  A O2    1 
ATOM   31   N N3    A DC  A 1 2  ? 13.472  -10.228 4.535   0.40 31.77 ? 2   DC  A N3    1 
ATOM   32   C C4    A DC  A 1 2  ? 14.609  -9.913  5.158   0.40 32.56 ? 2   DC  A C4    1 
ATOM   33   N N4    A DC  A 1 2  ? 14.522  -9.271  6.325   0.40 31.41 ? 2   DC  A N4    1 
ATOM   34   C C5    A DC  A 1 2  ? 15.887  -10.243 4.611   0.40 33.05 ? 2   DC  A C5    1 
ATOM   35   C C6    A DC  A 1 2  ? 15.909  -10.895 3.440   0.40 32.30 ? 2   DC  A C6    1 
ATOM   36   P P     A DG  A 1 3  ? 15.101  -12.907 -2.840  0.40 24.25 ? 3   DG  A P     1 
ATOM   37   O OP1   A DG  A 1 3  ? 16.056  -14.022 -3.058  0.40 25.19 ? 3   DG  A OP1   1 
ATOM   38   O OP2   A DG  A 1 3  ? 15.419  -11.555 -3.359  0.40 24.62 ? 3   DG  A OP2   1 
ATOM   39   O "O5'" A DG  A 1 3  ? 13.690  -13.337 -3.435  0.40 23.64 ? 3   DG  A "O5'" 1 
ATOM   40   C "C5'" A DG  A 1 3  ? 12.845  -12.378 -4.065  0.40 26.54 ? 3   DG  A "C5'" 1 
ATOM   41   C "C4'" A DG  A 1 3  ? 11.514  -12.306 -3.352  0.40 26.07 ? 3   DG  A "C4'" 1 
ATOM   42   O "O4'" A DG  A 1 3  ? 11.723  -11.966 -1.961  0.40 26.58 ? 3   DG  A "O4'" 1 
ATOM   43   C "C3'" A DG  A 1 3  ? 10.576  -11.236 -3.902  0.40 25.92 ? 3   DG  A "C3'" 1 
ATOM   44   O "O3'" A DG  A 1 3  ? 9.226   -11.680 -3.776  0.40 26.03 ? 3   DG  A "O3'" 1 
ATOM   45   C "C2'" A DG  A 1 3  ? 10.820  -10.057 -2.981  0.40 25.78 ? 3   DG  A "C2'" 1 
ATOM   46   C "C1'" A DG  A 1 3  ? 11.064  -10.745 -1.652  0.40 25.87 ? 3   DG  A "C1'" 1 
ATOM   47   N N9    A DG  A 1 3  ? 11.919  -9.998  -0.737  0.40 26.06 ? 3   DG  A N9    1 
ATOM   48   C C8    A DG  A 1 3  ? 13.228  -9.635  -0.937  0.40 26.97 ? 3   DG  A C8    1 
ATOM   49   N N7    A DG  A 1 3  ? 13.741  -8.987  0.074   0.40 26.98 ? 3   DG  A N7    1 
ATOM   50   C C5    A DG  A 1 3  ? 12.707  -8.914  0.996   0.40 26.33 ? 3   DG  A C5    1 
ATOM   51   C C6    A DG  A 1 3  ? 12.668  -8.330  2.290   0.40 26.69 ? 3   DG  A C6    1 
ATOM   52   O O6    A DG  A 1 3  ? 13.575  -7.750  2.903   0.40 25.67 ? 3   DG  A O6    1 
ATOM   53   N N1    A DG  A 1 3  ? 11.414  -8.475  2.879   0.40 26.03 ? 3   DG  A N1    1 
ATOM   54   C C2    A DG  A 1 3  ? 10.338  -9.104  2.301   0.40 26.36 ? 3   DG  A C2    1 
ATOM   55   N N2    A DG  A 1 3  ? 9.209   -9.133  3.023   0.40 26.43 ? 3   DG  A N2    1 
ATOM   56   N N3    A DG  A 1 3  ? 10.364  -9.660  1.100   0.40 27.02 ? 3   DG  A N3    1 
ATOM   57   C C4    A DG  A 1 3  ? 11.572  -9.527  0.509   0.40 27.04 ? 3   DG  A C4    1 
ATOM   58   P P     A DG  A 1 4  ? 8.242   -11.595 -5.040  0.40 25.46 ? 4   DG  A P     1 
ATOM   59   O OP1   A DG  A 1 4  ? 8.298   -12.888 -5.768  0.40 25.06 ? 4   DG  A OP1   1 
ATOM   60   O OP2   A DG  A 1 4  ? 8.553   -10.332 -5.757  0.40 24.71 ? 4   DG  A OP2   1 
ATOM   61   O "O5'" A DG  A 1 4  ? 6.802   -11.447 -4.377  0.40 24.48 ? 4   DG  A "O5'" 1 
ATOM   62   C "C5'" A DG  A 1 4  ? 6.420   -12.266 -3.275  0.40 22.95 ? 4   DG  A "C5'" 1 
ATOM   63   C "C4'" A DG  A 1 4  ? 5.876   -11.409 -2.155  0.40 22.81 ? 4   DG  A "C4'" 1 
ATOM   64   O "O4'" A DG  A 1 4  ? 6.946   -10.614 -1.585  0.40 22.23 ? 4   DG  A "O4'" 1 
ATOM   65   C "C3'" A DG  A 1 4  ? 4.796   -10.416 -2.585  0.40 23.10 ? 4   DG  A "C3'" 1 
ATOM   66   O "O3'" A DG  A 1 4  ? 3.783   -10.320 -1.578  0.40 23.23 ? 4   DG  A "O3'" 1 
ATOM   67   C "C2'" A DG  A 1 4  ? 5.549   -9.105  -2.707  0.40 22.47 ? 4   DG  A "C2'" 1 
ATOM   68   C "C1'" A DG  A 1 4  ? 6.601   -9.237  -1.622  0.40 22.06 ? 4   DG  A "C1'" 1 
ATOM   69   N N9    A DG  A 1 4  ? 7.819   -8.472  -1.875  0.40 21.04 ? 4   DG  A N9    1 
ATOM   70   C C8    A DG  A 1 4  ? 8.524   -8.399  -3.053  0.40 20.50 ? 4   DG  A C8    1 
ATOM   71   N N7    A DG  A 1 4  ? 9.564   -7.615  -2.980  0.40 19.03 ? 4   DG  A N7    1 
ATOM   72   C C5    A DG  A 1 4  ? 9.549   -7.145  -1.674  0.40 19.03 ? 4   DG  A C5    1 
ATOM   73   C C6    A DG  A 1 4  ? 10.430  -6.256  -1.007  0.40 18.88 ? 4   DG  A C6    1 
ATOM   74   O O6    A DG  A 1 4  ? 11.430  -5.679  -1.453  0.40 19.20 ? 4   DG  A O6    1 
ATOM   75   N N1    A DG  A 1 4  ? 10.048  -6.057  0.314   0.40 19.35 ? 4   DG  A N1    1 
ATOM   76   C C2    A DG  A 1 4  ? 8.960   -6.634  0.917   0.40 18.15 ? 4   DG  A C2    1 
ATOM   77   N N2    A DG  A 1 4  ? 8.762   -6.319  2.202   0.40 19.48 ? 4   DG  A N2    1 
ATOM   78   N N3    A DG  A 1 4  ? 8.129   -7.459  0.307   0.40 18.54 ? 4   DG  A N3    1 
ATOM   79   C C4    A DG  A 1 4  ? 8.482   -7.669  -0.978  0.40 19.48 ? 4   DG  A C4    1 
ATOM   80   P P     A DT  A 1 5  ? 2.553   -9.310  -1.787  0.40 23.12 ? 5   DT  A P     1 
ATOM   81   O OP1   A DT  A 1 5  ? 1.349   -9.871  -1.123  0.40 22.18 ? 5   DT  A OP1   1 
ATOM   82   O OP2   A DT  A 1 5  ? 2.506   -8.972  -3.234  0.40 22.90 ? 5   DT  A OP2   1 
ATOM   83   O "O5'" A DT  A 1 5  ? 3.004   -8.010  -0.992  0.40 20.62 ? 5   DT  A "O5'" 1 
ATOM   84   C "C5'" A DT  A 1 5  ? 3.058   -8.009  0.429   0.40 19.36 ? 5   DT  A "C5'" 1 
ATOM   85   C "C4'" A DT  A 1 5  ? 3.231   -6.597  0.934   0.40 19.76 ? 5   DT  A "C4'" 1 
ATOM   86   O "O4'" A DT  A 1 5  ? 4.605   -6.160  0.788   0.40 20.38 ? 5   DT  A "O4'" 1 
ATOM   87   C "C3'" A DT  A 1 5  ? 2.378   -5.567  0.192   0.40 20.57 ? 5   DT  A "C3'" 1 
ATOM   88   O "O3'" A DT  A 1 5  ? 1.889   -4.604  1.122   0.40 20.05 ? 5   DT  A "O3'" 1 
ATOM   89   C "C2'" A DT  A 1 5  ? 3.376   -4.901  -0.738  0.40 20.08 ? 5   DT  A "C2'" 1 
ATOM   90   C "C1'" A DT  A 1 5  ? 4.615   -4.904  0.131   0.40 21.62 ? 5   DT  A "C1'" 1 
ATOM   91   N N1    A DT  A 1 5  ? 5.901   -4.751  -0.575  0.40 22.05 ? 5   DT  A N1    1 
ATOM   92   C C2    A DT  A 1 5  ? 6.748   -3.767  -0.123  0.40 20.99 ? 5   DT  A C2    1 
ATOM   93   O O2    A DT  A 1 5  ? 6.483   -3.050  0.829   0.40 19.06 ? 5   DT  A O2    1 
ATOM   94   N N3    A DT  A 1 5  ? 7.920   -3.653  -0.823  0.40 20.95 ? 5   DT  A N3    1 
ATOM   95   C C4    A DT  A 1 5  ? 8.322   -4.408  -1.906  0.40 22.34 ? 5   DT  A C4    1 
ATOM   96   O O4    A DT  A 1 5  ? 9.403   -4.179  -2.444  0.40 25.81 ? 5   DT  A O4    1 
ATOM   97   C C5    A DT  A 1 5  ? 7.392   -5.432  -2.321  0.40 22.79 ? 5   DT  A C5    1 
ATOM   98   C C7    A DT  A 1 5  ? 7.750   -6.306  -3.482  0.40 23.50 ? 5   DT  A C7    1 
ATOM   99   C C6    A DT  A 1 5  ? 6.241   -5.552  -1.644  0.40 22.92 ? 5   DT  A C6    1 
ATOM   100  P P     A DA  A 1 6  ? 0.353   -4.151  1.068   0.40 16.71 ? 6   DA  A P     1 
ATOM   101  O OP1   A DA  A 1 6  ? -0.479  -5.220  1.680   0.40 15.33 ? 6   DA  A OP1   1 
ATOM   102  O OP2   A DA  A 1 6  ? 0.072   -3.705  -0.318  0.40 20.08 ? 6   DA  A OP2   1 
ATOM   103  O "O5'" A DA  A 1 6  ? 0.335   -2.889  2.034   0.40 15.26 ? 6   DA  A "O5'" 1 
ATOM   104  C "C5'" A DA  A 1 6  ? 0.876   -2.991  3.347   0.40 14.05 ? 6   DA  A "C5'" 1 
ATOM   105  C "C4'" A DA  A 1 6  ? 1.718   -1.778  3.665   0.40 11.46 ? 6   DA  A "C4'" 1 
ATOM   106  O "O4'" A DA  A 1 6  ? 2.879   -1.742  2.798   0.40 11.16 ? 6   DA  A "O4'" 1 
ATOM   107  C "C3'" A DA  A 1 6  ? 1.000   -0.444  3.473   0.40 11.34 ? 6   DA  A "C3'" 1 
ATOM   108  O "O3'" A DA  A 1 6  ? 1.356   0.455   4.527   0.40 13.28 ? 6   DA  A "O3'" 1 
ATOM   109  C "C2'" A DA  A 1 6  ? 1.539   0.054   2.144   0.40 9.18  ? 6   DA  A "C2'" 1 
ATOM   110  C "C1'" A DA  A 1 6  ? 2.962   -0.472  2.173   0.40 8.79  ? 6   DA  A "C1'" 1 
ATOM   111  N N9    A DA  A 1 6  ? 3.585   -0.649  0.860   0.40 4.44  ? 6   DA  A N9    1 
ATOM   112  C C8    A DA  A 1 6  ? 3.000   -1.079  -0.307  0.40 3.67  ? 6   DA  A C8    1 
ATOM   113  N N7    A DA  A 1 6  ? 3.824   -1.123  -1.328  0.40 0.11  ? 6   DA  A N7    1 
ATOM   114  C C5    A DA  A 1 6  ? 5.033   -0.697  -0.797  0.40 0.66  ? 6   DA  A C5    1 
ATOM   115  C C6    A DA  A 1 6  ? 6.305   -0.521  -1.367  0.40 0.11  ? 6   DA  A C6    1 
ATOM   116  N N6    A DA  A 1 6  ? 6.583   -0.759  -2.652  0.40 0.11  ? 6   DA  A N6    1 
ATOM   117  N N1    A DA  A 1 6  ? 7.297   -0.086  -0.561  0.40 0.11  ? 6   DA  A N1    1 
ATOM   118  C C2    A DA  A 1 6  ? 7.019   0.159   0.724   0.40 0.11  ? 6   DA  A C2    1 
ATOM   119  N N3    A DA  A 1 6  ? 5.864   0.038   1.374   0.40 1.53  ? 6   DA  A N3    1 
ATOM   120  C C4    A DA  A 1 6  ? 4.900   -0.401  0.548   0.40 2.20  ? 6   DA  A C4    1 
HETATM 121  N N1    A UFP A 1 7  ? -4.430  0.032   3.280   0.40 2.82  ? 7   UFP A N1    1 
HETATM 122  C C2    A UFP A 1 7  ? -5.653  -0.596  3.329   0.40 2.37  ? 7   UFP A C2    1 
HETATM 123  N N3    A UFP A 1 7  ? -5.650  -1.900  2.892   0.40 0.20  ? 7   UFP A N3    1 
HETATM 124  C C4    A UFP A 1 7  ? -4.564  -2.621  2.431   0.40 0.11  ? 7   UFP A C4    1 
HETATM 125  C C5    A UFP A 1 7  ? -3.336  -1.904  2.436   0.40 0.11  ? 7   UFP A C5    1 
HETATM 126  C C6    A UFP A 1 7  ? -3.308  -0.635  2.849   0.40 1.63  ? 7   UFP A C6    1 
HETATM 127  O O2    A UFP A 1 7  ? -6.662  -0.040  3.733   0.40 3.39  ? 7   UFP A O2    1 
HETATM 128  O O4    A UFP A 1 7  ? -4.721  -3.774  2.026   0.40 0.11  ? 7   UFP A O4    1 
HETATM 129  F F5    A UFP A 1 7  ? -2.288  -2.554  2.022   0.40 0.11  ? 7   UFP A F5    1 
HETATM 130  C "C1'" A UFP A 1 7  ? -4.368  1.441   3.690   0.40 4.57  ? 7   UFP A "C1'" 1 
HETATM 131  C "C2'" A UFP A 1 7  ? -4.057  1.646   5.162   0.40 5.96  ? 7   UFP A "C2'" 1 
HETATM 132  C "C3'" A UFP A 1 7  ? -3.284  2.952   5.162   0.40 6.60  ? 7   UFP A "C3'" 1 
HETATM 133  C "C4'" A UFP A 1 7  ? -2.545  2.928   3.827   0.40 8.61  ? 7   UFP A "C4'" 1 
HETATM 134  O "O3'" A UFP A 1 7  ? -4.169  4.070   5.217   0.40 7.55  ? 7   UFP A "O3'" 1 
HETATM 135  O "O4'" A UFP A 1 7  ? -3.307  2.049   2.967   0.40 6.62  ? 7   UFP A "O4'" 1 
HETATM 136  C "C5'" A UFP A 1 7  ? -1.110  2.460   3.921   0.40 10.35 ? 7   UFP A "C5'" 1 
HETATM 137  O "O5'" A UFP A 1 7  ? -1.034  1.251   4.680   0.40 12.13 ? 7   UFP A "O5'" 1 
HETATM 138  P P     A UFP A 1 7  ? 0.239   0.926   5.583   0.40 14.95 ? 7   UFP A P     1 
HETATM 139  O O1P   A UFP A 1 7  ? -0.085  -0.243  6.438   0.40 14.22 ? 7   UFP A O1P   1 
HETATM 140  O O2P   A UFP A 1 7  ? 0.699   2.189   6.214   0.40 15.97 ? 7   UFP A O2P   1 
ATOM   141  P P     A DC  A 1 8  ? -4.376  4.839   6.610   0.40 6.02  ? 8   DC  A P     1 
ATOM   142  O OP1   A DC  A 1 8  ? -5.280  5.991   6.386   0.40 9.02  ? 8   DC  A OP1   1 
ATOM   143  O OP2   A DC  A 1 8  ? -3.037  5.060   7.205   0.40 7.64  ? 8   DC  A OP2   1 
ATOM   144  O "O5'" A DC  A 1 8  ? -5.122  3.770   7.519   0.40 8.74  ? 8   DC  A "O5'" 1 
ATOM   145  C "C5'" A DC  A 1 8  ? -6.506  3.905   7.824   0.40 5.93  ? 8   DC  A "C5'" 1 
ATOM   146  C "C4'" A DC  A 1 8  ? -6.864  2.976   8.957   0.40 5.49  ? 8   DC  A "C4'" 1 
ATOM   147  O "O4'" A DC  A 1 8  ? -6.686  1.613   8.508   0.40 3.67  ? 8   DC  A "O4'" 1 
ATOM   148  C "C3'" A DC  A 1 8  ? -5.961  3.134   10.179  0.40 7.98  ? 8   DC  A "C3'" 1 
ATOM   149  O "O3'" A DC  A 1 8  ? -6.712  2.848   11.361  0.40 13.85 ? 8   DC  A "O3'" 1 
ATOM   150  C "C2'" A DC  A 1 8  ? -4.899  2.074   9.957   0.40 6.05  ? 8   DC  A "C2'" 1 
ATOM   151  C "C1'" A DC  A 1 8  ? -5.695  0.965   9.291   0.40 5.47  ? 8   DC  A "C1'" 1 
ATOM   152  N N1    A DC  A 1 8  ? -4.921  0.099   8.392   0.40 3.38  ? 8   DC  A N1    1 
ATOM   153  C C2    A DC  A 1 8  ? -5.429  -1.159  8.076   0.40 3.27  ? 8   DC  A C2    1 
ATOM   154  O O2    A DC  A 1 8  ? -6.502  -1.513  8.584   0.40 0.11  ? 8   DC  A O2    1 
ATOM   155  N N3    A DC  A 1 8  ? -4.742  -1.956  7.225   0.40 3.42  ? 8   DC  A N3    1 
ATOM   156  C C4    A DC  A 1 8  ? -3.590  -1.535  6.700   0.40 0.97  ? 8   DC  A C4    1 
ATOM   157  N N4    A DC  A 1 8  ? -2.954  -2.346  5.857   0.40 0.11  ? 8   DC  A N4    1 
ATOM   158  C C5    A DC  A 1 8  ? -3.041  -0.261  7.017   0.40 3.86  ? 8   DC  A C5    1 
ATOM   159  C C6    A DC  A 1 8  ? -3.733  0.517   7.861   0.40 6.11  ? 8   DC  A C6    1 
ATOM   160  P P     A DG  A 1 9  ? -7.174  4.049   12.322  0.40 19.05 ? 9   DG  A P     1 
ATOM   161  O OP1   A DG  A 1 9  ? -7.866  5.049   11.469  0.40 20.17 ? 9   DG  A OP1   1 
ATOM   162  O OP2   A DG  A 1 9  ? -6.016  4.469   13.154  0.40 18.45 ? 9   DG  A OP2   1 
ATOM   163  O "O5'" A DG  A 1 9  ? -8.277  3.377   13.257  0.40 18.72 ? 9   DG  A "O5'" 1 
ATOM   164  C "C5'" A DG  A 1 9  ? -9.590  3.121   12.756  0.40 19.17 ? 9   DG  A "C5'" 1 
ATOM   165  C "C4'" A DG  A 1 9  ? -10.012 1.702   13.063  0.40 18.91 ? 9   DG  A "C4'" 1 
ATOM   166  O "O4'" A DG  A 1 9  ? -9.113  0.771   12.414  0.40 17.64 ? 9   DG  A "O4'" 1 
ATOM   167  C "C3'" A DG  A 1 9  ? -10.013 1.320   14.543  0.40 20.61 ? 9   DG  A "C3'" 1 
ATOM   168  O "O3'" A DG  A 1 9  ? -11.097 0.418   14.791  0.40 24.58 ? 9   DG  A "O3'" 1 
ATOM   169  C "C2'" A DG  A 1 9  ? -8.686  0.598   14.713  0.40 19.52 ? 9   DG  A "C2'" 1 
ATOM   170  C "C1'" A DG  A 1 9  ? -8.532  -0.102  13.373  0.40 16.09 ? 9   DG  A "C1'" 1 
ATOM   171  N N9    A DG  A 1 9  ? -7.156  -0.357  12.955  0.40 12.83 ? 9   DG  A N9    1 
ATOM   172  C C8    A DG  A 1 9  ? -6.051  0.421   13.200  0.40 13.23 ? 9   DG  A C8    1 
ATOM   173  N N7    A DG  A 1 9  ? -4.962  -0.046  12.648  0.40 12.52 ? 9   DG  A N7    1 
ATOM   174  C C5    A DG  A 1 9  ? -5.373  -1.209  12.010  0.40 10.94 ? 9   DG  A C5    1 
ATOM   175  C C6    A DG  A 1 9  ? -4.637  -2.144  11.228  0.40 9.96  ? 9   DG  A C6    1 
ATOM   176  O O6    A DG  A 1 9  ? -3.434  -2.125  10.926  0.40 11.72 ? 9   DG  A O6    1 
ATOM   177  N N1    A DG  A 1 9  ? -5.448  -3.182  10.777  0.40 7.34  ? 9   DG  A N1    1 
ATOM   178  C C2    A DG  A 1 9  ? -6.792  -3.303  11.034  0.40 5.88  ? 9   DG  A C2    1 
ATOM   179  N N2    A DG  A 1 9  ? -7.402  -4.373  10.508  0.40 5.20  ? 9   DG  A N2    1 
ATOM   180  N N3    A DG  A 1 9  ? -7.488  -2.440  11.751  0.40 7.16  ? 9   DG  A N3    1 
ATOM   181  C C4    A DG  A 1 9  ? -6.723  -1.424  12.204  0.40 10.38 ? 9   DG  A C4    1 
ATOM   182  P P     A DG  A 1 10 ? -12.335 0.878   15.710  0.40 25.05 ? 10  DG  A P     1 
ATOM   183  O OP1   A DG  A 1 10 ? -13.120 1.886   14.951  0.40 25.29 ? 10  DG  A OP1   1 
ATOM   184  O OP2   A DG  A 1 10 ? -11.829 1.212   17.066  0.40 26.41 ? 10  DG  A OP2   1 
ATOM   185  O "O5'" A DG  A 1 10 ? -13.212 -0.445  15.818  0.40 26.90 ? 10  DG  A "O5'" 1 
ATOM   186  C "C5'" A DG  A 1 10 ? -13.946 -0.927  14.693  0.40 29.60 ? 10  DG  A "C5'" 1 
ATOM   187  C "C4'" A DG  A 1 10 ? -13.840 -2.432  14.604  0.40 30.75 ? 10  DG  A "C4'" 1 
ATOM   188  O "O4'" A DG  A 1 10 ? -12.494 -2.802  14.223  0.40 31.23 ? 10  DG  A "O4'" 1 
ATOM   189  C "C3'" A DG  A 1 10 ? -14.115 -3.170  15.914  0.40 31.81 ? 10  DG  A "C3'" 1 
ATOM   190  O "O3'" A DG  A 1 10 ? -14.552 -4.497  15.621  0.40 33.17 ? 10  DG  A "O3'" 1 
ATOM   191  C "C2'" A DG  A 1 10 ? -12.723 -3.336  16.493  0.40 32.33 ? 10  DG  A "C2'" 1 
ATOM   192  C "C1'" A DG  A 1 10 ? -11.920 -3.613  15.236  0.40 32.86 ? 10  DG  A "C1'" 1 
ATOM   193  N N9    A DG  A 1 10 ? -10.501 -3.284  15.328  0.40 34.21 ? 10  DG  A N9    1 
ATOM   194  C C8    A DG  A 1 10 ? -9.927  -2.261  16.041  0.40 34.83 ? 10  DG  A C8    1 
ATOM   195  N N7    A DG  A 1 10 ? -8.625  -2.232  15.936  0.40 35.50 ? 10  DG  A N7    1 
ATOM   196  C C5    A DG  A 1 10 ? -8.323  -3.300  15.103  0.40 35.06 ? 10  DG  A C5    1 
ATOM   197  C C6    A DG  A 1 10 ? -7.071  -3.777  14.630  0.40 34.62 ? 10  DG  A C6    1 
ATOM   198  O O6    A DG  A 1 10 ? -5.938  -3.338  14.867  0.40 34.85 ? 10  DG  A O6    1 
ATOM   199  N N1    A DG  A 1 10 ? -7.225  -4.883  13.803  0.40 33.97 ? 10  DG  A N1    1 
ATOM   200  C C2    A DG  A 1 10 ? -8.425  -5.463  13.474  0.40 34.65 ? 10  DG  A C2    1 
ATOM   201  N N2    A DG  A 1 10 ? -8.366  -6.527  12.662  0.40 35.74 ? 10  DG  A N2    1 
ATOM   202  N N3    A DG  A 1 10 ? -9.597  -5.033  13.910  0.40 34.88 ? 10  DG  A N3    1 
ATOM   203  C C4    A DG  A 1 10 ? -9.472  -3.956  14.714  0.40 34.96 ? 10  DG  A C4    1 
ATOM   204  O "O5'" A DC  B 2 1  ? -1.665  8.720   -7.075  0.40 8.77  ? 11  DC  B "O5'" 1 
ATOM   205  C "C5'" A DC  B 2 1  ? -1.115  9.902   -6.489  0.40 8.80  ? 11  DC  B "C5'" 1 
ATOM   206  C "C4'" A DC  B 2 1  ? -0.407  10.796  -7.483  0.40 7.33  ? 11  DC  B "C4'" 1 
ATOM   207  O "O4'" A DC  B 2 1  ? 0.080   11.969  -6.794  0.40 8.54  ? 11  DC  B "O4'" 1 
ATOM   208  C "C3'" A DC  B 2 1  ? 0.816   10.175  -8.154  0.40 8.55  ? 11  DC  B "C3'" 1 
ATOM   209  O "O3'" A DC  B 2 1  ? 0.973   10.731  -9.468  0.40 8.45  ? 11  DC  B "O3'" 1 
ATOM   210  C "C2'" A DC  B 2 1  ? 1.953   10.624  -7.252  0.40 7.58  ? 11  DC  B "C2'" 1 
ATOM   211  C "C1'" A DC  B 2 1  ? 1.498   12.017  -6.849  0.40 8.56  ? 11  DC  B "C1'" 1 
ATOM   212  N N1    A DC  B 2 1  ? 1.975   12.468  -5.534  0.40 9.63  ? 11  DC  B N1    1 
ATOM   213  C C2    A DC  B 2 1  ? 3.192   13.144  -5.452  0.40 7.97  ? 11  DC  B C2    1 
ATOM   214  O O2    A DC  B 2 1  ? 3.844   13.330  -6.485  0.40 7.79  ? 11  DC  B O2    1 
ATOM   215  N N3    A DC  B 2 1  ? 3.626   13.577  -4.246  0.40 9.87  ? 11  DC  B N3    1 
ATOM   216  C C4    A DC  B 2 1  ? 2.893   13.353  -3.152  0.40 9.84  ? 11  DC  B C4    1 
ATOM   217  N N4    A DC  B 2 1  ? 3.359   13.799  -1.983  0.40 8.94  ? 11  DC  B N4    1 
ATOM   218  C C5    A DC  B 2 1  ? 1.651   12.660  -3.210  0.40 9.47  ? 11  DC  B C5    1 
ATOM   219  C C6    A DC  B 2 1  ? 1.234   12.238  -4.410  0.40 8.78  ? 11  DC  B C6    1 
ATOM   220  P P     A DC  B 2 2  ? 1.324   9.771   -10.708 0.40 8.45  ? 12  DC  B P     1 
ATOM   221  O OP1   A DC  B 2 2  ? 1.831   10.607  -11.824 0.40 10.23 ? 12  DC  B OP1   1 
ATOM   222  O OP2   A DC  B 2 2  ? 0.157   8.882   -10.931 0.40 7.47  ? 12  DC  B OP2   1 
ATOM   223  O "O5'" A DC  B 2 2  ? 2.544   8.889   -10.186 0.40 10.16 ? 12  DC  B "O5'" 1 
ATOM   224  C "C5'" A DC  B 2 2  ? 3.872   9.173   -10.612 0.40 7.20  ? 12  DC  B "C5'" 1 
ATOM   225  C "C4'" A DC  B 2 2  ? 4.864   8.292   -9.888  0.40 6.36  ? 12  DC  B "C4'" 1 
ATOM   226  O "O4'" A DC  B 2 2  ? 4.882   8.618   -8.478  0.40 4.87  ? 12  DC  B "O4'" 1 
ATOM   227  C "C3'" A DC  B 2 2  ? 4.603   6.788   -9.971  0.40 6.01  ? 12  DC  B "C3'" 1 
ATOM   228  O "O3'" A DC  B 2 2  ? 5.853   6.099   -10.083 0.40 6.94  ? 12  DC  B "O3'" 1 
ATOM   229  C "C2'" A DC  B 2 2  ? 3.972   6.474   -8.628  0.40 4.66  ? 12  DC  B "C2'" 1 
ATOM   230  C "C1'" A DC  B 2 2  ? 4.717   7.433   -7.720  0.40 3.62  ? 12  DC  B "C1'" 1 
ATOM   231  N N1    A DC  B 2 2  ? 4.016   7.786   -6.479  0.40 2.90  ? 12  DC  B N1    1 
ATOM   232  C C2    A DC  B 2 2  ? 4.751   8.347   -5.438  0.40 1.08  ? 12  DC  B C2    1 
ATOM   233  O O2    A DC  B 2 2  ? 5.967   8.526   -5.595  0.40 0.80  ? 12  DC  B O2    1 
ATOM   234  N N3    A DC  B 2 2  ? 4.123   8.681   -4.290  0.40 1.35  ? 12  DC  B N3    1 
ATOM   235  C C4    A DC  B 2 2  ? 2.813   8.472   -4.163  0.40 0.11  ? 12  DC  B C4    1 
ATOM   236  N N4    A DC  B 2 2  ? 2.237   8.824   -3.015  0.40 1.74  ? 12  DC  B N4    1 
ATOM   237  C C5    A DC  B 2 2  ? 2.037   7.897   -5.208  0.40 1.88  ? 12  DC  B C5    1 
ATOM   238  C C6    A DC  B 2 2  ? 2.672   7.571   -6.340  0.40 2.74  ? 12  DC  B C6    1 
ATOM   239  P P     A DG  B 2 3  ? 6.081   5.055   -11.281 0.40 10.13 ? 13  DG  B P     1 
ATOM   240  O OP1   A DG  B 2 3  ? 5.120   5.350   -12.375 0.40 12.28 ? 13  DG  B OP1   1 
ATOM   241  O OP2   A DG  B 2 3  ? 6.125   3.696   -10.685 0.40 10.04 ? 13  DG  B OP2   1 
ATOM   242  O "O5'" A DG  B 2 3  ? 7.552   5.369   -11.796 0.40 9.20  ? 13  DG  B "O5'" 1 
ATOM   243  C "C5'" A DG  B 2 3  ? 8.593   4.436   -11.552 0.40 10.38 ? 13  DG  B "C5'" 1 
ATOM   244  C "C4'" A DG  B 2 3  ? 9.292   4.765   -10.254 0.40 8.55  ? 13  DG  B "C4'" 1 
ATOM   245  O "O4'" A DG  B 2 3  ? 8.336   5.179   -9.246  0.40 9.77  ? 13  DG  B "O4'" 1 
ATOM   246  C "C3'" A DG  B 2 3  ? 10.059  3.594   -9.647  0.40 7.55  ? 13  DG  B "C3'" 1 
ATOM   247  O "O3'" A DG  B 2 3  ? 11.235  4.089   -9.024  0.40 8.79  ? 13  DG  B "O3'" 1 
ATOM   248  C "C2'" A DG  B 2 3  ? 9.113   3.085   -8.576  0.40 6.57  ? 13  DG  B "C2'" 1 
ATOM   249  C "C1'" A DG  B 2 3  ? 8.508   4.386   -8.084  0.40 6.34  ? 13  DG  B "C1'" 1 
ATOM   250  N N9    A DG  B 2 3  ? 7.213   4.268   -7.422  0.40 2.46  ? 13  DG  B N9    1 
ATOM   251  C C8    A DG  B 2 3  ? 6.095   3.620   -7.887  0.40 1.51  ? 13  DG  B C8    1 
ATOM   252  N N7    A DG  B 2 3  ? 5.080   3.702   -7.071  0.40 0.11  ? 13  DG  B N7    1 
ATOM   253  C C5    A DG  B 2 3  ? 5.558   4.449   -6.004  0.40 0.11  ? 13  DG  B C5    1 
ATOM   254  C C6    A DG  B 2 3  ? 4.913   4.866   -4.814  0.40 0.11  ? 13  DG  B C6    1 
ATOM   255  O O6    A DG  B 2 3  ? 3.746   4.661   -4.456  0.40 2.70  ? 13  DG  B O6    1 
ATOM   256  N N1    A DG  B 2 3  ? 5.767   5.597   -3.999  0.40 0.11  ? 13  DG  B N1    1 
ATOM   257  C C2    A DG  B 2 3  ? 7.076   5.892   -4.291  0.40 0.11  ? 13  DG  B C2    1 
ATOM   258  N N2    A DG  B 2 3  ? 7.743   6.606   -3.373  0.40 0.11  ? 13  DG  B N2    1 
ATOM   259  N N3    A DG  B 2 3  ? 7.688   5.513   -5.399  0.40 0.11  ? 13  DG  B N3    1 
ATOM   260  C C4    A DG  B 2 3  ? 6.875   4.800   -6.204  0.40 0.11  ? 13  DG  B C4    1 
ATOM   261  P P     A DA  B 2 4  ? 12.655  3.839   -9.710  0.40 6.11  ? 14  DA  B P     1 
ATOM   262  O OP1   A DA  B 2 4  ? 12.837  4.894   -10.738 0.40 8.61  ? 14  DA  B OP1   1 
ATOM   263  O OP2   A DA  B 2 4  ? 12.731  2.407   -10.102 0.40 8.02  ? 14  DA  B OP2   1 
ATOM   264  O "O5'" A DA  B 2 4  ? 13.675  4.133   -8.528  0.40 9.61  ? 14  DA  B "O5'" 1 
ATOM   265  C "C5'" A DA  B 2 4  ? 13.819  5.454   -8.014  0.40 12.16 ? 14  DA  B "C5'" 1 
ATOM   266  C "C4'" A DA  B 2 4  ? 13.848  5.425   -6.504  0.40 14.23 ? 14  DA  B "C4'" 1 
ATOM   267  O "O4'" A DA  B 2 4  ? 12.526  5.132   -5.985  0.40 13.71 ? 14  DA  B "O4'" 1 
ATOM   268  C "C3'" A DA  B 2 4  ? 14.785  4.370   -5.912  0.40 14.50 ? 14  DA  B "C3'" 1 
ATOM   269  O "O3'" A DA  B 2 4  ? 15.493  4.905   -4.793  0.40 16.92 ? 14  DA  B "O3'" 1 
ATOM   270  C "C2'" A DA  B 2 4  ? 13.843  3.269   -5.461  0.40 14.19 ? 14  DA  B "C2'" 1 
ATOM   271  C "C1'" A DA  B 2 4  ? 12.602  4.049   -5.070  0.40 15.11 ? 14  DA  B "C1'" 1 
ATOM   272  N N9    A DA  B 2 4  ? 11.357  3.285   -5.166  0.40 15.31 ? 14  DA  B N9    1 
ATOM   273  C C8    A DA  B 2 4  ? 11.066  2.259   -6.031  0.40 15.16 ? 14  DA  B C8    1 
ATOM   274  N N7    A DA  B 2 4  ? 9.868   1.754   -5.869  0.40 14.47 ? 14  DA  B N7    1 
ATOM   275  C C5    A DA  B 2 4  ? 9.328   2.501   -4.831  0.40 12.72 ? 14  DA  B C5    1 
ATOM   276  C C6    A DA  B 2 4  ? 8.083   2.457   -4.185  0.40 11.00 ? 14  DA  B C6    1 
ATOM   277  N N6    A DA  B 2 4  ? 7.113   1.600   -4.507  0.40 9.88  ? 14  DA  B N6    1 
ATOM   278  N N1    A DA  B 2 4  ? 7.864   3.337   -3.184  0.40 11.22 ? 14  DA  B N1    1 
ATOM   279  C C2    A DA  B 2 4  ? 8.836   4.198   -2.865  0.40 12.79 ? 14  DA  B C2    1 
ATOM   280  N N3    A DA  B 2 4  ? 10.046  4.338   -3.399  0.40 13.76 ? 14  DA  B N3    1 
ATOM   281  C C4    A DA  B 2 4  ? 10.232  3.448   -4.389  0.40 13.55 ? 14  DA  B C4    1 
ATOM   282  P P     A DT  B 2 5  ? 16.562  3.988   -4.022  0.40 17.77 ? 15  DT  B P     1 
ATOM   283  O OP1   A DT  B 2 5  ? 17.631  4.875   -3.497  0.40 20.43 ? 15  DT  B OP1   1 
ATOM   284  O OP2   A DT  B 2 5  ? 16.919  2.854   -4.909  0.40 18.98 ? 15  DT  B OP2   1 
ATOM   285  O "O5'" A DT  B 2 5  ? 15.734  3.417   -2.789  0.40 20.61 ? 15  DT  B "O5'" 1 
ATOM   286  C "C5'" A DT  B 2 5  ? 15.213  4.296   -1.796  0.40 22.05 ? 15  DT  B "C5'" 1 
ATOM   287  C "C4'" A DT  B 2 5  ? 14.552  3.504   -0.693  0.40 23.32 ? 15  DT  B "C4'" 1 
ATOM   288  O "O4'" A DT  B 2 5  ? 13.262  3.007   -1.120  0.40 23.69 ? 15  DT  B "O4'" 1 
ATOM   289  C "C3'" A DT  B 2 5  ? 15.347  2.282   -0.236  0.40 24.13 ? 15  DT  B "C3'" 1 
ATOM   290  O "O3'" A DT  B 2 5  ? 15.236  2.147   1.178   0.40 25.53 ? 15  DT  B "O3'" 1 
ATOM   291  C "C2'" A DT  B 2 5  ? 14.634  1.130   -0.921  0.40 22.82 ? 15  DT  B "C2'" 1 
ATOM   292  C "C1'" A DT  B 2 5  ? 13.197  1.609   -0.890  0.40 22.71 ? 15  DT  B "C1'" 1 
ATOM   293  N N1    A DT  B 2 5  ? 12.316  1.021   -1.914  0.40 21.27 ? 15  DT  B N1    1 
ATOM   294  C C2    A DT  B 2 5  ? 10.995  0.836   -1.584  0.40 19.42 ? 15  DT  B C2    1 
ATOM   295  O O2    A DT  B 2 5  ? 10.541  1.117   -0.489  0.40 16.66 ? 15  DT  B O2    1 
ATOM   296  N N3    A DT  B 2 5  ? 10.222  0.306   -2.587  0.40 19.35 ? 15  DT  B N3    1 
ATOM   297  C C4    A DT  B 2 5  ? 10.634  -0.053  -3.857  0.40 21.43 ? 15  DT  B C4    1 
ATOM   298  O O4    A DT  B 2 5  ? 9.824   -0.507  -4.657  0.40 21.38 ? 15  DT  B O4    1 
ATOM   299  C C5    A DT  B 2 5  ? 12.039  0.157   -4.130  0.40 22.63 ? 15  DT  B C5    1 
ATOM   300  C C7    A DT  B 2 5  ? 12.579  -0.211  -5.476  0.40 23.98 ? 15  DT  B C7    1 
ATOM   301  C C6    A DT  B 2 5  ? 12.799  0.677   -3.156  0.40 21.77 ? 15  DT  B C6    1 
ATOM   302  P P     A DA  B 2 6  ? 16.555  2.225   2.088   0.40 27.35 ? 16  DA  B P     1 
ATOM   303  O OP1   A DA  B 2 6  ? 17.187  3.545   1.844   0.40 27.79 ? 16  DA  B OP1   1 
ATOM   304  O OP2   A DA  B 2 6  ? 17.341  0.984   1.875   0.40 28.24 ? 16  DA  B OP2   1 
ATOM   305  O "O5'" A DA  B 2 6  ? 15.982  2.217   3.573   0.40 25.65 ? 16  DA  B "O5'" 1 
ATOM   306  C "C5'" A DA  B 2 6  ? 15.172  3.288   4.049   0.40 21.25 ? 16  DA  B "C5'" 1 
ATOM   307  C "C4'" A DA  B 2 6  ? 14.055  2.746   4.907   0.40 19.22 ? 16  DA  B "C4'" 1 
ATOM   308  O "O4'" A DA  B 2 6  ? 13.110  2.023   4.082   0.40 17.93 ? 16  DA  B "O4'" 1 
ATOM   309  C "C3'" A DA  B 2 6  ? 14.516  1.761   5.975   0.40 18.69 ? 16  DA  B "C3'" 1 
ATOM   310  O "O3'" A DA  B 2 6  ? 13.725  1.931   7.149   0.40 22.13 ? 16  DA  B "O3'" 1 
ATOM   311  C "C2'" A DA  B 2 6  ? 14.258  0.407   5.340   0.40 15.95 ? 16  DA  B "C2'" 1 
ATOM   312  C "C1'" A DA  B 2 6  ? 13.016  0.668   4.507   0.40 13.74 ? 16  DA  B "C1'" 1 
ATOM   313  N N9    A DA  B 2 6  ? 12.914  -0.163  3.307   0.40 8.68  ? 16  DA  B N9    1 
ATOM   314  C C8    A DA  B 2 6  ? 13.935  -0.560  2.480   0.40 7.07  ? 16  DA  B C8    1 
ATOM   315  N N7    A DA  B 2 6  ? 13.538  -1.272  1.454   0.40 4.70  ? 16  DA  B N7    1 
ATOM   316  C C5    A DA  B 2 6  ? 12.163  -1.357  1.620   0.40 4.35  ? 16  DA  B C5    1 
ATOM   317  C C6    A DA  B 2 6  ? 11.154  -1.967  0.851   0.40 3.28  ? 16  DA  B C6    1 
ATOM   318  N N6    A DA  B 2 6  ? 11.384  -2.617  -0.294  0.40 2.79  ? 16  DA  B N6    1 
ATOM   319  N N1    A DA  B 2 6  ? 9.885   -1.877  1.300   0.40 3.63  ? 16  DA  B N1    1 
ATOM   320  C C2    A DA  B 2 6  ? 9.653   -1.206  2.435   0.40 4.75  ? 16  DA  B C2    1 
ATOM   321  N N3    A DA  B 2 6  ? 10.513  -0.579  3.236   0.40 6.74  ? 16  DA  B N3    1 
ATOM   322  C C4    A DA  B 2 6  ? 11.767  -0.693  2.765   0.40 5.57  ? 16  DA  B C4    1 
ATOM   323  P P     A DC  B 2 7  ? 13.698  0.779   8.260   0.40 22.22 ? 17  DC  B P     1 
ATOM   324  O OP1   A DC  B 2 7  ? 13.419  1.417   9.573   0.40 22.78 ? 17  DC  B OP1   1 
ATOM   325  O OP2   A DC  B 2 7  ? 14.928  -0.032  8.080   0.40 24.14 ? 17  DC  B OP2   1 
ATOM   326  O "O5'" A DC  B 2 7  ? 12.440  -0.106  7.849   0.40 23.60 ? 17  DC  B "O5'" 1 
ATOM   327  C "C5'" A DC  B 2 7  ? 11.131  0.460   7.856   0.40 25.22 ? 17  DC  B "C5'" 1 
ATOM   328  C "C4'" A DC  B 2 7  ? 10.083  -0.626  7.906   0.40 26.58 ? 17  DC  B "C4'" 1 
ATOM   329  O "O4'" A DC  B 2 7  ? 9.983   -1.294  6.625   0.40 27.15 ? 17  DC  B "O4'" 1 
ATOM   330  C "C3'" A DC  B 2 7  ? 10.332  -1.723  8.938   0.40 26.31 ? 17  DC  B "C3'" 1 
ATOM   331  O "O3'" A DC  B 2 7  ? 9.091   -2.080  9.548   0.40 27.93 ? 17  DC  B "O3'" 1 
ATOM   332  C "C2'" A DC  B 2 7  ? 10.879  -2.870  8.106   0.40 25.63 ? 17  DC  B "C2'" 1 
ATOM   333  C "C1'" A DC  B 2 7  ? 10.138  -2.695  6.790   0.40 25.09 ? 17  DC  B "C1'" 1 
ATOM   334  N N1    A DC  B 2 7  ? 10.844  -3.206  5.603   0.40 24.40 ? 17  DC  B N1    1 
ATOM   335  C C2    A DC  B 2 7  ? 10.094  -3.546  4.470   0.40 23.96 ? 17  DC  B C2    1 
ATOM   336  O O2    A DC  B 2 7  ? 8.860   -3.415  4.506   0.40 24.48 ? 17  DC  B O2    1 
ATOM   337  N N3    A DC  B 2 7  ? 10.731  -4.005  3.367   0.40 22.75 ? 17  DC  B N3    1 
ATOM   338  C C4    A DC  B 2 7  ? 12.060  -4.125  3.367   0.40 22.33 ? 17  DC  B C4    1 
ATOM   339  N N4    A DC  B 2 7  ? 12.648  -4.570  2.253   0.40 20.18 ? 17  DC  B N4    1 
ATOM   340  C C5    A DC  B 2 7  ? 12.847  -3.793  4.508   0.40 22.95 ? 17  DC  B C5    1 
ATOM   341  C C6    A DC  B 2 7  ? 12.204  -3.342  5.595   0.40 24.35 ? 17  DC  B C6    1 
ATOM   342  P P     A DC  B 2 8  ? 9.081   -3.051  10.824  0.40 29.97 ? 18  DC  B P     1 
ATOM   343  O OP1   A DC  B 2 8  ? 8.020   -2.560  11.739  0.40 28.38 ? 18  DC  B OP1   1 
ATOM   344  O OP2   A DC  B 2 8  ? 10.476  -3.188  11.321  0.40 30.19 ? 18  DC  B OP2   1 
ATOM   345  O "O5'" A DC  B 2 8  ? 8.620   -4.447  10.213  0.40 29.87 ? 18  DC  B "O5'" 1 
ATOM   346  C "C5'" A DC  B 2 8  ? 7.465   -4.525  9.382   0.40 32.23 ? 18  DC  B "C5'" 1 
ATOM   347  C "C4'" A DC  B 2 8  ? 7.342   -5.906  8.781   0.40 33.46 ? 18  DC  B "C4'" 1 
ATOM   348  O "O4'" A DC  B 2 8  ? 8.326   -6.099  7.736   0.40 33.67 ? 18  DC  B "O4'" 1 
ATOM   349  C "C3'" A DC  B 2 8  ? 7.544   -7.050  9.775   0.40 33.07 ? 18  DC  B "C3'" 1 
ATOM   350  O "O3'" A DC  B 2 8  ? 6.622   -8.098  9.485   0.40 31.92 ? 18  DC  B "O3'" 1 
ATOM   351  C "C2'" A DC  B 2 8  ? 8.959   -7.516  9.484   0.40 34.07 ? 18  DC  B "C2'" 1 
ATOM   352  C "C1'" A DC  B 2 8  ? 9.048   -7.294  7.985   0.40 35.07 ? 18  DC  B "C1'" 1 
ATOM   353  N N1    A DC  B 2 8  ? 10.411  -7.121  7.456   0.40 35.25 ? 18  DC  B N1    1 
ATOM   354  C C2    A DC  B 2 8  ? 10.633  -7.347  6.093   0.40 35.40 ? 18  DC  B C2    1 
ATOM   355  O O2    A DC  B 2 8  ? 9.678   -7.682  5.380   0.40 36.25 ? 18  DC  B O2    1 
ATOM   356  N N3    A DC  B 2 8  ? 11.877  -7.190  5.589   0.40 35.78 ? 18  DC  B N3    1 
ATOM   357  C C4    A DC  B 2 8  ? 12.877  -6.821  6.390   0.40 36.40 ? 18  DC  B C4    1 
ATOM   358  N N4    A DC  B 2 8  ? 14.086  -6.670  5.846   0.40 37.27 ? 18  DC  B N4    1 
ATOM   359  C C5    A DC  B 2 8  ? 12.682  -6.589  7.783   0.40 36.23 ? 18  DC  B C5    1 
ATOM   360  C C6    A DC  B 2 8  ? 11.444  -6.750  8.269   0.40 35.77 ? 18  DC  B C6    1 
ATOM   361  P P     A DG  B 2 9  ? 5.438   -8.419  10.518  0.40 31.32 ? 19  DG  B P     1 
ATOM   362  O OP1   A DG  B 2 9  ? 4.343   -7.439  10.295  0.40 29.11 ? 19  DG  B OP1   1 
ATOM   363  O OP2   A DG  B 2 9  ? 6.058   -8.534  11.862  0.40 30.88 ? 19  DG  B OP2   1 
ATOM   364  O "O5'" A DG  B 2 9  ? 4.924   -9.854  10.059  0.40 30.72 ? 19  DG  B "O5'" 1 
ATOM   365  C "C5'" A DG  B 2 9  ? 4.404   -10.051 8.747   0.40 30.54 ? 19  DG  B "C5'" 1 
ATOM   366  C "C4'" A DG  B 2 9  ? 5.013   -11.284 8.122   0.40 29.36 ? 19  DG  B "C4'" 1 
ATOM   367  O "O4'" A DG  B 2 9  ? 6.405   -11.060 7.793   0.40 27.91 ? 19  DG  B "O4'" 1 
ATOM   368  C "C3'" A DG  B 2 9  ? 4.983   -12.528 9.011   0.40 29.02 ? 19  DG  B "C3'" 1 
ATOM   369  O "O3'" A DG  B 2 9  ? 4.724   -13.671 8.200   0.40 30.10 ? 19  DG  B "O3'" 1 
ATOM   370  C "C2'" A DG  B 2 9  ? 6.402   -12.601 9.544   0.40 28.66 ? 19  DG  B "C2'" 1 
ATOM   371  C "C1'" A DG  B 2 9  ? 7.181   -12.113 8.341   0.40 26.17 ? 19  DG  B "C1'" 1 
ATOM   372  N N9    A DG  B 2 9  ? 8.516   -11.599 8.621   0.40 23.46 ? 19  DG  B N9    1 
ATOM   373  C C8    A DG  B 2 9  ? 9.040   -11.239 9.839   0.40 21.55 ? 19  DG  B C8    1 
ATOM   374  N N7    A DG  B 2 9  ? 10.278  -10.833 9.764   0.40 19.70 ? 19  DG  B N7    1 
ATOM   375  C C5    A DG  B 2 9  ? 10.587  -10.927 8.413   0.40 20.91 ? 19  DG  B C5    1 
ATOM   376  C C6    A DG  B 2 9  ? 11.786  -10.625 7.719   0.40 20.12 ? 19  DG  B C6    1 
ATOM   377  O O6    A DG  B 2 9  ? 12.853  -10.198 8.173   0.40 21.81 ? 19  DG  B O6    1 
ATOM   378  N N1    A DG  B 2 9  ? 11.662  -10.868 6.355   0.40 19.79 ? 19  DG  B N1    1 
ATOM   379  C C2    A DG  B 2 9  ? 10.532  -11.339 5.737   0.40 19.85 ? 19  DG  B C2    1 
ATOM   380  N N2    A DG  B 2 9  ? 10.607  -11.508 4.410   0.40 19.97 ? 19  DG  B N2    1 
ATOM   381  N N3    A DG  B 2 9  ? 9.410   -11.623 6.371   0.40 20.95 ? 19  DG  B N3    1 
ATOM   382  C C4    A DG  B 2 9  ? 9.508   -11.396 7.697   0.40 22.04 ? 19  DG  B C4    1 
ATOM   383  P P     A DG  B 2 10 ? 3.209   -14.102 7.910   0.40 32.17 ? 20  DG  B P     1 
ATOM   384  O OP1   A DG  B 2 10 ? 2.321   -13.014 8.396   0.40 32.32 ? 20  DG  B OP1   1 
ATOM   385  O OP2   A DG  B 2 10 ? 3.039   -15.482 8.430   0.40 32.19 ? 20  DG  B OP2   1 
ATOM   386  O "O5'" A DG  B 2 10 ? 3.120   -14.148 6.321   0.40 31.76 ? 20  DG  B "O5'" 1 
ATOM   387  C "C5'" A DG  B 2 10 ? 3.322   -15.370 5.618   0.40 31.76 ? 20  DG  B "C5'" 1 
ATOM   388  C "C4'" A DG  B 2 10 ? 4.360   -15.183 4.538   0.40 30.60 ? 20  DG  B "C4'" 1 
ATOM   389  O "O4'" A DG  B 2 10 ? 5.537   -14.596 5.137   0.40 29.99 ? 20  DG  B "O4'" 1 
ATOM   390  C "C3'" A DG  B 2 10 ? 4.831   -16.486 3.900   0.40 30.75 ? 20  DG  B "C3'" 1 
ATOM   391  O "O3'" A DG  B 2 10 ? 5.359   -16.218 2.595   0.40 31.62 ? 20  DG  B "O3'" 1 
ATOM   392  C "C2'" A DG  B 2 10 ? 5.992   -16.880 4.793   0.40 30.30 ? 20  DG  B "C2'" 1 
ATOM   393  C "C1'" A DG  B 2 10 ? 6.607   -15.530 5.122   0.40 29.34 ? 20  DG  B "C1'" 1 
ATOM   394  N N9    A DG  B 2 10 ? 7.276   -15.454 6.417   0.40 29.51 ? 20  DG  B N9    1 
ATOM   395  C C8    A DG  B 2 10 ? 6.715   -15.639 7.657   0.40 29.43 ? 20  DG  B C8    1 
ATOM   396  N N7    A DG  B 2 10 ? 7.569   -15.482 8.634   0.40 29.04 ? 20  DG  B N7    1 
ATOM   397  C C5    A DG  B 2 10 ? 8.766   -15.180 7.997   0.40 28.38 ? 20  DG  B C5    1 
ATOM   398  C C6    A DG  B 2 10 ? 10.051  -14.900 8.535   0.40 28.91 ? 20  DG  B C6    1 
ATOM   399  O O6    A DG  B 2 10 ? 10.403  -14.860 9.722   0.40 28.55 ? 20  DG  B O6    1 
ATOM   400  N N1    A DG  B 2 10 ? 10.978  -14.645 7.531   0.40 26.39 ? 20  DG  B N1    1 
ATOM   401  C C2    A DG  B 2 10 ? 10.708  -14.660 6.186   0.40 26.70 ? 20  DG  B C2    1 
ATOM   402  N N2    A DG  B 2 10 ? 11.735  -14.387 5.374   0.40 28.27 ? 20  DG  B N2    1 
ATOM   403  N N3    A DG  B 2 10 ? 9.520   -14.920 5.674   0.40 26.77 ? 20  DG  B N3    1 
ATOM   404  C C4    A DG  B 2 10 ? 8.602   -15.168 6.629   0.40 28.19 ? 20  DG  B C4    1 
ATOM   405  O "O5'" A DC  C 1 1  ? -19.607 7.237   -10.593 0.40 17.54 ? 21  DC  C "O5'" 1 
ATOM   406  C "C5'" A DC  C 1 1  ? -20.540 7.204   -11.673 0.40 14.81 ? 21  DC  C "C5'" 1 
ATOM   407  C "C4'" A DC  C 1 1  ? -19.922 6.684   -12.951 0.40 15.27 ? 21  DC  C "C4'" 1 
ATOM   408  O "O4'" A DC  C 1 1  ? -18.852 7.562   -13.376 0.40 11.93 ? 21  DC  C "O4'" 1 
ATOM   409  C "C3'" A DC  C 1 1  ? -19.302 5.289   -12.849 0.40 14.17 ? 21  DC  C "C3'" 1 
ATOM   410  O "O3'" A DC  C 1 1  ? -19.480 4.603   -14.091 0.40 14.61 ? 21  DC  C "O3'" 1 
ATOM   411  C "C2'" A DC  C 1 1  ? -17.828 5.587   -12.644 0.40 13.71 ? 21  DC  C "C2'" 1 
ATOM   412  C "C1'" A DC  C 1 1  ? -17.658 6.808   -13.526 0.40 13.47 ? 21  DC  C "C1'" 1 
ATOM   413  N N1    A DC  C 1 1  ? -16.521 7.679   -13.193 0.40 10.75 ? 21  DC  C N1    1 
ATOM   414  C C2    A DC  C 1 1  ? -15.337 7.525   -13.907 0.40 7.83  ? 21  DC  C C2    1 
ATOM   415  O O2    A DC  C 1 1  ? -15.264 6.622   -14.750 0.40 7.11  ? 21  DC  C O2    1 
ATOM   416  N N3    A DC  C 1 1  ? -14.303 8.357   -13.659 0.40 7.35  ? 21  DC  C N3    1 
ATOM   417  C C4    A DC  C 1 1  ? -14.418 9.307   -12.729 0.40 8.13  ? 21  DC  C C4    1 
ATOM   418  N N4    A DC  C 1 1  ? -13.384 10.134  -12.544 0.40 5.64  ? 21  DC  C N4    1 
ATOM   419  C C5    A DC  C 1 1  ? -15.605 9.462   -11.956 0.40 8.60  ? 21  DC  C C5    1 
ATOM   420  C C6    A DC  C 1 1  ? -16.623 8.635   -12.220 0.40 9.58  ? 21  DC  C C6    1 
ATOM   421  P P     A DC  C 1 2  ? -19.451 3.001   -14.128 0.40 17.38 ? 22  DC  C P     1 
ATOM   422  O OP1   A DC  C 1 2  ? -19.274 2.591   -15.543 0.40 19.63 ? 22  DC  C OP1   1 
ATOM   423  O OP2   A DC  C 1 2  ? -20.620 2.499   -13.362 0.40 17.11 ? 22  DC  C OP2   1 
ATOM   424  O "O5'" A DC  C 1 2  ? -18.125 2.624   -13.327 0.40 17.82 ? 22  DC  C "O5'" 1 
ATOM   425  C "C5'" A DC  C 1 2  ? -16.943 2.230   -14.020 0.40 18.32 ? 22  DC  C "C5'" 1 
ATOM   426  C "C4'" A DC  C 1 2  ? -15.908 1.705   -13.051 0.40 18.11 ? 22  DC  C "C4'" 1 
ATOM   427  O "O4'" A DC  C 1 2  ? -15.318 2.790   -12.294 0.40 19.17 ? 22  DC  C "O4'" 1 
ATOM   428  C "C3'" A DC  C 1 2  ? -16.419 0.696   -12.021 0.40 17.29 ? 22  DC  C "C3'" 1 
ATOM   429  O "O3'" A DC  C 1 2  ? -15.463 -0.356  -11.862 0.40 18.13 ? 22  DC  C "O3'" 1 
ATOM   430  C "C2'" A DC  C 1 2  ? -16.508 1.516   -10.745 0.40 16.21 ? 22  DC  C "C2'" 1 
ATOM   431  C "C1'" A DC  C 1 2  ? -15.350 2.481   -10.911 0.40 15.81 ? 22  DC  C "C1'" 1 
ATOM   432  N N1    A DC  C 1 2  ? -15.486 3.745   -10.170 0.40 14.74 ? 22  DC  C N1    1 
ATOM   433  C C2    A DC  C 1 2  ? -14.432 4.671   -10.205 0.40 12.03 ? 22  DC  C C2    1 
ATOM   434  O O2    A DC  C 1 2  ? -13.415 4.394   -10.857 0.40 11.66 ? 22  DC  C O2    1 
ATOM   435  N N3    A DC  C 1 2  ? -14.551 5.839   -9.530  0.40 9.44  ? 22  DC  C N3    1 
ATOM   436  C C4    A DC  C 1 2  ? -15.667 6.097   -8.841  0.40 10.19 ? 22  DC  C C4    1 
ATOM   437  N N4    A DC  C 1 2  ? -15.749 7.262   -8.196  0.40 8.68  ? 22  DC  C N4    1 
ATOM   438  C C5    A DC  C 1 2  ? -16.752 5.172   -8.783  0.40 11.09 ? 22  DC  C C5    1 
ATOM   439  C C6    A DC  C 1 2  ? -16.621 4.020   -9.456  0.40 12.56 ? 22  DC  C C6    1 
ATOM   440  P P     A DG  C 1 3  ? -15.914 -1.883  -12.081 0.40 18.44 ? 23  DG  C P     1 
ATOM   441  O OP1   A DG  C 1 3  ? -16.740 -1.956  -13.312 0.40 20.09 ? 23  DG  C OP1   1 
ATOM   442  O OP2   A DG  C 1 3  ? -16.469 -2.373  -10.796 0.40 18.95 ? 23  DG  C OP2   1 
ATOM   443  O "O5'" A DG  C 1 3  ? -14.547 -2.651  -12.357 0.40 20.12 ? 23  DG  C "O5'" 1 
ATOM   444  C "C5'" A DG  C 1 3  ? -13.799 -3.232  -11.290 0.40 18.93 ? 23  DG  C "C5'" 1 
ATOM   445  C "C4'" A DG  C 1 3  ? -12.418 -2.619  -11.231 0.40 18.03 ? 23  DG  C "C4'" 1 
ATOM   446  O "O4'" A DG  C 1 3  ? -12.529 -1.203  -10.954 0.40 17.48 ? 23  DG  C "O4'" 1 
ATOM   447  C "C3'" A DG  C 1 3  ? -11.523 -3.182  -10.130 0.40 17.62 ? 23  DG  C "C3'" 1 
ATOM   448  O "O3'" A DG  C 1 3  ? -10.162 -3.117  -10.560 0.40 17.89 ? 23  DG  C "O3'" 1 
ATOM   449  C "C2'" A DG  C 1 3  ? -11.742 -2.209  -8.987  0.40 16.65 ? 23  DG  C "C2'" 1 
ATOM   450  C "C1'" A DG  C 1 3  ? -11.872 -0.893  -9.734  0.40 15.12 ? 23  DG  C "C1'" 1 
ATOM   451  N N9    A DG  C 1 3  ? -12.659 0.126   -9.047  0.40 12.09 ? 23  DG  C N9    1 
ATOM   452  C C8    A DG  C 1 3  ? -13.997 0.077   -8.743  0.40 11.80 ? 23  DG  C C8    1 
ATOM   453  N N7    A DG  C 1 3  ? -14.425 1.153   -8.139  0.40 12.34 ? 23  DG  C N7    1 
ATOM   454  C C5    A DG  C 1 3  ? -13.299 1.959   -8.033  0.40 9.73  ? 23  DG  C C5    1 
ATOM   455  C C6    A DG  C 1 3  ? -13.143 3.253   -7.468  0.40 8.52  ? 23  DG  C C6    1 
ATOM   456  O O6    A DG  C 1 3  ? -13.999 3.972   -6.936  0.40 5.89  ? 23  DG  C O6    1 
ATOM   457  N N1    A DG  C 1 3  ? -11.829 3.699   -7.569  0.40 5.42  ? 23  DG  C N1    1 
ATOM   458  C C2    A DG  C 1 3  ? -10.798 2.995   -8.140  0.40 6.56  ? 23  DG  C C2    1 
ATOM   459  N N2    A DG  C 1 3  ? -9.599  3.595   -8.140  0.40 8.15  ? 23  DG  C N2    1 
ATOM   460  N N3    A DG  C 1 3  ? -10.931 1.792   -8.672  0.40 7.76  ? 23  DG  C N3    1 
ATOM   461  C C4    A DG  C 1 3  ? -12.199 1.338   -8.583  0.40 11.07 ? 23  DG  C C4    1 
ATOM   462  P P     A DG  C 1 4  ? -9.261  -4.445  -10.572 0.40 18.63 ? 24  DG  C P     1 
ATOM   463  O OP1   A DG  C 1 4  ? -9.353  -5.052  -11.926 0.40 18.83 ? 24  DG  C OP1   1 
ATOM   464  O OP2   A DG  C 1 4  ? -9.622  -5.250  -9.379  0.40 17.70 ? 24  DG  C OP2   1 
ATOM   465  O "O5'" A DG  C 1 4  ? -7.783  -3.888  -10.378 0.40 18.04 ? 24  DG  C "O5'" 1 
ATOM   466  C "C5'" A DG  C 1 4  ? -7.221  -2.966  -11.311 0.40 17.47 ? 24  DG  C "C5'" 1 
ATOM   467  C "C4'" A DG  C 1 4  ? -6.343  -1.970  -10.592 0.40 17.85 ? 24  DG  C "C4'" 1 
ATOM   468  O "O4'" A DG  C 1 4  ? -7.159  -1.052  -9.822  0.40 17.63 ? 24  DG  C "O4'" 1 
ATOM   469  C "C3'" A DG  C 1 4  ? -5.368  -2.601  -9.597  0.40 19.90 ? 24  DG  C "C3'" 1 
ATOM   470  O "O3'" A DG  C 1 4  ? -4.112  -1.920  -9.638  0.40 22.79 ? 24  DG  C "O3'" 1 
ATOM   471  C "C2'" A DG  C 1 4  ? -6.048  -2.387  -8.255  0.40 18.04 ? 24  DG  C "C2'" 1 
ATOM   472  C "C1'" A DG  C 1 4  ? -6.730  -1.051  -8.467  0.40 15.92 ? 24  DG  C "C1'" 1 
ATOM   473  N N9    A DG  C 1 4  ? -7.894  -0.805  -7.620  0.40 13.77 ? 24  DG  C N9    1 
ATOM   474  C C8    A DG  C 1 4  ? -8.990  -1.616  -7.446  0.40 13.15 ? 24  DG  C C8    1 
ATOM   475  N N7    A DG  C 1 4  ? -9.880  -1.106  -6.637  0.40 9.96  ? 24  DG  C N7    1 
ATOM   476  C C5    A DG  C 1 4  ? -9.337  0.111   -6.251  0.40 9.64  ? 24  DG  C C5    1 
ATOM   477  C C6    A DG  C 1 4  ? -9.851  1.116   -5.390  0.40 9.60  ? 24  DG  C C6    1 
ATOM   478  O O6    A DG  C 1 4  ? -10.932 1.139   -4.784  0.40 8.55  ? 24  DG  C O6    1 
ATOM   479  N N1    A DG  C 1 4  ? -8.966  2.184   -5.269  0.40 10.98 ? 24  DG  C N1    1 
ATOM   480  C C2    A DG  C 1 4  ? -7.748  2.278   -5.901  0.40 10.52 ? 24  DG  C C2    1 
ATOM   481  N N2    A DG  C 1 4  ? -7.030  3.385   -5.654  0.40 11.31 ? 24  DG  C N2    1 
ATOM   482  N N3    A DG  C 1 4  ? -7.267  1.355   -6.714  0.40 10.80 ? 24  DG  C N3    1 
ATOM   483  C C4    A DG  C 1 4  ? -8.107  0.307   -6.841  0.40 11.61 ? 24  DG  C C4    1 
ATOM   484  P P     A DT  C 1 5  ? -3.008  -2.223  -8.512  0.40 26.35 ? 25  DT  C P     1 
ATOM   485  O OP1   A DT  C 1 5  ? -1.684  -1.775  -9.016  0.40 25.28 ? 25  DT  C OP1   1 
ATOM   486  O OP2   A DT  C 1 5  ? -3.194  -3.633  -8.081  0.40 22.87 ? 25  DT  C OP2   1 
ATOM   487  O "O5'" A DT  C 1 5  ? -3.438  -1.268  -7.311  0.40 24.82 ? 25  DT  C "O5'" 1 
ATOM   488  C "C5'" A DT  C 1 5  ? -3.443  0.149   -7.477  0.40 21.19 ? 25  DT  C "C5'" 1 
ATOM   489  C "C4'" A DT  C 1 5  ? -3.523  0.835   -6.133  0.40 19.18 ? 25  DT  C "C4'" 1 
ATOM   490  O "O4'" A DT  C 1 5  ? -4.879  0.834   -5.622  0.40 17.89 ? 25  DT  C "O4'" 1 
ATOM   491  C "C3'" A DT  C 1 5  ? -2.656  0.204   -5.039  0.40 17.72 ? 25  DT  C "C3'" 1 
ATOM   492  O "O3'" A DT  C 1 5  ? -2.097  1.242   -4.237  0.40 15.67 ? 25  DT  C "O3'" 1 
ATOM   493  C "C2'" A DT  C 1 5  ? -3.667  -0.561  -4.204  0.40 16.20 ? 25  DT  C "C2'" 1 
ATOM   494  C "C1'" A DT  C 1 5  ? -4.854  0.380   -4.279  0.40 16.66 ? 25  DT  C "C1'" 1 
ATOM   495  N N1    A DT  C 1 5  ? -6.170  -0.204  -3.955  0.40 14.33 ? 25  DT  C N1    1 
ATOM   496  C C2    A DT  C 1 5  ? -6.990  0.506   -3.110  0.40 11.45 ? 25  DT  C C2    1 
ATOM   497  O O2    A DT  C 1 5  ? -6.681  1.585   -2.632  0.40 10.65 ? 25  DT  C O2    1 
ATOM   498  N N3    A DT  C 1 5  ? -8.193  -0.093  -2.844  0.40 10.38 ? 25  DT  C N3    1 
ATOM   499  C C4    A DT  C 1 5  ? -8.649  -1.300  -3.327  0.40 11.65 ? 25  DT  C C4    1 
ATOM   500  O O4    A DT  C 1 5  ? -9.759  -1.708  -2.998  0.40 13.44 ? 25  DT  C O4    1 
ATOM   501  C C5    A DT  C 1 5  ? -7.739  -1.992  -4.210  0.40 13.19 ? 25  DT  C C5    1 
ATOM   502  C C7    A DT  C 1 5  ? -8.146  -3.313  -4.782  0.40 15.10 ? 25  DT  C C7    1 
ATOM   503  C C6    A DT  C 1 5  ? -6.559  -1.416  -4.478  0.40 15.28 ? 25  DT  C C6    1 
ATOM   504  P P     A DA  C 1 6  ? -0.539  1.217   -3.859  0.40 13.92 ? 26  DA  C P     1 
ATOM   505  O OP1   A DA  C 1 6  ? 0.218   1.917   -4.927  0.40 12.12 ? 26  DA  C OP1   1 
ATOM   506  O OP2   A DA  C 1 6  ? -0.175  -0.175  -3.494  0.40 15.13 ? 26  DA  C OP2   1 
ATOM   507  O "O5'" A DA  C 1 6  ? -0.501  2.117   -2.548  0.40 13.59 ? 26  DA  C "O5'" 1 
ATOM   508  C "C5'" A DA  C 1 6  ? -1.104  3.409   -2.546  0.40 12.05 ? 26  DA  C "C5'" 1 
ATOM   509  C "C4'" A DA  C 1 6  ? -1.801  3.670   -1.231  0.40 10.09 ? 26  DA  C "C4'" 1 
ATOM   510  O "O4'" A DA  C 1 6  ? -3.036  2.919   -1.145  0.40 9.76  ? 26  DA  C "O4'" 1 
ATOM   511  C "C3'" A DA  C 1 6  ? -0.987  3.309   0.012   0.40 10.94 ? 26  DA  C "C3'" 1 
ATOM   512  O "O3'" A DA  C 1 6  ? -1.099  4.356   0.979   0.40 11.61 ? 26  DA  C "O3'" 1 
ATOM   513  C "C2'" A DA  C 1 6  ? -1.638  2.028   0.507   0.40 7.89  ? 26  DA  C "C2'" 1 
ATOM   514  C "C1'" A DA  C 1 6  ? -3.086  2.203   0.079   0.40 6.94  ? 26  DA  C "C1'" 1 
ATOM   515  N N9    A DA  C 1 6  ? -3.800  0.950   -0.167  0.40 4.51  ? 26  DA  C N9    1 
ATOM   516  C C8    A DA  C 1 6  ? -3.324  -0.174  -0.798  0.40 3.30  ? 26  DA  C C8    1 
ATOM   517  N N7    A DA  C 1 6  ? -4.203  -1.144  -0.887  0.40 1.41  ? 26  DA  C N7    1 
ATOM   518  C C5    A DA  C 1 6  ? -5.335  -0.626  -0.273  0.40 0.11  ? 26  DA  C C5    1 
ATOM   519  C C6    A DA  C 1 6  ? -6.617  -1.162  -0.044  0.40 0.11  ? 26  DA  C C6    1 
ATOM   520  N N6    A DA  C 1 6  ? -6.991  -2.388  -0.424  0.40 0.11  ? 26  DA  C N6    1 
ATOM   521  N N1    A DA  C 1 6  ? -7.513  -0.384  0.595   0.40 0.11  ? 26  DA  C N1    1 
ATOM   522  C C2    A DA  C 1 6  ? -7.139  0.844   0.979   0.40 1.13  ? 26  DA  C C2    1 
ATOM   523  N N3    A DA  C 1 6  ? -5.967  1.458   0.823   0.40 0.11  ? 26  DA  C N3    1 
ATOM   524  C C4    A DA  C 1 6  ? -5.099  0.661   0.181   0.40 1.56  ? 26  DA  C C4    1 
HETATM 525  N N1    A UFP C 1 7  ? 4.509   3.212   0.466   0.40 10.53 ? 27  UFP C N1    1 
HETATM 526  C C2    A UFP C 1 7  ? 5.716   3.094   -0.187  0.40 10.78 ? 27  UFP C C2    1 
HETATM 527  N N3    A UFP C 1 7  ? 5.633   2.588   -1.462  0.40 9.99  ? 27  UFP C N3    1 
HETATM 528  C C4    A UFP C 1 7  ? 4.488   2.205   -2.129  0.40 9.25  ? 27  UFP C C4    1 
HETATM 529  C C5    A UFP C 1 7  ? 3.287   2.365   -1.381  0.40 9.79  ? 27  UFP C C5    1 
HETATM 530  C C6    A UFP C 1 7  ? 3.336   2.849   -0.141  0.40 10.41 ? 27  UFP C C6    1 
HETATM 531  O O2    A UFP C 1 7  ? 6.780   3.415   0.323   0.40 10.25 ? 27  UFP C O2    1 
HETATM 532  O O4    A UFP C 1 7  ? 4.567   1.784   -3.288  0.40 7.85  ? 27  UFP C O4    1 
HETATM 533  F F5    A UFP C 1 7  ? 2.182   2.020   -1.976  0.40 12.66 ? 27  UFP C F5    1 
HETATM 534  C "C1'" A UFP C 1 7  ? 4.520   3.736   1.837   0.40 12.24 ? 27  UFP C "C1'" 1 
HETATM 535  C "C2'" A UFP C 1 7  ? 4.359   5.244   1.917   0.40 12.79 ? 27  UFP C "C2'" 1 
HETATM 536  C "C3'" A UFP C 1 7  ? 3.640   5.427   3.239   0.40 14.58 ? 27  UFP C "C3'" 1 
HETATM 537  C "C4'" A UFP C 1 7  ? 2.756   4.185   3.333   0.40 15.27 ? 27  UFP C "C4'" 1 
HETATM 538  O "O3'" A UFP C 1 7  ? 4.573   5.441   4.320   0.40 16.28 ? 27  UFP C "O3'" 1 
HETATM 539  O "O4'" A UFP C 1 7  ? 3.400   3.182   2.512   0.40 14.57 ? 27  UFP C "O4'" 1 
HETATM 540  C "C5'" A UFP C 1 7  ? 1.326   4.387   2.881   0.40 14.12 ? 27  UFP C "C5'" 1 
HETATM 541  O "O5'" A UFP C 1 7  ? 1.294   4.929   1.559   0.40 13.11 ? 27  UFP C "O5'" 1 
HETATM 542  P P     A UFP C 1 7  ? -0.039  5.563   0.958   0.40 12.24 ? 27  UFP C P     1 
HETATM 543  O O1P   A UFP C 1 7  ? 0.213   5.874   -0.471  0.40 11.64 ? 27  UFP C O1P   1 
HETATM 544  O O2P   A UFP C 1 7  ? -0.516  6.637   1.869   0.40 14.25 ? 27  UFP C O2P   1 
ATOM   545  P P     A DC  C 1 8  ? 4.712   6.757   5.229   0.40 19.71 ? 28  DC  C P     1 
ATOM   546  O OP1   A DC  C 1 8  ? 5.609   6.453   6.375   0.40 17.85 ? 28  DC  C OP1   1 
ATOM   547  O OP2   A DC  C 1 8  ? 3.341   7.264   5.485   0.40 20.50 ? 28  DC  C OP2   1 
ATOM   548  O "O5'" A DC  C 1 8  ? 5.451   7.800   4.283   0.40 18.34 ? 28  DC  C "O5'" 1 
ATOM   549  C "C5'" A DC  C 1 8  ? 6.865   7.763   4.135   0.40 20.49 ? 28  DC  C "C5'" 1 
ATOM   550  C "C4'" A DC  C 1 8  ? 7.302   8.733   3.064   0.40 20.83 ? 28  DC  C "C4'" 1 
ATOM   551  O "O4'" A DC  C 1 8  ? 6.850   8.258   1.775   0.40 19.51 ? 28  DC  C "O4'" 1 
ATOM   552  C "C3'" A DC  C 1 8  ? 6.738   10.144  3.223   0.40 21.70 ? 28  DC  C "C3'" 1 
ATOM   553  O "O3'" A DC  C 1 8  ? 7.731   11.103  2.852   0.40 24.43 ? 28  DC  C "O3'" 1 
ATOM   554  C "C2'" A DC  C 1 8  ? 5.570   10.165  2.252   0.40 19.35 ? 28  DC  C "C2'" 1 
ATOM   555  C "C1'" A DC  C 1 8  ? 6.050   9.244   1.143   0.40 19.39 ? 28  DC  C "C1'" 1 
ATOM   556  N N1    A DC  C 1 8  ? 4.980   8.545   0.422   0.40 18.69 ? 28  DC  C N1    1 
ATOM   557  C C2    A DC  C 1 8  ? 5.209   8.139   -0.894  0.40 18.42 ? 28  DC  C C2    1 
ATOM   558  O O2    A DC  C 1 8  ? 6.300   8.400   -1.420  0.40 15.35 ? 28  DC  C O2    1 
ATOM   559  N N3    A DC  C 1 8  ? 4.238   7.476   -1.561  0.40 20.08 ? 28  DC  C N3    1 
ATOM   560  C C4    A DC  C 1 8  ? 3.075   7.219   -0.960  0.40 20.91 ? 28  DC  C C4    1 
ATOM   561  N N4    A DC  C 1 8  ? 2.149   6.548   -1.651  0.40 21.83 ? 28  DC  C N4    1 
ATOM   562  C C5    A DC  C 1 8  ? 2.810   7.633   0.377   0.40 21.85 ? 28  DC  C C5    1 
ATOM   563  C C6    A DC  C 1 8  ? 3.781   8.286   1.025   0.40 19.90 ? 28  DC  C C6    1 
ATOM   564  P P     A DG  C 1 9  ? 8.439   11.993  3.988   0.40 25.80 ? 29  DG  C P     1 
ATOM   565  O OP1   A DG  C 1 9  ? 8.954   11.064  5.027   0.40 25.31 ? 29  DG  C OP1   1 
ATOM   566  O OP2   A DG  C 1 9  ? 7.512   13.088  4.373   0.40 28.53 ? 29  DG  C OP2   1 
ATOM   567  O "O5'" A DG  C 1 9  ? 9.688   12.638  3.244   0.40 25.61 ? 29  DG  C "O5'" 1 
ATOM   568  C "C5'" A DG  C 1 9  ? 10.731  11.820  2.724   0.40 22.41 ? 29  DG  C "C5'" 1 
ATOM   569  C "C4'" A DG  C 1 9  ? 11.005  12.193  1.287   0.40 21.49 ? 29  DG  C "C4'" 1 
ATOM   570  O "O4'" A DG  C 1 9  ? 9.881   11.810  0.462   0.40 21.18 ? 29  DG  C "O4'" 1 
ATOM   571  C "C3'" A DG  C 1 9  ? 11.192  13.691  1.062   0.40 21.27 ? 29  DG  C "C3'" 1 
ATOM   572  O "O3'" A DG  C 1 9  ? 12.128  13.886  0.007   0.40 20.21 ? 29  DG  C "O3'" 1 
ATOM   573  C "C2'" A DG  C 1 9  ? 9.814   14.147  0.619   0.40 20.87 ? 29  DG  C "C2'" 1 
ATOM   574  C "C1'" A DG  C 1 9  ? 9.345   12.953  -0.189  0.40 20.72 ? 29  DG  C "C1'" 1 
ATOM   575  N N9    A DG  C 1 9  ? 7.900   12.775  -0.265  0.40 19.29 ? 29  DG  C N9    1 
ATOM   576  C C8    A DG  C 1 9  ? 6.961   13.109  0.681   0.40 20.08 ? 29  DG  C C8    1 
ATOM   577  N N7    A DG  C 1 9  ? 5.747   12.776  0.336   0.40 20.08 ? 29  DG  C N7    1 
ATOM   578  C C5    A DG  C 1 9  ? 5.894   12.199  -0.918  0.40 19.40 ? 29  DG  C C5    1 
ATOM   579  C C6    A DG  C 1 9  ? 4.929   11.639  -1.793  0.40 19.63 ? 29  DG  C C6    1 
ATOM   580  O O6    A DG  C 1 9  ? 3.707   11.534  -1.629  0.40 20.82 ? 29  DG  C O6    1 
ATOM   581  N N1    A DG  C 1 9  ? 5.514   11.167  -2.963  0.40 19.83 ? 29  DG  C N1    1 
ATOM   582  C C2    A DG  C 1 9  ? 6.853   11.224  -3.256  0.40 17.29 ? 29  DG  C C2    1 
ATOM   583  N N2    A DG  C 1 9  ? 7.225   10.711  -4.434  0.40 17.17 ? 29  DG  C N2    1 
ATOM   584  N N3    A DG  C 1 9  ? 7.761   11.743  -2.452  0.40 17.97 ? 29  DG  C N3    1 
ATOM   585  C C4    A DG  C 1 9  ? 7.215   12.205  -1.308  0.40 18.72 ? 29  DG  C C4    1 
ATOM   586  P P     A DG  C 1 10 ? 13.430  14.779  0.261   0.40 22.08 ? 30  DG  C P     1 
ATOM   587  O OP1   A DG  C 1 10 ? 14.403  13.945  1.013   0.40 22.25 ? 30  DG  C OP1   1 
ATOM   588  O OP2   A DG  C 1 10 ? 12.993  16.085  0.820   0.40 21.56 ? 30  DG  C OP2   1 
ATOM   589  O "O5'" A DG  C 1 10 ? 13.999  15.015  -1.205  0.40 21.47 ? 30  DG  C "O5'" 1 
ATOM   590  C "C5'" A DG  C 1 10 ? 14.301  13.912  -2.056  0.40 19.22 ? 30  DG  C "C5'" 1 
ATOM   591  C "C4'" A DG  C 1 10 ? 13.769  14.169  -3.446  0.40 19.47 ? 30  DG  C "C4'" 1 
ATOM   592  O "O4'" A DG  C 1 10 ? 12.328  14.015  -3.461  0.40 18.22 ? 30  DG  C "O4'" 1 
ATOM   593  C "C3'" A DG  C 1 10 ? 14.044  15.577  -3.979  0.40 18.92 ? 30  DG  C "C3'" 1 
ATOM   594  O "O3'" A DG  C 1 10 ? 14.102  15.554  -5.405  0.40 19.92 ? 30  DG  C "O3'" 1 
ATOM   595  C "C2'" A DG  C 1 10 ? 12.748  16.303  -3.675  0.40 18.56 ? 30  DG  C "C2'" 1 
ATOM   596  C "C1'" A DG  C 1 10 ? 11.739  15.206  -3.958  0.40 18.58 ? 30  DG  C "C1'" 1 
ATOM   597  N N9    A DG  C 1 10 ? 10.434  15.378  -3.327  0.40 18.58 ? 30  DG  C N9    1 
ATOM   598  C C8    A DG  C 1 10 ? 10.136  16.145  -2.226  0.40 19.26 ? 30  DG  C C8    1 
ATOM   599  N N7    A DG  C 1 10 ? 8.865   16.127  -1.918  0.40 19.41 ? 30  DG  C N7    1 
ATOM   600  C C5    A DG  C 1 10 ? 8.293   15.295  -2.870  0.40 17.90 ? 30  DG  C C5    1 
ATOM   601  C C6    A DG  C 1 10 ? 6.939   14.899  -3.055  0.40 16.89 ? 30  DG  C C6    1 
ATOM   602  O O6    A DG  C 1 10 ? 5.942   15.227  -2.400  0.40 14.11 ? 30  DG  C O6    1 
ATOM   603  N N1    A DG  C 1 10 ? 6.803   14.038  -4.139  0.40 16.31 ? 30  DG  C N1    1 
ATOM   604  C C2    A DG  C 1 10 ? 7.830   13.612  -4.944  0.40 16.39 ? 30  DG  C C2    1 
ATOM   605  N N2    A DG  C 1 10 ? 7.497   12.775  -5.934  0.40 16.82 ? 30  DG  C N2    1 
ATOM   606  N N3    A DG  C 1 10 ? 9.091   13.979  -4.789  0.40 17.18 ? 30  DG  C N3    1 
ATOM   607  C C4    A DG  C 1 10 ? 9.249   14.814  -3.740  0.40 18.40 ? 30  DG  C C4    1 
ATOM   608  O "O5'" A DC  D 2 1  ? 2.245   -7.480  9.555   0.40 17.45 ? 31  DC  D "O5'" 1 
ATOM   609  C "C5'" A DC  D 2 1  ? 0.927   -7.868  9.153   0.40 15.30 ? 31  DC  D "C5'" 1 
ATOM   610  C "C4'" A DC  D 2 1  ? 0.198   -8.641  10.227  0.40 15.02 ? 31  DC  D "C4'" 1 
ATOM   611  O "O4'" A DC  D 2 1  ? -0.095  -7.762  11.341  0.40 13.82 ? 31  DC  D "O4'" 1 
ATOM   612  C "C3'" A DC  D 2 1  ? -1.149  -9.215  9.785   0.40 15.15 ? 31  DC  D "C3'" 1 
ATOM   613  O "O3'" A DC  D 2 1  ? -1.371  -10.488 10.403  0.40 13.52 ? 31  DC  D "O3'" 1 
ATOM   614  C "C2'" A DC  D 2 1  ? -2.148  -8.196  10.302  0.40 13.68 ? 31  DC  D "C2'" 1 
ATOM   615  C "C1'" A DC  D 2 1  ? -1.491  -7.758  11.595  0.40 12.33 ? 31  DC  D "C1'" 1 
ATOM   616  N N1    A DC  D 2 1  ? -1.863  -6.415  12.059  0.40 10.98 ? 31  DC  D N1    1 
ATOM   617  C C2    A DC  D 2 1  ? -3.193  -6.165  12.405  0.40 13.21 ? 31  DC  D C2    1 
ATOM   618  O O2    A DC  D 2 1  ? -4.030  -7.068  12.264  0.40 13.45 ? 31  DC  D O2    1 
ATOM   619  N N3    A DC  D 2 1  ? -3.534  -4.945  12.880  0.40 14.46 ? 31  DC  D N3    1 
ATOM   620  C C4    A DC  D 2 1  ? -2.604  -3.996  13.008  0.40 12.85 ? 31  DC  D C4    1 
ATOM   621  N N4    A DC  D 2 1  ? -2.977  -2.818  13.509  0.40 12.43 ? 31  DC  D N4    1 
ATOM   622  C C5    A DC  D 2 1  ? -1.248  -4.217  12.634  0.40 11.38 ? 31  DC  D C5    1 
ATOM   623  C C6    A DC  D 2 1  ? -0.925  -5.429  12.169  0.40 10.66 ? 31  DC  D C6    1 
ATOM   624  P P     A DC  D 2 2  ? -2.095  -11.656 9.572   0.40 16.57 ? 32  DC  D P     1 
ATOM   625  O OP1   A DC  D 2 2  ? -2.733  -12.598 10.531  0.40 13.10 ? 32  DC  D OP1   1 
ATOM   626  O OP2   A DC  D 2 2  ? -1.107  -12.171 8.591   0.40 14.95 ? 32  DC  D OP2   1 
ATOM   627  O "O5'" A DC  D 2 2  ? -3.242  -10.893 8.767   0.40 12.10 ? 32  DC  D "O5'" 1 
ATOM   628  C "C5'" A DC  D 2 2  ? -4.614  -11.061 9.116   0.40 11.92 ? 32  DC  D "C5'" 1 
ATOM   629  C "C4'" A DC  D 2 2  ? -5.491  -10.179 8.257   0.40 10.85 ? 32  DC  D "C4'" 1 
ATOM   630  O "O4'" A DC  D 2 2  ? -5.353  -8.789  8.637   0.40 9.79  ? 32  DC  D "O4'" 1 
ATOM   631  C "C3'" A DC  D 2 2  ? -5.223  -10.236 6.751   0.40 10.05 ? 32  DC  D "C3'" 1 
ATOM   632  O "O3'" A DC  D 2 2  ? -6.469  -10.187 6.051   0.40 10.53 ? 32  DC  D "O3'" 1 
ATOM   633  C "C2'" A DC  D 2 2  ? -4.454  -8.952  6.493   0.40 8.99  ? 32  DC  D "C2'" 1 
ATOM   634  C "C1'" A DC  D 2 2  ? -5.116  -8.007  7.479   0.40 6.74  ? 32  DC  D "C1'" 1 
ATOM   635  N N1    A DC  D 2 2  ? -4.319  -6.840  7.880   0.40 4.85  ? 32  DC  D N1    1 
ATOM   636  C C2    A DC  D 2 2  ? -4.968  -5.786  8.520   0.40 4.12  ? 32  DC  D C2    1 
ATOM   637  O O2    A DC  D 2 2  ? -6.196  -5.854  8.681   0.40 2.85  ? 32  DC  D O2    1 
ATOM   638  N N3    A DC  D 2 2  ? -4.246  -4.717  8.938   0.40 3.04  ? 32  DC  D N3    1 
ATOM   639  C C4    A DC  D 2 2  ? -2.929  -4.678  8.723   0.40 0.35  ? 32  DC  D C4    1 
ATOM   640  N N4    A DC  D 2 2  ? -2.255  -3.619  9.171   0.40 0.11  ? 32  DC  D N4    1 
ATOM   641  C C5    A DC  D 2 2  ? -2.245  -5.728  8.046   0.40 3.21  ? 32  DC  D C5    1 
ATOM   642  C C6    A DC  D 2 2  ? -2.972  -6.782  7.647   0.40 4.36  ? 32  DC  D C6    1 
ATOM   643  P P     A DG  D 2 3  ? -7.105  -11.537 5.459   0.40 11.74 ? 33  DG  D P     1 
ATOM   644  O OP1   A DG  D 2 3  ? -6.786  -12.666 6.369   0.40 14.74 ? 33  DG  D OP1   1 
ATOM   645  O OP2   A DG  D 2 3  ? -6.730  -11.616 4.024   0.40 13.72 ? 33  DG  D OP2   1 
ATOM   646  O "O5'" A DG  D 2 3  ? -8.673  -11.282 5.543   0.40 13.06 ? 33  DG  D "O5'" 1 
ATOM   647  C "C5'" A DG  D 2 3  ? -9.380  -10.724 4.441   0.40 12.74 ? 33  DG  D "C5'" 1 
ATOM   648  C "C4'" A DG  D 2 3  ? -10.107 -9.471  4.869   0.40 8.79  ? 33  DG  D "C4'" 1 
ATOM   649  O "O4'" A DG  D 2 3  ? -9.159  -8.491  5.358   0.40 7.87  ? 33  DG  D "O4'" 1 
ATOM   650  C "C3'" A DG  D 2 3  ? -10.858 -8.788  3.731   0.40 8.97  ? 33  DG  D "C3'" 1 
ATOM   651  O "O3'" A DG  D 2 3  ? -12.044 -8.190  4.247   0.40 9.26  ? 33  DG  D "O3'" 1 
ATOM   652  C "C2'" A DG  D 2 3  ? -9.891  -7.712  3.273   0.40 6.48  ? 33  DG  D "C2'" 1 
ATOM   653  C "C1'" A DG  D 2 3  ? -9.230  -7.305  4.576   0.40 4.37  ? 33  DG  D "C1'" 1 
ATOM   654  N N9    A DG  D 2 3  ? -7.874  -6.792  4.420   0.40 0.11  ? 33  DG  D N9    1 
ATOM   655  C C8    A DG  D 2 3  ? -6.906  -7.262  3.564   0.40 0.92  ? 33  DG  D C8    1 
ATOM   656  N N7    A DG  D 2 3  ? -5.776  -6.616  3.660   0.40 0.11  ? 33  DG  D N7    1 
ATOM   657  C C5    A DG  D 2 3  ? -6.011  -5.659  4.637   0.40 0.26  ? 33  DG  D C5    1 
ATOM   658  C C6    A DG  D 2 3  ? -5.152  -4.665  5.174   0.40 0.11  ? 33  DG  D C6    1 
ATOM   659  O O6    A DG  D 2 3  ? -3.970  -4.427  4.889   0.40 3.09  ? 33  DG  D O6    1 
ATOM   660  N N1    A DG  D 2 3  ? -5.797  -3.903  6.141   0.40 0.11  ? 33  DG  D N1    1 
ATOM   661  C C2    A DG  D 2 3  ? -7.101  -4.070  6.538   0.40 1.29  ? 33  DG  D C2    1 
ATOM   662  N N2    A DG  D 2 3  ? -7.545  -3.225  7.479   0.40 2.19  ? 33  DG  D N2    1 
ATOM   663  N N3    A DG  D 2 3  ? -7.912  -4.996  6.049   0.40 0.11  ? 33  DG  D N3    1 
ATOM   664  C C4    A DG  D 2 3  ? -7.305  -5.749  5.109   0.40 0.11  ? 33  DG  D C4    1 
ATOM   665  P P     A DA  D 2 4  ? -13.446 -8.948  4.098   0.40 8.19  ? 34  DA  D P     1 
ATOM   666  O OP1   A DA  D 2 4  ? -13.494 -9.988  5.158   0.40 9.87  ? 34  DA  D OP1   1 
ATOM   667  O OP2   A DA  D 2 4  ? -13.623 -9.341  2.676   0.40 9.87  ? 34  DA  D OP2   1 
ATOM   668  O "O5'" A DA  D 2 4  ? -14.510 -7.822  4.467   0.40 9.38  ? 34  DA  D "O5'" 1 
ATOM   669  C "C5'" A DA  D 2 4  ? -14.645 -7.364  5.811   0.40 10.81 ? 34  DA  D "C5'" 1 
ATOM   670  C "C4'" A DA  D 2 4  ? -14.646 -5.853  5.853   0.40 10.52 ? 34  DA  D "C4'" 1 
ATOM   671  O "O4'" A DA  D 2 4  ? -13.334 -5.354  5.493   0.40 10.79 ? 34  DA  D "O4'" 1 
ATOM   672  C "C3'" A DA  D 2 4  ? -15.630 -5.192  4.888   0.40 11.23 ? 34  DA  D "C3'" 1 
ATOM   673  O "O3'" A DA  D 2 4  ? -16.206 -4.029  5.489   0.40 13.01 ? 34  DA  D "O3'" 1 
ATOM   674  C "C2'" A DA  D 2 4  ? -14.756 -4.801  3.712   0.40 10.24 ? 34  DA  D "C2'" 1 
ATOM   675  C "C1'" A DA  D 2 4  ? -13.440 -4.465  4.389   0.40 10.03 ? 34  DA  D "C1'" 1 
ATOM   676  N N9    A DA  D 2 4  ? -12.271 -4.668  3.532   0.40 9.55  ? 34  DA  D N9    1 
ATOM   677  C C8    A DA  D 2 4  ? -12.132 -5.574  2.509   0.40 9.84  ? 34  DA  D C8    1 
ATOM   678  N N7    A DA  D 2 4  ? -10.969 -5.515  1.905   0.40 8.27  ? 34  DA  D N7    1 
ATOM   679  C C5    A DA  D 2 4  ? -10.298 -4.506  2.577   0.40 7.12  ? 34  DA  D C5    1 
ATOM   680  C C6    A DA  D 2 4  ? -9.023  -3.961  2.415   0.40 5.70  ? 34  DA  D C6    1 
ATOM   681  N N6    A DA  D 2 4  ? -8.161  -4.377  1.491   0.40 5.66  ? 34  DA  D N6    1 
ATOM   682  N N1    A DA  D 2 4  ? -8.653  -2.962  3.245   0.40 5.91  ? 34  DA  D N1    1 
ATOM   683  C C2    A DA  D 2 4  ? -9.519  -2.551  4.173   0.40 7.16  ? 34  DA  D C2    1 
ATOM   684  N N3    A DA  D 2 4  ? -10.751 -2.985  4.425   0.40 9.33  ? 34  DA  D N3    1 
ATOM   685  C C4    A DA  D 2 4  ? -11.085 -3.976  3.582   0.40 8.64  ? 34  DA  D C4    1 
ATOM   686  P P     A DT  D 2 5  ? -16.916 -2.924  4.561   0.40 13.20 ? 35  DT  D P     1 
ATOM   687  O OP1   A DT  D 2 5  ? -17.734 -2.055  5.448   0.40 12.33 ? 35  DT  D OP1   1 
ATOM   688  O OP2   A DT  D 2 5  ? -17.555 -3.611  3.410   0.40 14.90 ? 35  DT  D OP2   1 
ATOM   689  O "O5'" A DT  D 2 5  ? -15.698 -2.064  4.001   0.40 15.35 ? 35  DT  D "O5'" 1 
ATOM   690  C "C5'" A DT  D 2 5  ? -15.062 -1.080  4.815   0.40 13.62 ? 35  DT  D "C5'" 1 
ATOM   691  C "C4'" A DT  D 2 5  ? -14.476 0.012   3.951   0.40 14.05 ? 35  DT  D "C4'" 1 
ATOM   692  O "O4'" A DT  D 2 5  ? -13.264 -0.443  3.303   0.40 12.86 ? 35  DT  D "O4'" 1 
ATOM   693  C "C3'" A DT  D 2 5  ? -15.399 0.494   2.829   0.40 14.15 ? 35  DT  D "C3'" 1 
ATOM   694  O "O3'" A DT  D 2 5  ? -15.235 1.903   2.656   0.40 18.69 ? 35  DT  D "O3'" 1 
ATOM   695  C "C2'" A DT  D 2 5  ? -14.849 -0.221  1.608   0.40 10.09 ? 35  DT  D "C2'" 1 
ATOM   696  C "C1'" A DT  D 2 5  ? -13.366 -0.186  1.913   0.40 9.27  ? 35  DT  D "C1'" 1 
ATOM   697  N N1    A DT  D 2 5  ? -12.535 -1.168  1.201   0.40 4.96  ? 35  DT  D N1    1 
ATOM   698  C C2    A DT  D 2 5  ? -11.181 -0.959  1.218   0.40 0.97  ? 35  DT  D C2    1 
ATOM   699  O O2    A DT  D 2 5  ? -10.668 -0.013  1.788   0.40 0.11  ? 35  DT  D O2    1 
ATOM   700  N N3    A DT  D 2 5  ? -10.448 -1.897  0.540   0.40 1.78  ? 35  DT  D N3    1 
ATOM   701  C C4    A DT  D 2 5  ? -10.928 -2.999  -0.141  0.40 3.84  ? 35  DT  D C4    1 
ATOM   702  O O4    A DT  D 2 5  ? -10.145 -3.762  -0.704  0.40 4.44  ? 35  DT  D O4    1 
ATOM   703  C C5    A DT  D 2 5  ? -12.366 -3.155  -0.123  0.40 3.92  ? 35  DT  D C5    1 
ATOM   704  C C7    A DT  D 2 5  ? -12.977 -4.314  -0.843  0.40 3.15  ? 35  DT  D C7    1 
ATOM   705  C C6    A DT  D 2 5  ? -13.088 -2.245  0.543   0.40 3.87  ? 35  DT  D C6    1 
ATOM   706  P P     A DA  D 2 6  ? -16.361 2.909   3.206   0.40 22.09 ? 36  DA  D P     1 
ATOM   707  O OP1   A DA  D 2 6  ? -16.557 2.594   4.647   0.40 20.89 ? 36  DA  D OP1   1 
ATOM   708  O OP2   A DA  D 2 6  ? -17.525 2.898   2.282   0.40 19.40 ? 36  DA  D OP2   1 
ATOM   709  O "O5'" A DA  D 2 6  ? -15.661 4.332   3.109   0.40 18.06 ? 36  DA  D "O5'" 1 
ATOM   710  C "C5'" A DA  D 2 6  ? -14.640 4.703   4.023   0.40 14.32 ? 36  DA  D "C5'" 1 
ATOM   711  C "C4'" A DA  D 2 6  ? -13.590 5.515   3.307   0.40 13.59 ? 36  DA  D "C4'" 1 
ATOM   712  O "O4'" A DA  D 2 6  ? -12.795 4.646   2.465   0.40 11.84 ? 36  DA  D "O4'" 1 
ATOM   713  C "C3'" A DA  D 2 6  ? -14.178 6.578   2.386   0.40 11.77 ? 36  DA  D "C3'" 1 
ATOM   714  O "O3'" A DA  D 2 6  ? -13.365 7.746   2.428   0.40 15.52 ? 36  DA  D "O3'" 1 
ATOM   715  C "C2'" A DA  D 2 6  ? -14.141 5.921   1.018   0.40 10.27 ? 36  DA  D "C2'" 1 
ATOM   716  C "C1'" A DA  D 2 6  ? -12.915 5.028   1.102   0.40 9.28  ? 36  DA  D "C1'" 1 
ATOM   717  N N9    A DA  D 2 6  ? -13.024 3.803   0.309   0.40 5.32  ? 36  DA  D N9    1 
ATOM   718  C C8    A DA  D 2 6  ? -14.165 3.107   0.000   0.40 3.75  ? 36  DA  D C8    1 
ATOM   719  N N7    A DA  D 2 6  ? -13.949 2.030   -0.717  0.40 3.10  ? 36  DA  D N7    1 
ATOM   720  C C5    A DA  D 2 6  ? -12.575 2.017   -0.894  0.40 0.64  ? 36  DA  D C5    1 
ATOM   721  C C6    A DA  D 2 6  ? -11.715 1.127   -1.562  0.40 1.81  ? 36  DA  D C6    1 
ATOM   722  N N6    A DA  D 2 6  ? -12.132 0.029   -2.199  0.40 0.53  ? 36  DA  D N6    1 
ATOM   723  N N1    A DA  D 2 6  ? -10.392 1.406   -1.552  0.40 1.70  ? 36  DA  D N1    1 
ATOM   724  C C2    A DA  D 2 6  ? -9.975  2.502   -0.910  0.40 1.49  ? 36  DA  D C2    1 
ATOM   725  N N3    A DA  D 2 6  ? -10.683 3.411   -0.244  0.40 3.64  ? 36  DA  D N3    1 
ATOM   726  C C4    A DA  D 2 6  ? -11.992 3.106   -0.273  0.40 2.73  ? 36  DA  D C4    1 
ATOM   727  P P     A DC  D 2 7  ? -13.522 8.874   1.295   0.40 15.56 ? 37  DC  D P     1 
ATOM   728  O OP1   A DC  D 2 7  ? -13.356 10.191  1.958   0.40 16.54 ? 37  DC  D OP1   1 
ATOM   729  O OP2   A DC  D 2 7  ? -14.757 8.598   0.513   0.40 16.28 ? 37  DC  D OP2   1 
ATOM   730  O "O5'" A DC  D 2 7  ? -12.250 8.621   0.372   0.40 14.64 ? 37  DC  D "O5'" 1 
ATOM   731  C "C5'" A DC  D 2 7  ? -10.953 8.538   0.960   0.40 15.74 ? 37  DC  D "C5'" 1 
ATOM   732  C "C4'" A DC  D 2 7  ? -9.895  8.412   -0.109  0.40 15.23 ? 37  DC  D "C4'" 1 
ATOM   733  O "O4'" A DC  D 2 7  ? -9.937  7.093   -0.706  0.40 15.74 ? 37  DC  D "O4'" 1 
ATOM   734  C "C3'" A DC  D 2 7  ? -10.042 9.404   -1.260  0.40 15.26 ? 37  DC  D "C3'" 1 
ATOM   735  O "O3'" A DC  D 2 7  ? -8.751  9.868   -1.646  0.40 18.17 ? 37  DC  D "O3'" 1 
ATOM   736  C "C2'" A DC  D 2 7  ? -10.671 8.571   -2.363  0.40 13.88 ? 37  DC  D "C2'" 1 
ATOM   737  C "C1'" A DC  D 2 7  ? -10.050 7.210   -2.116  0.40 13.47 ? 37  DC  D "C1'" 1 
ATOM   738  N N1    A DC  D 2 7  ? -10.836 6.065   -2.604  0.40 10.95 ? 37  DC  D N1    1 
ATOM   739  C C2    A DC  D 2 7  ? -10.216 5.129   -3.430  0.40 9.98  ? 37  DC  D C2    1 
ATOM   740  O O2    A DC  D 2 7  ? -9.026  5.296   -3.735  0.40 11.54 ? 37  DC  D O2    1 
ATOM   741  N N3    A DC  D 2 7  ? -10.924 4.066   -3.874  0.40 7.82  ? 37  DC  D N3    1 
ATOM   742  C C4    A DC  D 2 7  ? -12.202 3.925   -3.526  0.40 6.27  ? 37  DC  D C4    1 
ATOM   743  N N4    A DC  D 2 7  ? -12.861 2.865   -3.993  0.40 3.75  ? 37  DC  D N4    1 
ATOM   744  C C5    A DC  D 2 7  ? -12.862 4.866   -2.688  0.40 7.65  ? 37  DC  D C5    1 
ATOM   745  C C6    A DC  D 2 7  ? -12.148 5.913   -2.254  0.40 10.75 ? 37  DC  D C6    1 
ATOM   746  P P     A DC  D 2 8  ? -8.606  10.835  -2.914  0.40 20.35 ? 38  DC  D P     1 
ATOM   747  O OP1   A DC  D 2 8  ? -7.211  11.346  -2.927  0.40 19.53 ? 38  DC  D OP1   1 
ATOM   748  O OP2   A DC  D 2 8  ? -9.740  11.795  -2.901  0.40 22.08 ? 38  DC  D OP2   1 
ATOM   749  O "O5'" A DC  D 2 8  ? -8.803  9.848   -4.147  0.40 20.04 ? 38  DC  D "O5'" 1 
ATOM   750  C "C5'" A DC  D 2 8  ? -7.741  9.013   -4.594  0.40 21.15 ? 38  DC  D "C5'" 1 
ATOM   751  C "C4'" A DC  D 2 8  ? -7.777  8.909   -6.099  0.40 21.94 ? 38  DC  D "C4'" 1 
ATOM   752  O "O4'" A DC  D 2 8  ? -8.866  8.047   -6.499  0.40 22.19 ? 38  DC  D "O4'" 1 
ATOM   753  C "C3'" A DC  D 2 8  ? -8.029  10.255  -6.772  0.40 21.73 ? 38  DC  D "C3'" 1 
ATOM   754  O "O3'" A DC  D 2 8  ? -7.288  10.348  -7.987  0.40 24.44 ? 38  DC  D "O3'" 1 
ATOM   755  C "C2'" A DC  D 2 8  ? -9.526  10.245  -7.026  0.40 21.33 ? 38  DC  D "C2'" 1 
ATOM   756  C "C1'" A DC  D 2 8  ? -9.831  8.772   -7.249  0.40 20.89 ? 38  DC  D "C1'" 1 
ATOM   757  N N1    A DC  D 2 8  ? -11.157 8.360   -6.765  0.40 19.59 ? 38  DC  D N1    1 
ATOM   758  C C2    A DC  D 2 8  ? -11.591 7.056   -7.019  0.40 20.94 ? 38  DC  D C2    1 
ATOM   759  O O2    A DC  D 2 8  ? -10.861 6.301   -7.677  0.40 24.05 ? 38  DC  D O2    1 
ATOM   760  N N3    A DC  D 2 8  ? -12.790 6.653   -6.543  0.40 21.31 ? 38  DC  D N3    1 
ATOM   761  C C4    A DC  D 2 8  ? -13.547 7.499   -5.842  0.40 21.22 ? 38  DC  D C4    1 
ATOM   762  N N4    A DC  D 2 8  ? -14.711 7.050   -5.369  0.40 21.52 ? 38  DC  D N4    1 
ATOM   763  C C5    A DC  D 2 8  ? -13.140 8.842   -5.588  0.40 21.45 ? 38  DC  D C5    1 
ATOM   764  C C6    A DC  D 2 8  ? -11.948 9.228   -6.065  0.40 20.03 ? 38  DC  D C6    1 
ATOM   765  P P     A DG  D 2 9  ? -6.108  11.430  -8.110  0.40 24.48 ? 39  DG  D P     1 
ATOM   766  O OP1   A DG  D 2 9  ? -5.202  11.258  -6.947  0.40 26.69 ? 39  DG  D OP1   1 
ATOM   767  O OP2   A DG  D 2 9  ? -6.739  12.750  -8.360  0.40 26.68 ? 39  DG  D OP2   1 
ATOM   768  O "O5'" A DG  D 2 9  ? -5.320  10.976  -9.414  0.40 25.85 ? 39  DG  D "O5'" 1 
ATOM   769  C "C5'" A DG  D 2 9  ? -4.697  9.696   -9.469  0.40 28.97 ? 39  DG  D "C5'" 1 
ATOM   770  C "C4'" A DG  D 2 9  ? -5.245  8.899   -10.630 0.40 30.53 ? 39  DG  D "C4'" 1 
ATOM   771  O "O4'" A DG  D 2 9  ? -6.663  8.686   -10.431 0.40 31.52 ? 39  DG  D "O4'" 1 
ATOM   772  C "C3'" A DG  D 2 9  ? -5.106  9.595   -11.981 0.40 31.31 ? 39  DG  D "C3'" 1 
ATOM   773  O "O3'" A DG  D 2 9  ? -4.839  8.629   -12.996 0.40 31.79 ? 39  DG  D "O3'" 1 
ATOM   774  C "C2'" A DG  D 2 9  ? -6.468  10.228  -12.193 0.40 32.15 ? 39  DG  D "C2'" 1 
ATOM   775  C "C1'" A DG  D 2 9  ? -7.399  9.239   -11.512 0.40 31.47 ? 39  DG  D "C1'" 1 
ATOM   776  N N9    A DG  D 2 9  ? -8.608  9.846   -10.965 0.40 30.67 ? 39  DG  D N9    1 
ATOM   777  C C8    A DG  D 2 9  ? -8.774  11.155  -10.574 0.40 30.67 ? 39  DG  D C8    1 
ATOM   778  N N7    A DG  D 2 9  ? -9.977  11.408  -10.134 0.40 29.84 ? 39  DG  D N7    1 
ATOM   779  C C5    A DG  D 2 9  ? -10.643 10.196  -10.238 0.40 30.08 ? 39  DG  D C5    1 
ATOM   780  C C6    A DG  D 2 9  ? -11.978 9.850   -9.910  0.40 29.83 ? 39  DG  D C6    1 
ATOM   781  O O6    A DG  D 2 9  ? -12.869 10.573  -9.445  0.40 30.32 ? 39  DG  D O6    1 
ATOM   782  N N1    A DG  D 2 9  ? -12.237 8.508   -10.172 0.40 29.43 ? 39  DG  D N1    1 
ATOM   783  C C2    A DG  D 2 9  ? -11.330 7.612   -10.683 0.40 29.25 ? 39  DG  D C2    1 
ATOM   784  N N2    A DG  D 2 9  ? -11.770 6.358   -10.860 0.40 30.29 ? 39  DG  D N2    1 
ATOM   785  N N3    A DG  D 2 9  ? -10.083 7.922   -10.993 0.40 29.92 ? 39  DG  D N3    1 
ATOM   786  C C4    A DG  D 2 9  ? -9.810  9.220   -10.748 0.40 30.34 ? 39  DG  D C4    1 
ATOM   787  P P     A DG  D 2 10 ? -3.491  8.743   -13.861 0.40 33.61 ? 40  DG  D P     1 
ATOM   788  O OP1   A DG  D 2 10 ? -2.350  8.854   -12.919 0.40 32.56 ? 40  DG  D OP1   1 
ATOM   789  O OP2   A DG  D 2 10 ? -3.707  9.803   -14.880 0.40 32.91 ? 40  DG  D OP2   1 
ATOM   790  O "O5'" A DG  D 2 10 ? -3.400  7.334   -14.598 0.40 33.12 ? 40  DG  D "O5'" 1 
ATOM   791  C "C5'" A DG  D 2 10 ? -3.815  7.184   -15.954 0.40 33.59 ? 40  DG  D "C5'" 1 
ATOM   792  C "C4'" A DG  D 2 10 ? -4.684  5.957   -16.102 0.40 32.31 ? 40  DG  D "C4'" 1 
ATOM   793  O "O4'" A DG  D 2 10 ? -5.849  6.113   -15.259 0.40 31.18 ? 40  DG  D "O4'" 1 
ATOM   794  C "C3'" A DG  D 2 10 ? -5.234  5.747   -17.513 0.40 31.28 ? 40  DG  D "C3'" 1 
ATOM   795  O "O3'" A DG  D 2 10 ? -5.645  4.387   -17.666 0.40 30.82 ? 40  DG  D "O3'" 1 
ATOM   796  C "C2'" A DG  D 2 10 ? -6.524  6.538   -17.474 0.40 29.94 ? 40  DG  D "C2'" 1 
ATOM   797  C "C1'" A DG  D 2 10 ? -7.011  6.244   -16.066 0.40 30.01 ? 40  DG  D "C1'" 1 
ATOM   798  N N9    A DG  D 2 10 ? -7.845  7.293   -15.491 0.40 28.57 ? 40  DG  D N9    1 
ATOM   799  C C8    A DG  D 2 10 ? -7.481  8.586   -15.197 0.40 27.75 ? 40  DG  D C8    1 
ATOM   800  N N7    A DG  D 2 10 ? -8.459  9.290   -14.694 0.40 26.81 ? 40  DG  D N7    1 
ATOM   801  C C5    A DG  D 2 10 ? -9.530  8.407   -14.653 0.40 26.48 ? 40  DG  D C5    1 
ATOM   802  C C6    A DG  D 2 10 ? -10.859 8.597   -14.208 0.40 25.98 ? 40  DG  D C6    1 
ATOM   803  O O6    A DG  D 2 10 ? -11.382 9.620   -13.747 0.40 25.58 ? 40  DG  D O6    1 
ATOM   804  N N1    A DG  D 2 10 ? -11.611 7.433   -14.343 0.40 25.85 ? 40  DG  D N1    1 
ATOM   805  C C2    A DG  D 2 10 ? -11.144 6.241   -14.841 0.40 25.32 ? 40  DG  D C2    1 
ATOM   806  N N2    A DG  D 2 10 ? -12.020 5.229   -14.886 0.40 25.81 ? 40  DG  D N2    1 
ATOM   807  N N3    A DG  D 2 10 ? -9.911  6.055   -15.262 0.40 25.91 ? 40  DG  D N3    1 
ATOM   808  C C4    A DG  D 2 10 ? -9.162  7.171   -15.139 0.40 26.97 ? 40  DG  D C4    1 
ATOM   809  O "O5'" B DC  E 2 1  ? 19.411  -11.515 8.008   0.60 15.26 ? 201 DC  E "O5'" 1 
ATOM   810  C "C5'" B DC  E 2 1  ? 19.044  -11.585 6.624   0.60 19.15 ? 201 DC  E "C5'" 1 
ATOM   811  C "C4'" B DC  E 2 1  ? 18.770  -12.996 6.156   0.60 19.12 ? 201 DC  E "C4'" 1 
ATOM   812  O "O4'" B DC  E 2 1  ? 17.838  -13.628 7.064   0.60 17.93 ? 201 DC  E "O4'" 1 
ATOM   813  C "C3'" B DC  E 2 1  ? 18.132  -13.095 4.769   0.60 19.79 ? 201 DC  E "C3'" 1 
ATOM   814  O "O3'" B DC  E 2 1  ? 18.577  -14.287 4.113   0.60 22.71 ? 201 DC  E "O3'" 1 
ATOM   815  C "C2'" B DC  E 2 1  ? 16.652  -13.200 5.086   0.60 17.80 ? 201 DC  E "C2'" 1 
ATOM   816  C "C1'" B DC  E 2 1  ? 16.674  -14.023 6.360   0.60 16.70 ? 201 DC  E "C1'" 1 
ATOM   817  N N1    B DC  E 2 1  ? 15.522  -13.833 7.251   0.60 14.27 ? 201 DC  E N1    1 
ATOM   818  C C2    B DC  E 2 1  ? 14.361  -14.551 6.995   0.60 12.36 ? 201 DC  E C2    1 
ATOM   819  O O2    B DC  E 2 1  ? 14.330  -15.295 6.005   0.60 9.98  ? 201 DC  E O2    1 
ATOM   820  N N3    B DC  E 2 1  ? 13.301  -14.417 7.825   0.60 13.44 ? 201 DC  E N3    1 
ATOM   821  C C4    B DC  E 2 1  ? 13.378  -13.594 8.873   0.60 14.46 ? 201 DC  E C4    1 
ATOM   822  N N4    B DC  E 2 1  ? 12.312  -13.501 9.673   0.60 16.44 ? 201 DC  E N4    1 
ATOM   823  C C5    B DC  E 2 1  ? 14.549  -12.834 9.148   0.60 14.45 ? 201 DC  E C5    1 
ATOM   824  C C6    B DC  E 2 1  ? 15.588  -12.983 8.318   0.60 13.88 ? 201 DC  E C6    1 
ATOM   825  P P     B DC  E 2 2  ? 19.120  -14.212 2.602   0.60 25.75 ? 202 DC  E P     1 
ATOM   826  O OP1   B DC  E 2 2  ? 19.449  -15.594 2.163   0.60 24.67 ? 202 DC  E OP1   1 
ATOM   827  O OP2   B DC  E 2 2  ? 20.168  -13.163 2.565   0.60 26.45 ? 202 DC  E OP2   1 
ATOM   828  O "O5'" B DC  E 2 2  ? 17.868  -13.698 1.759   0.60 25.82 ? 202 DC  E "O5'" 1 
ATOM   829  C "C5'" B DC  E 2 2  ? 16.958  -14.624 1.168   0.60 26.94 ? 202 DC  E "C5'" 1 
ATOM   830  C "C4'" B DC  E 2 2  ? 15.720  -13.910 0.675   0.60 27.68 ? 202 DC  E "C4'" 1 
ATOM   831  O "O4'" B DC  E 2 2  ? 15.019  -13.319 1.795   0.60 28.77 ? 202 DC  E "O4'" 1 
ATOM   832  C "C3'" B DC  E 2 2  ? 15.955  -12.773 -0.322  0.60 27.32 ? 202 DC  E "C3'" 1 
ATOM   833  O "O3'" B DC  E 2 2  ? 14.883  -12.755 -1.271  0.60 26.03 ? 202 DC  E "O3'" 1 
ATOM   834  C "C2'" B DC  E 2 2  ? 15.865  -11.534 0.549   0.60 28.44 ? 202 DC  E "C2'" 1 
ATOM   835  C "C1'" B DC  E 2 2  ? 14.778  -11.947 1.522   0.60 30.49 ? 202 DC  E "C1'" 1 
ATOM   836  N N1    B DC  E 2 2  ? 14.754  -11.224 2.802   0.60 32.06 ? 202 DC  E N1    1 
ATOM   837  C C2    B DC  E 2 2  ? 13.514  -10.886 3.350   0.60 32.34 ? 202 DC  E C2    1 
ATOM   838  O O2    B DC  E 2 2  ? 12.484  -11.196 2.729   0.60 33.43 ? 202 DC  E O2    1 
ATOM   839  N N3    B DC  E 2 2  ? 13.465  -10.232 4.533   0.60 31.83 ? 202 DC  E N3    1 
ATOM   840  C C4    B DC  E 2 2  ? 14.597  -9.914  5.164   0.60 32.59 ? 202 DC  E C4    1 
ATOM   841  N N4    B DC  E 2 2  ? 14.501  -9.276  6.332   0.60 31.42 ? 202 DC  E N4    1 
ATOM   842  C C5    B DC  E 2 2  ? 15.880  -10.240 4.625   0.60 33.13 ? 202 DC  E C5    1 
ATOM   843  C C6    B DC  E 2 2  ? 15.911  -10.890 3.452   0.60 32.40 ? 202 DC  E C6    1 
ATOM   844  P P     B DG  E 2 3  ? 15.197  -12.893 -2.839  0.60 25.00 ? 203 DG  E P     1 
ATOM   845  O OP1   B DG  E 2 3  ? 16.156  -14.009 -3.039  0.60 25.73 ? 203 DG  E OP1   1 
ATOM   846  O OP2   B DG  E 2 3  ? 15.529  -11.538 -3.346  0.60 25.36 ? 203 DG  E OP2   1 
ATOM   847  O "O5'" B DG  E 2 3  ? 13.799  -13.318 -3.465  0.60 23.90 ? 203 DG  E "O5'" 1 
ATOM   848  C "C5'" B DG  E 2 3  ? 12.958  -12.351 -4.086  0.60 26.32 ? 203 DG  E "C5'" 1 
ATOM   849  C "C4'" B DG  E 2 3  ? 11.626  -12.283 -3.376  0.60 25.66 ? 203 DG  E "C4'" 1 
ATOM   850  O "O4'" B DG  E 2 3  ? 11.830  -11.950 -1.981  0.60 26.26 ? 203 DG  E "O4'" 1 
ATOM   851  C "C3'" B DG  E 2 3  ? 10.687  -11.213 -3.924  0.60 25.03 ? 203 DG  E "C3'" 1 
ATOM   852  O "O3'" B DG  E 2 3  ? 9.340   -11.664 -3.804  0.60 24.46 ? 203 DG  E "O3'" 1 
ATOM   853  C "C2'" B DG  E 2 3  ? 10.923  -10.039 -2.993  0.60 25.09 ? 203 DG  E "C2'" 1 
ATOM   854  C "C1'" B DG  E 2 3  ? 11.155  -10.738 -1.668  0.60 25.48 ? 203 DG  E "C1'" 1 
ATOM   855  N N9    B DG  E 2 3  ? 11.989  -9.992  -0.733  0.60 25.87 ? 203 DG  E N9    1 
ATOM   856  C C8    B DG  E 2 3  ? 13.299  -9.621  -0.906  0.60 26.88 ? 203 DG  E C8    1 
ATOM   857  N N7    B DG  E 2 3  ? 13.789  -8.975  0.118   0.60 26.90 ? 203 DG  E N7    1 
ATOM   858  C C5    B DG  E 2 3  ? 12.736  -8.912  1.019   0.60 26.27 ? 203 DG  E C5    1 
ATOM   859  C C6    B DG  E 2 3  ? 12.668  -8.334  2.315   0.60 26.68 ? 203 DG  E C6    1 
ATOM   860  O O6    B DG  E 2 3  ? 13.560  -7.753  2.948   0.60 25.74 ? 203 DG  E O6    1 
ATOM   861  N N1    B DG  E 2 3  ? 11.405  -8.488  2.877   0.60 26.02 ? 203 DG  E N1    1 
ATOM   862  C C2    B DG  E 2 3  ? 10.344  -9.122  2.276   0.60 26.32 ? 203 DG  E C2    1 
ATOM   863  N N2    B DG  E 2 3  ? 9.201   -9.162  2.978   0.60 26.36 ? 203 DG  E N2    1 
ATOM   864  N N3    B DG  E 2 3  ? 10.398  -9.673  1.075   0.60 27.00 ? 203 DG  E N3    1 
ATOM   865  C C4    B DG  E 2 3  ? 11.615  -9.530  0.508   0.60 26.91 ? 203 DG  E C4    1 
ATOM   866  P P     B DA  E 2 4  ? 8.312   -11.420 -5.010  0.60 23.58 ? 204 DA  E P     1 
ATOM   867  O OP1   B DA  E 2 4  ? 8.192   -12.681 -5.785  0.60 22.51 ? 204 DA  E OP1   1 
ATOM   868  O OP2   B DA  E 2 4  ? 8.724   -10.171 -5.697  0.60 21.92 ? 204 DA  E OP2   1 
ATOM   869  O "O5'" B DA  E 2 4  ? 6.931   -11.145 -4.266  0.60 22.33 ? 204 DA  E "O5'" 1 
ATOM   870  C "C5'" B DA  E 2 4  ? 6.408   -12.077 -3.325  0.60 20.67 ? 204 DA  E "C5'" 1 
ATOM   871  C "C4'" B DA  E 2 4  ? 5.711   -11.343 -2.205  0.60 21.32 ? 204 DA  E "C4'" 1 
ATOM   872  O "O4'" B DA  E 2 4  ? 6.685   -10.726 -1.328  0.60 20.12 ? 204 DA  E "O4'" 1 
ATOM   873  C "C3'" B DA  E 2 4  ? 4.791   -10.216 -2.675  0.60 22.10 ? 204 DA  E "C3'" 1 
ATOM   874  O "O3'" B DA  E 2 4  ? 3.604   -10.183 -1.879  0.60 23.80 ? 204 DA  E "O3'" 1 
ATOM   875  C "C2'" B DA  E 2 4  ? 5.623   -8.965  -2.453  0.60 21.29 ? 204 DA  E "C2'" 1 
ATOM   876  C "C1'" B DA  E 2 4  ? 6.430   -9.334  -1.220  0.60 20.40 ? 204 DA  E "C1'" 1 
ATOM   877  N N9    B DA  E 2 4  ? 7.717   -8.647  -1.108  0.60 19.34 ? 204 DA  E N9    1 
ATOM   878  C C8    B DA  E 2 4  ? 8.850   -8.847  -1.856  0.60 19.07 ? 204 DA  E C8    1 
ATOM   879  N N7    B DA  E 2 4  ? 9.854   -8.074  -1.512  0.60 19.56 ? 204 DA  E N7    1 
ATOM   880  C C5    B DA  E 2 4  ? 9.346   -7.314  -0.468  0.60 17.07 ? 204 DA  E C5    1 
ATOM   881  C C6    B DA  E 2 4  ? 9.914   -6.311  0.337   0.60 17.20 ? 204 DA  E C6    1 
ATOM   882  N N6    B DA  E 2 4  ? 11.174  -5.883  0.213   0.60 13.71 ? 204 DA  E N6    1 
ATOM   883  N N1    B DA  E 2 4  ? 9.135   -5.755  1.288   0.60 16.47 ? 204 DA  E N1    1 
ATOM   884  C C2    B DA  E 2 4  ? 7.876   -6.186  1.417   0.60 16.70 ? 204 DA  E C2    1 
ATOM   885  N N3    B DA  E 2 4  ? 7.231   -7.121  0.729   0.60 17.34 ? 204 DA  E N3    1 
ATOM   886  C C4    B DA  E 2 4  ? 8.032   -7.654  -0.210  0.60 18.06 ? 204 DA  E C4    1 
ATOM   887  P P     B DT  E 2 5  ? 2.494   -9.059  -2.162  0.60 24.29 ? 205 DT  E P     1 
ATOM   888  O OP1   B DT  E 2 5  ? 1.178   -9.545  -1.671  0.60 22.94 ? 205 DT  E OP1   1 
ATOM   889  O OP2   B DT  E 2 5  ? 2.643   -8.643  -3.580  0.60 22.39 ? 205 DT  E OP2   1 
ATOM   890  O "O5'" B DT  E 2 5  ? 2.958   -7.850  -1.240  0.60 22.07 ? 205 DT  E "O5'" 1 
ATOM   891  C "C5'" B DT  E 2 5  ? 2.984   -7.981  0.176   0.60 19.98 ? 205 DT  E "C5'" 1 
ATOM   892  C "C4'" B DT  E 2 5  ? 3.176   -6.627  0.815   0.60 20.48 ? 205 DT  E "C4'" 1 
ATOM   893  O "O4'" B DT  E 2 5  ? 4.557   -6.204  0.715   0.60 20.87 ? 205 DT  E "O4'" 1 
ATOM   894  C "C3'" B DT  E 2 5  ? 2.346   -5.522  0.160   0.60 21.23 ? 205 DT  E "C3'" 1 
ATOM   895  O "O3'" B DT  E 2 5  ? 1.861   -4.636  1.163   0.60 21.00 ? 205 DT  E "O3'" 1 
ATOM   896  C "C2'" B DT  E 2 5  ? 3.360   -4.798  -0.708  0.60 20.61 ? 205 DT  E "C2'" 1 
ATOM   897  C "C1'" B DT  E 2 5  ? 4.601   -4.903  0.153   0.60 21.96 ? 205 DT  E "C1'" 1 
ATOM   898  N N1    B DT  E 2 5  ? 5.886   -4.739  -0.553  0.60 22.22 ? 205 DT  E N1    1 
ATOM   899  C C2    B DT  E 2 5  ? 6.730   -3.753  -0.097  0.60 21.06 ? 205 DT  E C2    1 
ATOM   900  O O2    B DT  E 2 5  ? 6.464   -3.041  0.858   0.60 18.99 ? 205 DT  E O2    1 
ATOM   901  N N3    B DT  E 2 5  ? 7.902   -3.632  -0.798  0.60 20.99 ? 205 DT  E N3    1 
ATOM   902  C C4    B DT  E 2 5  ? 8.306   -4.381  -1.884  0.60 22.26 ? 205 DT  E C4    1 
ATOM   903  O O4    B DT  E 2 5  ? 9.387   -4.146  -2.420  0.60 25.67 ? 205 DT  E O4    1 
ATOM   904  C C5    B DT  E 2 5  ? 7.380   -5.405  -2.304  0.60 22.74 ? 205 DT  E C5    1 
ATOM   905  C C7    B DT  E 2 5  ? 7.740   -6.272  -3.468  0.60 23.42 ? 205 DT  E C7    1 
ATOM   906  C C6    B DT  E 2 5  ? 6.229   -5.532  -1.627  0.60 22.96 ? 205 DT  E C6    1 
ATOM   907  P P     B DA  E 2 6  ? 0.336   -4.142  1.122   0.60 17.93 ? 206 DA  E P     1 
ATOM   908  O OP1   B DA  E 2 6  ? -0.515  -5.177  1.766   0.60 16.55 ? 206 DA  E OP1   1 
ATOM   909  O OP2   B DA  E 2 6  ? 0.046   -3.716  -0.268  0.60 21.05 ? 206 DA  E OP2   1 
ATOM   910  O "O5'" B DA  E 2 6  ? 0.364   -2.860  2.062   0.60 16.84 ? 206 DA  E "O5'" 1 
ATOM   911  C "C5'" B DA  E 2 6  ? 0.916   -2.947  3.371   0.60 16.35 ? 206 DA  E "C5'" 1 
ATOM   912  C "C4'" B DA  E 2 6  ? 1.744   -1.722  3.675   0.60 14.41 ? 206 DA  E "C4'" 1 
ATOM   913  O "O4'" B DA  E 2 6  ? 2.907   -1.685  2.811   0.60 13.66 ? 206 DA  E "O4'" 1 
ATOM   914  C "C3'" B DA  E 2 6  ? 1.008   -0.400  3.459   0.60 15.03 ? 206 DA  E "C3'" 1 
ATOM   915  O "O3'" B DA  E 2 6  ? 1.355   0.525   4.496   0.60 18.60 ? 206 DA  E "O3'" 1 
ATOM   916  C "C2'" B DA  E 2 6  ? 1.543   0.080   2.121   0.60 12.32 ? 206 DA  E "C2'" 1 
ATOM   917  C "C1'" B DA  E 2 6  ? 2.972   -0.428  2.159   0.60 10.89 ? 206 DA  E "C1'" 1 
ATOM   918  N N9    B DA  E 2 6  ? 3.595   -0.623  0.849   0.60 5.69  ? 206 DA  E N9    1 
ATOM   919  C C8    B DA  E 2 6  ? 3.007   -1.062  -0.314  0.60 4.47  ? 206 DA  E C8    1 
ATOM   920  N N7    B DA  E 2 6  ? 3.830   -1.121  -1.334  0.60 0.11  ? 206 DA  E N7    1 
ATOM   921  C C5    B DA  E 2 6  ? 5.042   -0.696  -0.809  0.60 1.02  ? 206 DA  E C5    1 
ATOM   922  C C6    B DA  E 2 6  ? 6.316   -0.534  -1.380  0.60 0.11  ? 206 DA  E C6    1 
ATOM   923  N N6    B DA  E 2 6  ? 6.592   -0.782  -2.665  0.60 0.11  ? 206 DA  E N6    1 
ATOM   924  N N1    B DA  E 2 6  ? 7.310   -0.097  -0.580  0.60 0.11  ? 206 DA  E N1    1 
ATOM   925  C C2    B DA  E 2 6  ? 7.034   0.162   0.703   0.60 0.11  ? 206 DA  E C2    1 
ATOM   926  N N3    B DA  E 2 6  ? 5.879   0.054   1.355   0.60 1.88  ? 206 DA  E N3    1 
ATOM   927  C C4    B DA  E 2 6  ? 4.911   -0.387  0.534   0.60 2.82  ? 206 DA  E C4    1 
ATOM   928  P P     B DC  E 2 7  ? 0.231   1.011   5.537   0.60 21.54 ? 207 DC  E P     1 
ATOM   929  O OP1   B DC  E 2 7  ? 0.655   2.318   6.100   0.60 23.19 ? 207 DC  E OP1   1 
ATOM   930  O OP2   B DC  E 2 7  ? -0.048  -0.123  6.451   0.60 20.57 ? 207 DC  E OP2   1 
ATOM   931  O "O5'" B DC  E 2 7  ? -1.055  1.254   4.630   0.60 17.63 ? 207 DC  E "O5'" 1 
ATOM   932  C "C5'" B DC  E 2 7  ? -1.204  2.452   3.868   0.60 14.94 ? 207 DC  E "C5'" 1 
ATOM   933  C "C4'" B DC  E 2 7  ? -2.666  2.817   3.745   0.60 11.54 ? 207 DC  E "C4'" 1 
ATOM   934  O "O4'" B DC  E 2 7  ? -3.344  1.893   2.863   0.60 8.97  ? 207 DC  E "O4'" 1 
ATOM   935  C "C3'" B DC  E 2 7  ? -3.438  2.784   5.060   0.60 8.61  ? 207 DC  E "C3'" 1 
ATOM   936  O "O3'" B DC  E 2 7  ? -4.394  3.844   5.094   0.60 10.04 ? 207 DC  E "O3'" 1 
ATOM   937  C "C2'" B DC  E 2 7  ? -4.114  1.425   5.040   0.60 7.70  ? 207 DC  E "C2'" 1 
ATOM   938  C "C1'" B DC  E 2 7  ? -4.361  1.185   3.559   0.60 5.78  ? 207 DC  E "C1'" 1 
ATOM   939  N N1    B DC  E 2 7  ? -4.266  -0.225  3.149   0.60 3.30  ? 207 DC  E N1    1 
ATOM   940  C C2    B DC  E 2 7  ? -5.433  -0.917  2.842   0.60 2.46  ? 207 DC  E C2    1 
ATOM   941  O O2    B DC  E 2 7  ? -6.523  -0.334  2.964   0.60 7.46  ? 207 DC  E O2    1 
ATOM   942  N N3    B DC  E 2 7  ? -5.350  -2.201  2.423   0.60 0.11  ? 207 DC  E N3    1 
ATOM   943  C C4    B DC  E 2 7  ? -4.159  -2.792  2.315   0.60 0.11  ? 207 DC  E C4    1 
ATOM   944  N N4    B DC  E 2 7  ? -4.118  -4.053  1.880   0.60 0.11  ? 207 DC  E N4    1 
ATOM   945  C C5    B DC  E 2 7  ? -2.954  -2.116  2.642   0.60 0.11  ? 207 DC  E C5    1 
ATOM   946  C C6    B DC  E 2 7  ? -3.051  -0.846  3.053   0.60 1.61  ? 207 DC  E C6    1 
ATOM   947  P P     B DC  E 2 8  ? -4.504  4.763   6.403   0.60 8.48  ? 208 DC  E P     1 
ATOM   948  O OP1   B DC  E 2 8  ? -5.442  5.875   6.116   0.60 11.24 ? 208 DC  E OP1   1 
ATOM   949  O OP2   B DC  E 2 8  ? -3.129  5.065   6.863   0.60 9.55  ? 208 DC  E OP2   1 
ATOM   950  O "O5'" B DC  E 2 8  ? -5.165  3.806   7.488   0.60 10.44 ? 208 DC  E "O5'" 1 
ATOM   951  C "C5'" B DC  E 2 8  ? -6.543  3.918   7.823   0.60 7.05  ? 208 DC  E "C5'" 1 
ATOM   952  C "C4'" B DC  E 2 8  ? -6.866  2.986   8.965   0.60 6.26  ? 208 DC  E "C4'" 1 
ATOM   953  O "O4'" B DC  E 2 8  ? -6.677  1.625   8.519   0.60 4.28  ? 208 DC  E "O4'" 1 
ATOM   954  C "C3'" B DC  E 2 8  ? -5.954  3.158   10.178  0.60 8.51  ? 208 DC  E "C3'" 1 
ATOM   955  O "O3'" B DC  E 2 8  ? -6.688  2.859   11.366  0.60 14.20 ? 208 DC  E "O3'" 1 
ATOM   956  C "C2'" B DC  E 2 8  ? -4.880  2.110   9.946   0.60 6.49  ? 208 DC  E "C2'" 1 
ATOM   957  C "C1'" B DC  E 2 8  ? -5.676  0.990   9.298   0.60 5.88  ? 208 DC  E "C1'" 1 
ATOM   958  N N1    B DC  E 2 8  ? -4.905  0.123   8.400   0.60 3.67  ? 208 DC  E N1    1 
ATOM   959  C C2    B DC  E 2 8  ? -5.417  -1.132  8.086   0.60 3.40  ? 208 DC  E C2    1 
ATOM   960  O O2    B DC  E 2 8  ? -6.492  -1.483  8.595   0.60 0.11  ? 208 DC  E O2    1 
ATOM   961  N N3    B DC  E 2 8  ? -4.733  -1.933  7.236   0.60 3.52  ? 208 DC  E N3    1 
ATOM   962  C C4    B DC  E 2 8  ? -3.580  -1.516  6.709   0.60 1.06  ? 208 DC  E C4    1 
ATOM   963  N N4    B DC  E 2 8  ? -2.948  -2.329  5.866   0.60 0.11  ? 208 DC  E N4    1 
ATOM   964  C C5    B DC  E 2 8  ? -3.028  -0.243  7.023   0.60 4.11  ? 208 DC  E C5    1 
ATOM   965  C C6    B DC  E 2 8  ? -3.716  0.537   7.868   0.60 6.38  ? 208 DC  E C6    1 
ATOM   966  P P     B DG  E 2 9  ? -7.165  4.049   12.335  0.60 19.26 ? 209 DG  E P     1 
ATOM   967  O OP1   B DG  E 2 9  ? -7.869  5.050   11.494  0.60 20.34 ? 209 DG  E OP1   1 
ATOM   968  O OP2   B DG  E 2 9  ? -6.011  4.473   13.172  0.60 18.65 ? 209 DG  E OP2   1 
ATOM   969  O "O5'" B DG  E 2 9  ? -8.260  3.361   13.266  0.60 18.89 ? 209 DG  E "O5'" 1 
ATOM   970  C "C5'" B DG  E 2 9  ? -9.578  3.115   12.773  0.60 19.25 ? 209 DG  E "C5'" 1 
ATOM   971  C "C4'" B DG  E 2 9  ? -10.008 1.698   13.079  0.60 18.93 ? 209 DG  E "C4'" 1 
ATOM   972  O "O4'" B DG  E 2 9  ? -9.114  0.765   12.426  0.60 17.63 ? 209 DG  E "O4'" 1 
ATOM   973  C "C3'" B DG  E 2 9  ? -10.012 1.310   14.557  0.60 20.65 ? 209 DG  E "C3'" 1 
ATOM   974  O "O3'" B DG  E 2 9  ? -11.098 0.409   14.799  0.60 24.63 ? 209 DG  E "O3'" 1 
ATOM   975  C "C2'" B DG  E 2 9  ? -8.688  0.584   14.725  0.60 19.52 ? 209 DG  E "C2'" 1 
ATOM   976  C "C1'" B DG  E 2 9  ? -8.534  -0.111  13.382  0.60 16.08 ? 209 DG  E "C1'" 1 
ATOM   977  N N9    B DG  E 2 9  ? -7.159  -0.366  12.963  0.60 12.78 ? 209 DG  E N9    1 
ATOM   978  C C8    B DG  E 2 9  ? -6.053  0.413   13.211  0.60 13.17 ? 209 DG  E C8    1 
ATOM   979  N N7    B DG  E 2 9  ? -4.964  -0.052  12.656  0.60 12.48 ? 209 DG  E N7    1 
ATOM   980  C C5    B DG  E 2 9  ? -5.375  -1.213  12.014  0.60 10.88 ? 209 DG  E C5    1 
ATOM   981  C C6    B DG  E 2 9  ? -4.639  -2.145  11.229  0.60 9.91  ? 209 DG  E C6    1 
ATOM   982  O O6    B DG  E 2 9  ? -3.436  -2.123  10.927  0.60 11.68 ? 209 DG  E O6    1 
ATOM   983  N N1    B DG  E 2 9  ? -5.449  -3.181  10.773  0.60 7.28  ? 209 DG  E N1    1 
ATOM   984  C C2    B DG  E 2 9  ? -6.794  -3.305  11.031  0.60 5.82  ? 209 DG  E C2    1 
ATOM   985  N N2    B DG  E 2 9  ? -7.403  -4.374  10.503  0.60 5.14  ? 209 DG  E N2    1 
ATOM   986  N N3    B DG  E 2 9  ? -7.490  -2.443  11.752  0.60 7.10  ? 209 DG  E N3    1 
ATOM   987  C C4    B DG  E 2 9  ? -6.724  -1.429  12.208  0.60 10.32 ? 209 DG  E C4    1 
ATOM   988  P P     B DG  E 2 10 ? -12.338 0.869   15.716  0.60 25.11 ? 210 DG  E P     1 
ATOM   989  O OP1   B DG  E 2 10 ? -13.122 1.877   14.956  0.60 25.32 ? 210 DG  E OP1   1 
ATOM   990  O OP2   B DG  E 2 10 ? -11.833 1.202   17.072  0.60 26.46 ? 210 DG  E OP2   1 
ATOM   991  O "O5'" B DG  E 2 10 ? -13.216 -0.454  15.822  0.60 26.96 ? 210 DG  E "O5'" 1 
ATOM   992  C "C5'" B DG  E 2 10 ? -13.951 -0.934  14.698  0.60 29.66 ? 210 DG  E "C5'" 1 
ATOM   993  C "C4'" B DG  E 2 10 ? -13.844 -2.438  14.605  0.60 30.80 ? 210 DG  E "C4'" 1 
ATOM   994  O "O4'" B DG  E 2 10 ? -12.497 -2.805  14.222  0.60 31.27 ? 210 DG  E "O4'" 1 
ATOM   995  C "C3'" B DG  E 2 10 ? -14.118 -3.179  15.913  0.60 31.85 ? 210 DG  E "C3'" 1 
ATOM   996  O "O3'" B DG  E 2 10 ? -14.553 -4.508  15.616  0.60 33.21 ? 210 DG  E "O3'" 1 
ATOM   997  C "C2'" B DG  E 2 10 ? -12.725 -3.345  16.492  0.60 32.37 ? 210 DG  E "C2'" 1 
ATOM   998  C "C1'" B DG  E 2 10 ? -11.921 -3.618  15.234  0.60 32.90 ? 210 DG  E "C1'" 1 
ATOM   999  N N9    B DG  E 2 10 ? -10.503 -3.287  15.327  0.60 34.24 ? 210 DG  E N9    1 
ATOM   1000 C C8    B DG  E 2 10 ? -9.932  -2.262  16.040  0.60 34.86 ? 210 DG  E C8    1 
ATOM   1001 N N7    B DG  E 2 10 ? -8.629  -2.232  15.936  0.60 35.53 ? 210 DG  E N7    1 
ATOM   1002 C C5    B DG  E 2 10 ? -8.325  -3.300  15.103  0.60 35.09 ? 210 DG  E C5    1 
ATOM   1003 C C6    B DG  E 2 10 ? -7.072  -3.774  14.631  0.60 34.65 ? 210 DG  E C6    1 
ATOM   1004 O O6    B DG  E 2 10 ? -5.941  -3.334  14.869  0.60 34.89 ? 210 DG  E O6    1 
ATOM   1005 N N1    B DG  E 2 10 ? -7.224  -4.881  13.804  0.60 34.00 ? 210 DG  E N1    1 
ATOM   1006 C C2    B DG  E 2 10 ? -8.423  -5.464  13.474  0.60 34.68 ? 210 DG  E C2    1 
ATOM   1007 N N2    B DG  E 2 10 ? -8.361  -6.527  12.662  0.60 35.77 ? 210 DG  E N2    1 
ATOM   1008 N N3    B DG  E 2 10 ? -9.596  -5.035  13.909  0.60 34.90 ? 210 DG  E N3    1 
ATOM   1009 C C4    B DG  E 2 10 ? -9.473  -3.958  14.713  0.60 34.98 ? 210 DG  E C4    1 
ATOM   1010 O "O5'" B DC  F 1 1  ? -1.666  8.720   -7.075  0.60 8.75  ? 211 DC  F "O5'" 1 
ATOM   1011 C "C5'" B DC  F 1 1  ? -1.115  9.902   -6.489  0.60 8.79  ? 211 DC  F "C5'" 1 
ATOM   1012 C "C4'" B DC  F 1 1  ? -0.407  10.795  -7.483  0.60 7.32  ? 211 DC  F "C4'" 1 
ATOM   1013 O "O4'" B DC  F 1 1  ? 0.081   11.967  -6.794  0.60 8.53  ? 211 DC  F "O4'" 1 
ATOM   1014 C "C3'" B DC  F 1 1  ? 0.816   10.175  -8.153  0.60 8.54  ? 211 DC  F "C3'" 1 
ATOM   1015 O "O3'" B DC  F 1 1  ? 0.974   10.731  -9.467  0.60 8.44  ? 211 DC  F "O3'" 1 
ATOM   1016 C "C2'" B DC  F 1 1  ? 1.953   10.623  -7.252  0.60 7.56  ? 211 DC  F "C2'" 1 
ATOM   1017 C "C1'" B DC  F 1 1  ? 1.499   12.017  -6.849  0.60 8.55  ? 211 DC  F "C1'" 1 
ATOM   1018 N N1    B DC  F 1 1  ? 1.975   12.468  -5.534  0.60 9.63  ? 211 DC  F N1    1 
ATOM   1019 C C2    B DC  F 1 1  ? 3.192   13.144  -5.452  0.60 7.96  ? 211 DC  F C2    1 
ATOM   1020 O O2    B DC  F 1 1  ? 3.845   13.329  -6.485  0.60 7.78  ? 211 DC  F O2    1 
ATOM   1021 N N3    B DC  F 1 1  ? 3.626   13.578  -4.247  0.60 9.86  ? 211 DC  F N3    1 
ATOM   1022 C C4    B DC  F 1 1  ? 2.893   13.353  -3.153  0.60 9.83  ? 211 DC  F C4    1 
ATOM   1023 N N4    B DC  F 1 1  ? 3.359   13.799  -1.983  0.60 8.93  ? 211 DC  F N4    1 
ATOM   1024 C C5    B DC  F 1 1  ? 1.651   12.660  -3.210  0.60 9.46  ? 211 DC  F C5    1 
ATOM   1025 C C6    B DC  F 1 1  ? 1.234   12.238  -4.409  0.60 8.77  ? 211 DC  F C6    1 
ATOM   1026 P P     B DC  F 1 2  ? 1.325   9.769   -10.708 0.60 8.43  ? 212 DC  F P     1 
ATOM   1027 O OP1   B DC  F 1 2  ? 1.831   10.606  -11.823 0.60 10.22 ? 212 DC  F OP1   1 
ATOM   1028 O OP2   B DC  F 1 2  ? 0.158   8.880   -10.929 0.60 7.45  ? 212 DC  F OP2   1 
ATOM   1029 O "O5'" B DC  F 1 2  ? 2.545   8.887   -10.186 0.60 10.12 ? 212 DC  F "O5'" 1 
ATOM   1030 C "C5'" B DC  F 1 2  ? 3.873   9.172   -10.613 0.60 7.12  ? 212 DC  F "C5'" 1 
ATOM   1031 C "C4'" B DC  F 1 2  ? 4.865   8.293   -9.887  0.60 6.23  ? 212 DC  F "C4'" 1 
ATOM   1032 O "O4'" B DC  F 1 2  ? 4.883   8.619   -8.478  0.60 4.76  ? 212 DC  F "O4'" 1 
ATOM   1033 C "C3'" B DC  F 1 2  ? 4.608   6.789   -9.970  0.60 5.82  ? 212 DC  F "C3'" 1 
ATOM   1034 O "O3'" B DC  F 1 2  ? 5.860   6.102   -10.079 0.60 6.57  ? 212 DC  F "O3'" 1 
ATOM   1035 C "C2'" B DC  F 1 2  ? 3.976   6.475   -8.627  0.60 4.52  ? 212 DC  F "C2'" 1 
ATOM   1036 C "C1'" B DC  F 1 2  ? 4.719   7.435   -7.719  0.60 3.53  ? 212 DC  F "C1'" 1 
ATOM   1037 N N1    B DC  F 1 2  ? 4.017   7.787   -6.479  0.60 2.84  ? 212 DC  F N1    1 
ATOM   1038 C C2    B DC  F 1 2  ? 4.751   8.348   -5.437  0.60 1.05  ? 212 DC  F C2    1 
ATOM   1039 O O2    B DC  F 1 2  ? 5.966   8.526   -5.592  0.60 0.77  ? 212 DC  F O2    1 
ATOM   1040 N N3    B DC  F 1 2  ? 4.122   8.681   -4.289  0.60 1.33  ? 212 DC  F N3    1 
ATOM   1041 C C4    B DC  F 1 2  ? 2.812   8.473   -4.163  0.60 0.11  ? 212 DC  F C4    1 
ATOM   1042 N N4    B DC  F 1 2  ? 2.235   8.824   -3.016  0.60 1.74  ? 212 DC  F N4    1 
ATOM   1043 C C5    B DC  F 1 2  ? 2.037   7.897   -5.210  0.60 1.86  ? 212 DC  F C5    1 
ATOM   1044 C C6    B DC  F 1 2  ? 2.673   7.572   -6.341  0.60 2.71  ? 212 DC  F C6    1 
ATOM   1045 P P     B DG  F 1 3  ? 6.093   5.058   -11.277 0.60 9.62  ? 213 DG  F P     1 
ATOM   1046 O OP1   B DG  F 1 3  ? 5.138   5.356   -12.376 0.60 11.91 ? 213 DG  F OP1   1 
ATOM   1047 O OP2   B DG  F 1 3  ? 6.130   3.699   -10.683 0.60 9.56  ? 213 DG  F OP2   1 
ATOM   1048 O "O5'" B DG  F 1 3  ? 7.566   5.370   -11.784 0.60 8.56  ? 213 DG  F "O5'" 1 
ATOM   1049 C "C5'" B DG  F 1 3  ? 8.604   4.433   -11.538 0.60 9.40  ? 213 DG  F "C5'" 1 
ATOM   1050 C "C4'" B DG  F 1 3  ? 9.308   4.763   -10.244 0.60 7.13  ? 213 DG  F "C4'" 1 
ATOM   1051 O "O4'" B DG  F 1 3  ? 8.358   5.183   -9.235  0.60 8.72  ? 213 DG  F "O4'" 1 
ATOM   1052 C "C3'" B DG  F 1 3  ? 10.073  3.591   -9.637  0.60 6.06  ? 213 DG  F "C3'" 1 
ATOM   1053 O "O3'" B DG  F 1 3  ? 11.257  4.080   -9.023  0.60 6.45  ? 213 DG  F "O3'" 1 
ATOM   1054 C "C2'" B DG  F 1 3  ? 9.130   3.087   -8.562  0.60 5.17  ? 213 DG  F "C2'" 1 
ATOM   1055 C "C1'" B DG  F 1 3  ? 8.527   4.388   -8.072  0.60 5.47  ? 213 DG  F "C1'" 1 
ATOM   1056 N N9    B DG  F 1 3  ? 7.230   4.272   -7.414  0.60 2.03  ? 213 DG  F N9    1 
ATOM   1057 C C8    B DG  F 1 3  ? 6.112   3.625   -7.882  0.60 1.26  ? 213 DG  F C8    1 
ATOM   1058 N N7    B DG  F 1 3  ? 5.095   3.707   -7.070  0.60 0.11  ? 213 DG  F N7    1 
ATOM   1059 C C5    B DG  F 1 3  ? 5.570   4.453   -6.000  0.60 0.11  ? 213 DG  F C5    1 
ATOM   1060 C C6    B DG  F 1 3  ? 4.922   4.871   -4.812  0.60 0.11  ? 213 DG  F C6    1 
ATOM   1061 O O6    B DG  F 1 3  ? 3.753   4.667   -4.458  0.60 2.72  ? 213 DG  F O6    1 
ATOM   1062 N N1    B DG  F 1 3  ? 5.775   5.603   -3.994  0.60 0.11  ? 213 DG  F N1    1 
ATOM   1063 C C2    B DG  F 1 3  ? 7.084   5.896   -4.283  0.60 0.11  ? 213 DG  F C2    1 
ATOM   1064 N N2    B DG  F 1 3  ? 7.748   6.609   -3.362  0.60 0.11  ? 213 DG  F N2    1 
ATOM   1065 N N3    B DG  F 1 3  ? 7.699   5.516   -5.388  0.60 0.11  ? 213 DG  F N3    1 
ATOM   1066 C C4    B DG  F 1 3  ? 6.889   4.803   -6.196  0.60 0.11  ? 213 DG  F C4    1 
ATOM   1067 P P     B DG  F 1 4  ? 12.668  3.843   -9.733  0.60 1.36  ? 214 DG  F P     1 
ATOM   1068 O OP1   B DG  F 1 4  ? 12.831  4.912   -10.748 0.60 5.27  ? 214 DG  F OP1   1 
ATOM   1069 O OP2   B DG  F 1 4  ? 12.741  2.417   -10.145 0.60 4.02  ? 214 DG  F OP2   1 
ATOM   1070 O "O5'" B DG  F 1 4  ? 13.708  4.123   -8.564  0.60 6.74  ? 214 DG  F "O5'" 1 
ATOM   1071 C "C5'" B DG  F 1 4  ? 13.912  5.447   -8.082  0.60 10.28 ? 214 DG  F "C5'" 1 
ATOM   1072 C "C4'" B DG  F 1 4  ? 13.929  5.456   -6.571  0.60 13.03 ? 214 DG  F "C4'" 1 
ATOM   1073 O "O4'" B DG  F 1 4  ? 12.587  5.254   -6.060  0.60 12.37 ? 214 DG  F "O4'" 1 
ATOM   1074 C "C3'" B DG  F 1 4  ? 14.797  4.364   -5.945  0.60 13.09 ? 214 DG  F "C3'" 1 
ATOM   1075 O "O3'" B DG  F 1 4  ? 15.521  4.880   -4.829  0.60 15.93 ? 214 DG  F "O3'" 1 
ATOM   1076 C "C2'" B DG  F 1 4  ? 13.787  3.328   -5.483  0.60 12.94 ? 214 DG  F "C2'" 1 
ATOM   1077 C "C1'" B DG  F 1 4  ? 12.589  4.189   -5.124  0.60 14.50 ? 214 DG  F "C1'" 1 
ATOM   1078 N N9    B DG  F 1 4  ? 11.305  3.498   -5.220  0.60 14.84 ? 214 DG  F N9    1 
ATOM   1079 C C8    B DG  F 1 4  ? 10.910  2.617   -6.197  0.60 15.13 ? 214 DG  F C8    1 
ATOM   1080 N N7    B DG  F 1 4  ? 9.709   2.143   -6.003  0.60 13.90 ? 214 DG  F N7    1 
ATOM   1081 C C5    B DG  F 1 4  ? 9.283   2.751   -4.831  0.60 9.33  ? 214 DG  F C5    1 
ATOM   1082 C C6    B DG  F 1 4  ? 8.062   2.622   -4.122  0.60 5.73  ? 214 DG  F C6    1 
ATOM   1083 O O6    B DG  F 1 4  ? 7.083   1.922   -4.396  0.60 1.07  ? 214 DG  F O6    1 
ATOM   1084 N N1    B DG  F 1 4  ? 8.048   3.419   -2.982  0.60 6.38  ? 214 DG  F N1    1 
ATOM   1085 C C2    B DG  F 1 4  ? 9.074   4.233   -2.574  0.60 9.02  ? 214 DG  F C2    1 
ATOM   1086 N N2    B DG  F 1 4  ? 8.869   4.927   -1.445  0.60 7.62  ? 214 DG  F N2    1 
ATOM   1087 N N3    B DG  F 1 4  ? 10.219  4.360   -3.226  0.60 11.22 ? 214 DG  F N3    1 
ATOM   1088 C C4    B DG  F 1 4  ? 10.254  3.594   -4.337  0.60 11.37 ? 214 DG  F C4    1 
ATOM   1089 P P     B DT  F 1 5  ? 16.564  3.935   -4.056  0.60 17.04 ? 215 DT  F P     1 
ATOM   1090 O OP1   B DT  F 1 5  ? 17.660  4.793   -3.535  0.60 19.70 ? 215 DT  F OP1   1 
ATOM   1091 O OP2   B DT  F 1 5  ? 16.888  2.789   -4.941  0.60 18.43 ? 215 DT  F OP2   1 
ATOM   1092 O "O5'" B DT  F 1 5  ? 15.725  3.390   -2.820  0.60 20.13 ? 215 DT  F "O5'" 1 
ATOM   1093 C "C5'" B DT  F 1 5  ? 15.222  4.287   -1.834  0.60 21.76 ? 215 DT  F "C5'" 1 
ATOM   1094 C "C4'" B DT  F 1 5  ? 14.554  3.515   -0.720  0.60 23.17 ? 215 DT  F "C4'" 1 
ATOM   1095 O "O4'" B DT  F 1 5  ? 13.263  3.018   -1.144  0.60 23.61 ? 215 DT  F "O4'" 1 
ATOM   1096 C "C3'" B DT  F 1 5  ? 15.341  2.296   -0.242  0.60 24.06 ? 215 DT  F "C3'" 1 
ATOM   1097 O "O3'" B DT  F 1 5  ? 15.217  2.179   1.174   0.60 25.51 ? 215 DT  F "O3'" 1 
ATOM   1098 C "C2'" B DT  F 1 5  ? 14.628  1.138   -0.915  0.60 22.76 ? 215 DT  F "C2'" 1 
ATOM   1099 C "C1'" B DT  F 1 5  ? 13.192  1.623   -0.898  0.60 22.68 ? 215 DT  F "C1'" 1 
ATOM   1100 N N1    B DT  F 1 5  ? 12.313  1.027   -1.917  0.60 21.28 ? 215 DT  F N1    1 
ATOM   1101 C C2    B DT  F 1 5  ? 10.993  0.837   -1.584  0.60 19.44 ? 215 DT  F C2    1 
ATOM   1102 O O2    B DT  F 1 5  ? 10.539  1.120   -0.489  0.60 16.69 ? 215 DT  F O2    1 
ATOM   1103 N N3    B DT  F 1 5  ? 10.221  0.298   -2.584  0.60 19.37 ? 215 DT  F N3    1 
ATOM   1104 C C4    B DT  F 1 5  ? 10.633  -0.063  -3.852  0.60 21.45 ? 215 DT  F C4    1 
ATOM   1105 O O4    B DT  F 1 5  ? 9.823   -0.528  -4.649  0.60 21.43 ? 215 DT  F O4    1 
ATOM   1106 C C5    B DT  F 1 5  ? 12.036  0.152   -4.128  0.60 22.65 ? 215 DT  F C5    1 
ATOM   1107 C C7    B DT  F 1 5  ? 12.574  -0.220  -5.474  0.60 23.99 ? 215 DT  F C7    1 
ATOM   1108 C C6    B DT  F 1 5  ? 12.795  0.680   -3.159  0.60 21.79 ? 215 DT  F C6    1 
ATOM   1109 P P     B DA  F 1 6  ? 16.531  2.226   2.091   0.60 27.41 ? 216 DA  F P     1 
ATOM   1110 O OP1   B DA  F 1 6  ? 17.187  3.539   1.866   0.60 27.80 ? 216 DA  F OP1   1 
ATOM   1111 O OP2   B DA  F 1 6  ? 17.300  0.974   1.869   0.60 28.22 ? 216 DA  F OP2   1 
ATOM   1112 O "O5'" B DA  F 1 6  ? 15.949  2.210   3.573   0.60 25.73 ? 216 DA  F "O5'" 1 
ATOM   1113 C "C5'" B DA  F 1 6  ? 15.148  3.286   4.052   0.60 21.51 ? 216 DA  F "C5'" 1 
ATOM   1114 C "C4'" B DA  F 1 6  ? 14.026  2.750   4.910   0.60 19.60 ? 216 DA  F "C4'" 1 
ATOM   1115 O "O4'" B DA  F 1 6  ? 13.082  2.023   4.086   0.60 18.21 ? 216 DA  F "O4'" 1 
ATOM   1116 C "C3'" B DA  F 1 6  ? 14.483  1.768   5.985   0.60 19.18 ? 216 DA  F "C3'" 1 
ATOM   1117 O "O3'" B DA  F 1 6  ? 13.690  1.948   7.157   0.60 22.88 ? 216 DA  F "O3'" 1 
ATOM   1118 C "C2'" B DA  F 1 6  ? 14.224  0.411   5.356   0.60 16.40 ? 216 DA  F "C2'" 1 
ATOM   1119 C "C1'" B DA  F 1 6  ? 12.988  0.670   4.512   0.60 14.01 ? 216 DA  F "C1'" 1 
ATOM   1120 N N9    B DA  F 1 6  ? 12.896  -0.164  3.311   0.60 8.85  ? 216 DA  F N9    1 
ATOM   1121 C C8    B DA  F 1 6  ? 13.924  -0.559  2.493   0.60 7.22  ? 216 DA  F C8    1 
ATOM   1122 N N7    B DA  F 1 6  ? 13.536  -1.273  1.464   0.60 4.80  ? 216 DA  F N7    1 
ATOM   1123 C C5    B DA  F 1 6  ? 12.160  -1.359  1.618   0.60 4.46  ? 216 DA  F C5    1 
ATOM   1124 C C6    B DA  F 1 6  ? 11.158  -1.971  0.841   0.60 3.37  ? 216 DA  F C6    1 
ATOM   1125 N N6    B DA  F 1 6  ? 11.397  -2.618  -0.303  0.60 2.81  ? 216 DA  F N6    1 
ATOM   1126 N N1    B DA  F 1 6  ? 9.886   -1.884  1.281   0.60 3.71  ? 216 DA  F N1    1 
ATOM   1127 C C2    B DA  F 1 6  ? 9.643   -1.214  2.415   0.60 4.86  ? 216 DA  F C2    1 
ATOM   1128 N N3    B DA  F 1 6  ? 10.496  -0.584  3.222   0.60 6.85  ? 216 DA  F N3    1 
ATOM   1129 C C4    B DA  F 1 6  ? 11.753  -0.696  2.761   0.60 5.74  ? 216 DA  F C4    1 
HETATM 1130 N N1    B UFP F 1 7  ? 11.317  -3.475  5.927   0.60 28.98 ? 217 UFP F N1    1 
HETATM 1131 C C2    B UFP F 1 7  ? 10.739  -3.926  4.757   0.60 28.09 ? 217 UFP F C2    1 
HETATM 1132 N N3    B UFP F 1 7  ? 11.617  -4.440  3.835   0.60 28.37 ? 217 UFP F N3    1 
HETATM 1133 C C4    B UFP F 1 7  ? 12.987  -4.548  3.963   0.60 29.79 ? 217 UFP F C4    1 
HETATM 1134 C C5    B UFP F 1 7  ? 13.507  -4.066  5.205   0.60 30.11 ? 217 UFP F C5    1 
HETATM 1135 C C6    B UFP F 1 7  ? 12.676  -3.560  6.124   0.60 30.47 ? 217 UFP F C6    1 
HETATM 1136 O O2    B UFP F 1 7  ? 9.541   -3.869  4.549   0.60 29.56 ? 217 UFP F O2    1 
HETATM 1137 O O4    B UFP F 1 7  ? 13.650  -5.009  3.032   0.60 28.59 ? 217 UFP F O4    1 
HETATM 1138 F F5    B UFP F 1 7  ? 14.797  -4.147  5.363   0.60 31.78 ? 217 UFP F F5    1 
HETATM 1139 C "C1'" B UFP F 1 7  ? 10.431  -2.896  6.948   0.60 27.73 ? 217 UFP F "C1'" 1 
HETATM 1140 C "C2'" B UFP F 1 7  ? 10.998  -2.900  8.357   0.60 27.45 ? 217 UFP F "C2'" 1 
HETATM 1141 C "C3'" B UFP F 1 7  ? 10.329  -1.688  8.984   0.60 27.38 ? 217 UFP F "C3'" 1 
HETATM 1142 C "C4'" B UFP F 1 7  ? 10.169  -0.723  7.812   0.60 28.35 ? 217 UFP F "C4'" 1 
HETATM 1143 O "O3'" B UFP F 1 7  ? 9.039   -2.022  9.499   0.60 28.21 ? 217 UFP F "O3'" 1 
HETATM 1144 O "O4'" B UFP F 1 7  ? 10.234  -1.532  6.614   0.60 29.31 ? 217 UFP F "O4'" 1 
HETATM 1145 C "C5'" B UFP F 1 7  ? 11.190  0.390   7.751   0.60 26.68 ? 217 UFP F "C5'" 1 
HETATM 1146 O "O5'" B UFP F 1 7  ? 12.509  -0.131  7.907   0.60 24.69 ? 217 UFP F "O5'" 1 
HETATM 1147 P P     B UFP F 1 7  ? 13.712  0.833   8.305   0.60 22.88 ? 217 UFP F P     1 
HETATM 1148 O O1P   B UFP F 1 7  ? 14.989  0.088   8.166   0.60 25.76 ? 217 UFP F O1P   1 
HETATM 1149 O O2P   B UFP F 1 7  ? 13.381  1.498   9.593   0.60 23.54 ? 217 UFP F O2P   1 
ATOM   1150 P P     B DC  F 1 8  ? 8.917   -2.961  10.794  0.60 29.53 ? 218 DC  F P     1 
ATOM   1151 O OP1   B DC  F 1 8  ? 7.775   -2.457  11.602  0.60 27.96 ? 218 DC  F OP1   1 
ATOM   1152 O OP2   B DC  F 1 8  ? 10.262  -3.080  11.415  0.60 30.44 ? 218 DC  F OP2   1 
ATOM   1153 O "O5'" B DC  F 1 8  ? 8.517   -4.372  10.176  0.60 29.57 ? 218 DC  F "O5'" 1 
ATOM   1154 C "C5'" B DC  F 1 8  ? 7.405   -4.483  9.291   0.60 32.10 ? 218 DC  F "C5'" 1 
ATOM   1155 C "C4'" B DC  F 1 8  ? 7.321   -5.880  8.723   0.60 33.31 ? 218 DC  F "C4'" 1 
ATOM   1156 O "O4'" B DC  F 1 8  ? 8.324   -6.081  7.698   0.60 33.53 ? 218 DC  F "O4'" 1 
ATOM   1157 C "C3'" B DC  F 1 8  ? 7.527   -6.994  9.748   0.60 33.02 ? 218 DC  F "C3'" 1 
ATOM   1158 O "O3'" B DC  F 1 8  ? 6.623   -8.063  9.476   0.60 31.84 ? 218 DC  F "O3'" 1 
ATOM   1159 C "C2'" B DC  F 1 8  ? 8.952   -7.449  9.485   0.60 34.00 ? 218 DC  F "C2'" 1 
ATOM   1160 C "C1'" B DC  F 1 8  ? 9.052   -7.265  7.981   0.60 35.02 ? 218 DC  F "C1'" 1 
ATOM   1161 N N1    B DC  F 1 8  ? 10.417  -7.098  7.457   0.60 35.27 ? 218 DC  F N1    1 
ATOM   1162 C C2    B DC  F 1 8  ? 10.645  -7.335  6.098   0.60 35.44 ? 218 DC  F C2    1 
ATOM   1163 O O2    B DC  F 1 8  ? 9.692   -7.675  5.383   0.60 36.27 ? 218 DC  F O2    1 
ATOM   1164 N N3    B DC  F 1 8  ? 11.891  -7.185  5.599   0.60 35.86 ? 218 DC  F N3    1 
ATOM   1165 C C4    B DC  F 1 8  ? 12.888  -6.811  6.401   0.60 36.48 ? 218 DC  F C4    1 
ATOM   1166 N N4    B DC  F 1 8  ? 14.100  -6.667  5.861   0.60 37.42 ? 218 DC  F N4    1 
ATOM   1167 C C5    B DC  F 1 8  ? 12.687  -6.565  7.792   0.60 36.31 ? 218 DC  F C5    1 
ATOM   1168 C C6    B DC  F 1 8  ? 11.446  -6.720  8.274   0.60 35.84 ? 218 DC  F C6    1 
ATOM   1169 P P     B DG  F 1 9  ? 5.453   -8.395  10.522  0.60 31.24 ? 219 DG  F P     1 
ATOM   1170 O OP1   B DG  F 1 9  ? 4.348   -7.423  10.319  0.60 29.04 ? 219 DG  F OP1   1 
ATOM   1171 O OP2   B DG  F 1 9  ? 6.091   -8.515  11.858  0.60 30.74 ? 219 DG  F OP2   1 
ATOM   1172 O "O5'" B DG  F 1 9  ? 4.946   -9.831  10.063  0.60 30.70 ? 219 DG  F "O5'" 1 
ATOM   1173 C "C5'" B DG  F 1 9  ? 4.422   -10.029 8.753   0.60 30.52 ? 219 DG  F "C5'" 1 
ATOM   1174 C "C4'" B DG  F 1 9  ? 5.025   -11.265 8.128   0.60 29.33 ? 219 DG  F "C4'" 1 
ATOM   1175 O "O4'" B DG  F 1 9  ? 6.418   -11.046 7.798   0.60 27.88 ? 219 DG  F "O4'" 1 
ATOM   1176 C "C3'" B DG  F 1 9  ? 4.992   -12.508 9.018   0.60 28.95 ? 219 DG  F "C3'" 1 
ATOM   1177 O "O3'" B DG  F 1 9  ? 4.727   -13.649 8.207   0.60 30.00 ? 219 DG  F "O3'" 1 
ATOM   1178 C "C2'" B DG  F 1 9  ? 6.411   -12.587 9.549   0.60 28.62 ? 219 DG  F "C2'" 1 
ATOM   1179 C "C1'" B DG  F 1 9  ? 7.191   -12.101 8.345   0.60 26.12 ? 219 DG  F "C1'" 1 
ATOM   1180 N N9    B DG  F 1 9  ? 8.528   -11.592 8.623   0.60 23.43 ? 219 DG  F N9    1 
ATOM   1181 C C8    B DG  F 1 9  ? 9.055   -11.235 9.841   0.60 21.51 ? 219 DG  F C8    1 
ATOM   1182 N N7    B DG  F 1 9  ? 10.294  -10.834 9.763   0.60 19.68 ? 219 DG  F N7    1 
ATOM   1183 C C5    B DG  F 1 9  ? 10.601  -10.928 8.412   0.60 20.89 ? 219 DG  F C5    1 
ATOM   1184 C C6    B DG  F 1 9  ? 11.801  -10.629 7.716   0.60 20.12 ? 219 DG  F C6    1 
ATOM   1185 O O6    B DG  F 1 9  ? 12.869  -10.206 8.168   0.60 21.82 ? 219 DG  F O6    1 
ATOM   1186 N N1    B DG  F 1 9  ? 11.673  -10.871 6.352   0.60 19.79 ? 219 DG  F N1    1 
ATOM   1187 C C2    B DG  F 1 9  ? 10.540  -11.337 5.735   0.60 19.83 ? 219 DG  F C2    1 
ATOM   1188 N N2    B DG  F 1 9  ? 10.611  -11.505 4.409   0.60 19.97 ? 219 DG  F N2    1 
ATOM   1189 N N3    B DG  F 1 9  ? 9.417   -11.617 6.371   0.60 20.94 ? 219 DG  F N3    1 
ATOM   1190 C C4    B DG  F 1 9  ? 9.519   -11.391 7.698   0.60 22.01 ? 219 DG  F C4    1 
ATOM   1191 P P     B DG  F 1 10 ? 3.211   -14.070 7.912   0.60 32.01 ? 220 DG  F P     1 
ATOM   1192 O OP1   B DG  F 1 10 ? 2.331   -12.972 8.390   0.60 32.07 ? 220 DG  F OP1   1 
ATOM   1193 O OP2   B DG  F 1 10 ? 3.027   -15.446 8.439   0.60 32.09 ? 220 DG  F OP2   1 
ATOM   1194 O "O5'" B DG  F 1 10 ? 3.127   -14.122 6.323   0.60 31.56 ? 220 DG  F "O5'" 1 
ATOM   1195 C "C5'" B DG  F 1 10 ? 3.321   -15.349 5.627   0.60 31.61 ? 220 DG  F "C5'" 1 
ATOM   1196 C "C4'" B DG  F 1 10 ? 4.359   -15.173 4.545   0.60 30.45 ? 220 DG  F "C4'" 1 
ATOM   1197 O "O4'" B DG  F 1 10 ? 5.541   -14.591 5.139   0.60 29.86 ? 220 DG  F "O4'" 1 
ATOM   1198 C "C3'" B DG  F 1 10 ? 4.822   -16.482 3.912   0.60 30.60 ? 220 DG  F "C3'" 1 
ATOM   1199 O "O3'" B DG  F 1 10 ? 5.349   -16.222 2.605   0.60 31.47 ? 220 DG  F "O3'" 1 
ATOM   1200 C "C2'" B DG  F 1 10 ? 5.981   -16.880 4.806   0.60 30.15 ? 220 DG  F "C2'" 1 
ATOM   1201 C "C1'" B DG  F 1 10 ? 6.606   -15.531 5.127   0.60 29.22 ? 220 DG  F "C1'" 1 
ATOM   1202 N N9    B DG  F 1 10 ? 7.276   -15.454 6.421   0.60 29.41 ? 220 DG  F N9    1 
ATOM   1203 C C8    B DG  F 1 10 ? 6.716   -15.639 7.663   0.60 29.35 ? 220 DG  F C8    1 
ATOM   1204 N N7    B DG  F 1 10 ? 7.572   -15.480 8.637   0.60 28.96 ? 220 DG  F N7    1 
ATOM   1205 C C5    B DG  F 1 10 ? 8.767   -15.180 8.000   0.60 28.30 ? 220 DG  F C5    1 
ATOM   1206 C C6    B DG  F 1 10 ? 10.054  -14.898 8.535   0.60 28.84 ? 220 DG  F C6    1 
ATOM   1207 O O6    B DG  F 1 10 ? 10.406  -14.857 9.721   0.60 28.47 ? 220 DG  F O6    1 
ATOM   1208 N N1    B DG  F 1 10 ? 10.978  -14.644 7.529   0.60 26.31 ? 220 DG  F N1    1 
ATOM   1209 C C2    B DG  F 1 10 ? 10.707  -14.660 6.184   0.60 26.63 ? 220 DG  F C2    1 
ATOM   1210 N N2    B DG  F 1 10 ? 11.734  -14.388 5.372   0.60 28.20 ? 220 DG  F N2    1 
ATOM   1211 N N3    B DG  F 1 10 ? 9.518   -14.921 5.674   0.60 26.69 ? 220 DG  F N3    1 
ATOM   1212 C C4    B DG  F 1 10 ? 8.602   -15.167 6.631   0.60 28.11 ? 220 DG  F C4    1 
ATOM   1213 O "O5'" B DC  G 2 1  ? -19.607 7.240   -10.593 0.60 17.54 ? 221 DC  G "O5'" 1 
ATOM   1214 C "C5'" B DC  G 2 1  ? -20.541 7.208   -11.672 0.60 14.81 ? 221 DC  G "C5'" 1 
ATOM   1215 C "C4'" B DC  G 2 1  ? -19.923 6.688   -12.951 0.60 15.27 ? 221 DC  G "C4'" 1 
ATOM   1216 O "O4'" B DC  G 2 1  ? -18.853 7.565   -13.376 0.60 11.94 ? 221 DC  G "O4'" 1 
ATOM   1217 C "C3'" B DC  G 2 1  ? -19.303 5.293   -12.850 0.60 14.17 ? 221 DC  G "C3'" 1 
ATOM   1218 O "O3'" B DC  G 2 1  ? -19.482 4.607   -14.092 0.60 14.59 ? 221 DC  G "O3'" 1 
ATOM   1219 C "C2'" B DC  G 2 1  ? -17.830 5.589   -12.644 0.60 13.72 ? 221 DC  G "C2'" 1 
ATOM   1220 C "C1'" B DC  G 2 1  ? -17.659 6.810   -13.526 0.60 13.48 ? 221 DC  G "C1'" 1 
ATOM   1221 N N1    B DC  G 2 1  ? -16.522 7.681   -13.193 0.60 10.76 ? 221 DC  G N1    1 
ATOM   1222 C C2    B DC  G 2 1  ? -15.338 7.526   -13.906 0.60 7.85  ? 221 DC  G C2    1 
ATOM   1223 O O2    B DC  G 2 1  ? -15.265 6.622   -14.749 0.60 7.13  ? 221 DC  G O2    1 
ATOM   1224 N N3    B DC  G 2 1  ? -14.302 8.356   -13.658 0.60 7.38  ? 221 DC  G N3    1 
ATOM   1225 C C4    B DC  G 2 1  ? -14.418 9.307   -12.729 0.60 8.16  ? 221 DC  G C4    1 
ATOM   1226 N N4    B DC  G 2 1  ? -13.383 10.132  -12.544 0.60 5.69  ? 221 DC  G N4    1 
ATOM   1227 C C5    B DC  G 2 1  ? -15.604 9.462   -11.956 0.60 8.63  ? 221 DC  G C5    1 
ATOM   1228 C C6    B DC  G 2 1  ? -16.624 8.635   -12.221 0.60 9.60  ? 221 DC  G C6    1 
ATOM   1229 P P     B DC  G 2 2  ? -19.445 3.005   -14.132 0.60 17.33 ? 222 DC  G P     1 
ATOM   1230 O OP1   B DC  G 2 2  ? -19.263 2.598   -15.547 0.60 19.61 ? 222 DC  G OP1   1 
ATOM   1231 O OP2   B DC  G 2 2  ? -20.613 2.497   -13.369 0.60 17.08 ? 222 DC  G OP2   1 
ATOM   1232 O "O5'" B DC  G 2 2  ? -18.120 2.634   -13.328 0.60 17.74 ? 222 DC  G "O5'" 1 
ATOM   1233 C "C5'" B DC  G 2 2  ? -16.940 2.227   -14.018 0.60 18.19 ? 222 DC  G "C5'" 1 
ATOM   1234 C "C4'" B DC  G 2 2  ? -15.911 1.693   -13.045 0.60 17.90 ? 222 DC  G "C4'" 1 
ATOM   1235 O "O4'" B DC  G 2 2  ? -15.314 2.774   -12.289 0.60 19.01 ? 222 DC  G "O4'" 1 
ATOM   1236 C "C3'" B DC  G 2 2  ? -16.434 0.690   -12.015 0.60 17.03 ? 222 DC  G "C3'" 1 
ATOM   1237 O "O3'" B DC  G 2 2  ? -15.487 -0.371  -11.853 0.60 17.64 ? 222 DC  G "O3'" 1 
ATOM   1238 C "C2'" B DC  G 2 2  ? -16.520 1.512   -10.741 0.60 16.02 ? 222 DC  G "C2'" 1 
ATOM   1239 C "C1'" B DC  G 2 2  ? -15.354 2.469   -10.905 0.60 15.68 ? 222 DC  G "C1'" 1 
ATOM   1240 N N1    B DC  G 2 2  ? -15.486 3.736   -10.167 0.60 14.67 ? 222 DC  G N1    1 
ATOM   1241 C C2    B DC  G 2 2  ? -14.428 4.658   -10.208 0.60 12.02 ? 222 DC  G C2    1 
ATOM   1242 O O2    B DC  G 2 2  ? -13.413 4.376   -10.860 0.60 11.72 ? 222 DC  G O2    1 
ATOM   1243 N N3    B DC  G 2 2  ? -14.544 5.829   -9.537  0.60 9.44  ? 222 DC  G N3    1 
ATOM   1244 C C4    B DC  G 2 2  ? -15.657 6.093   -8.847  0.60 10.20 ? 222 DC  G C4    1 
ATOM   1245 N N4    B DC  G 2 2  ? -15.735 7.261   -8.206  0.60 8.72  ? 222 DC  G N4    1 
ATOM   1246 C C5    B DC  G 2 2  ? -16.745 5.171   -8.785  0.60 11.09 ? 222 DC  G C5    1 
ATOM   1247 C C6    B DC  G 2 2  ? -16.618 4.017   -9.453  0.60 12.53 ? 222 DC  G C6    1 
ATOM   1248 P P     B DG  G 2 3  ? -15.957 -1.894  -12.053 0.60 17.70 ? 223 DG  G P     1 
ATOM   1249 O OP1   B DG  G 2 3  ? -16.794 -1.970  -13.276 0.60 19.62 ? 223 DG  G OP1   1 
ATOM   1250 O OP2   B DG  G 2 3  ? -16.506 -2.366  -10.759 0.60 18.39 ? 223 DG  G OP2   1 
ATOM   1251 O "O5'" B DG  G 2 3  ? -14.601 -2.681  -12.334 0.60 19.10 ? 223 DG  G "O5'" 1 
ATOM   1252 C "C5'" B DG  G 2 3  ? -13.836 -3.240  -11.267 0.60 17.18 ? 223 DG  G "C5'" 1 
ATOM   1253 C "C4'" B DG  G 2 3  ? -12.462 -2.612  -11.229 0.60 15.80 ? 223 DG  G "C4'" 1 
ATOM   1254 O "O4'" B DG  G 2 3  ? -12.585 -1.196  -10.956 0.60 15.63 ? 223 DG  G "O4'" 1 
ATOM   1255 C "C3'" B DG  G 2 3  ? -11.543 -3.162  -10.139 0.60 14.78 ? 223 DG  G "C3'" 1 
ATOM   1256 O "O3'" B DG  G 2 3  ? -10.191 -3.080  -10.593 0.60 13.63 ? 223 DG  G "O3'" 1 
ATOM   1257 C "C2'" B DG  G 2 3  ? -11.757 -2.185  -8.997  0.60 14.29 ? 223 DG  G "C2'" 1 
ATOM   1258 C "C1'" B DG  G 2 3  ? -11.909 -0.874  -9.748  0.60 13.29 ? 223 DG  G "C1'" 1 
ATOM   1259 N N9    B DG  G 2 3  ? -12.690 0.145   -9.054  0.60 10.81 ? 223 DG  G N9    1 
ATOM   1260 C C8    B DG  G 2 3  ? -14.028 0.100   -8.747  0.60 10.82 ? 223 DG  G C8    1 
ATOM   1261 N N7    B DG  G 2 3  ? -14.450 1.175   -8.137  0.60 11.51 ? 223 DG  G N7    1 
ATOM   1262 C C5    B DG  G 2 3  ? -13.320 1.976   -8.030  0.60 8.90  ? 223 DG  G C5    1 
ATOM   1263 C C6    B DG  G 2 3  ? -13.157 3.265   -7.460  0.60 7.83  ? 223 DG  G C6    1 
ATOM   1264 O O6    B DG  G 2 3  ? -14.009 3.986   -6.922  0.60 5.17  ? 223 DG  G O6    1 
ATOM   1265 N N1    B DG  G 2 3  ? -11.840 3.705   -7.561  0.60 4.76  ? 223 DG  G N1    1 
ATOM   1266 C C2    B DG  G 2 3  ? -10.815 3.000   -8.137  0.60 5.90  ? 223 DG  G C2    1 
ATOM   1267 N N2    B DG  G 2 3  ? -9.613  3.594   -8.137  0.60 7.63  ? 223 DG  G N2    1 
ATOM   1268 N N3    B DG  G 2 3  ? -10.954 1.800   -8.675  0.60 7.00  ? 223 DG  G N3    1 
ATOM   1269 C C4    B DG  G 2 3  ? -12.224 1.352   -8.586  0.60 10.14 ? 223 DG  G C4    1 
ATOM   1270 P P     B DA  G 2 4  ? -9.244  -4.374  -10.524 0.60 13.53 ? 224 DA  G P     1 
ATOM   1271 O OP1   B DA  G 2 4  ? -9.288  -5.051  -11.847 0.60 13.88 ? 224 DA  G OP1   1 
ATOM   1272 O OP2   B DA  G 2 4  ? -9.597  -5.134  -9.297  0.60 12.19 ? 224 DA  G OP2   1 
ATOM   1273 O "O5'" B DA  G 2 4  ? -7.790  -3.753  -10.333 0.60 12.00 ? 224 DA  G "O5'" 1 
ATOM   1274 C "C5'" B DA  G 2 4  ? -7.292  -2.774  -11.242 0.60 9.83  ? 224 DA  G "C5'" 1 
ATOM   1275 C "C4'" B DA  G 2 4  ? -6.513  -1.718  -10.493 0.60 9.53  ? 224 DA  G "C4'" 1 
ATOM   1276 O "O4'" B DA  G 2 4  ? -7.412  -0.913  -9.692  0.60 8.63  ? 224 DA  G "O4'" 1 
ATOM   1277 C "C3'" B DA  G 2 4  ? -5.474  -2.279  -9.523  0.60 11.53 ? 224 DA  G "C3'" 1 
ATOM   1278 O "O3'" B DA  G 2 4  ? -4.290  -1.476  -9.554  0.60 15.23 ? 224 DA  G "O3'" 1 
ATOM   1279 C "C2'" B DA  G 2 4  ? -6.161  -2.186  -8.172  0.60 8.78  ? 224 DA  G "C2'" 1 
ATOM   1280 C "C1'" B DA  G 2 4  ? -7.007  -0.936  -8.329  0.60 5.93  ? 224 DA  G "C1'" 1 
ATOM   1281 N N9    B DA  G 2 4  ? -8.215  -0.902  -7.503  0.60 4.43  ? 224 DA  G N9    1 
ATOM   1282 C C8    B DA  G 2 4  ? -9.140  -1.898  -7.312  0.60 2.77  ? 224 DA  G C8    1 
ATOM   1283 N N7    B DA  G 2 4  ? -10.136 -1.552  -6.533  0.60 0.11  ? 224 DA  G N7    1 
ATOM   1284 C C5    B DA  G 2 4  ? -9.846  -0.243  -6.181  0.60 0.11  ? 224 DA  G C5    1 
ATOM   1285 C C6    B DA  G 2 4  ? -10.519 0.695   -5.377  0.60 0.21  ? 224 DA  G C6    1 
ATOM   1286 N N6    B DA  G 2 4  ? -11.682 0.455   -4.768  1.00 3.53  ? 224 DA  G N6    1 
ATOM   1287 N N1    B DA  G 2 4  ? -9.954  1.910   -5.223  0.60 0.85  ? 224 DA  G N1    1 
ATOM   1288 C C2    B DA  G 2 4  ? -8.796  2.159   -5.844  0.60 1.09  ? 224 DA  G C2    1 
ATOM   1289 N N3    B DA  G 2 4  ? -8.072  1.368   -6.629  0.60 0.11  ? 224 DA  G N3    1 
ATOM   1290 C C4    B DA  G 2 4  ? -8.660  0.167   -6.760  0.60 0.85  ? 224 DA  G C4    1 
ATOM   1291 P P     B DT  G 2 5  ? -3.057  -1.844  -8.595  0.60 19.54 ? 225 DT  G P     1 
ATOM   1292 O OP1   B DT  G 2 5  ? -1.812  -1.302  -9.198  0.60 18.04 ? 225 DT  G OP1   1 
ATOM   1293 O OP2   B DT  G 2 5  ? -3.154  -3.295  -8.280  0.60 17.72 ? 225 DT  G OP2   1 
ATOM   1294 O "O5'" B DT  G 2 5  ? -3.372  -1.020  -7.268  0.60 19.20 ? 225 DT  G "O5'" 1 
ATOM   1295 C "C5'" B DT  G 2 5  ? -3.363  0.405   -7.280  0.60 17.10 ? 225 DT  G "C5'" 1 
ATOM   1296 C "C4'" B DT  G 2 5  ? -3.464  0.940   -5.871  0.60 16.16 ? 225 DT  G "C4'" 1 
ATOM   1297 O "O4'" B DT  G 2 5  ? -4.832  0.918   -5.396  0.60 15.27 ? 225 DT  G "O4'" 1 
ATOM   1298 C "C3'" B DT  G 2 5  ? -2.641  0.165   -4.837  0.60 14.57 ? 225 DT  G "C3'" 1 
ATOM   1299 O "O3'" B DT  G 2 5  ? -2.089  1.085   -3.901  0.60 12.18 ? 225 DT  G "O3'" 1 
ATOM   1300 C "C2'" B DT  G 2 5  ? -3.693  -0.659  -4.120  0.60 13.42 ? 225 DT  G "C2'" 1 
ATOM   1301 C "C1'" B DT  G 2 5  ? -4.843  0.327   -4.107  0.60 14.43 ? 225 DT  G "C1'" 1 
ATOM   1302 N N1    B DT  G 2 5  ? -6.181  -0.238  -3.857  0.60 12.53 ? 225 DT  G N1    1 
ATOM   1303 C C2    B DT  G 2 5  ? -7.034  0.482   -3.052  0.60 9.97  ? 225 DT  G C2    1 
ATOM   1304 O O2    B DT  G 2 5  ? -6.735  1.557   -2.560  0.60 9.37  ? 225 DT  G O2    1 
ATOM   1305 N N3    B DT  G 2 5  ? -8.252  -0.104  -2.844  0.60 9.28  ? 225 DT  G N3    1 
ATOM   1306 C C4    B DT  G 2 5  ? -8.698  -1.305  -3.350  0.60 10.66 ? 225 DT  G C4    1 
ATOM   1307 O O4    B DT  G 2 5  ? -9.826  -1.704  -3.072  0.60 12.70 ? 225 DT  G O4    1 
ATOM   1308 C C5    B DT  G 2 5  ? -7.756  -2.006  -4.192  0.60 12.06 ? 225 DT  G C5    1 
ATOM   1309 C C7    B DT  G 2 5  ? -8.151  -3.320  -4.786  0.60 14.13 ? 225 DT  G C7    1 
ATOM   1310 C C6    B DT  G 2 5  ? -6.560  -1.443  -4.402  0.60 13.89 ? 225 DT  G C6    1 
ATOM   1311 P P     B DA  G 2 6  ? -0.499  1.244   -3.768  0.60 11.59 ? 226 DA  G P     1 
ATOM   1312 O OP1   B DA  G 2 6  ? 0.022   1.919   -4.983  0.60 9.86  ? 226 DA  G OP1   1 
ATOM   1313 O OP2   B DA  G 2 6  ? 0.065   -0.067  -3.360  0.60 12.32 ? 226 DA  G OP2   1 
ATOM   1314 O "O5'" B DA  G 2 6  ? -0.374  2.253   -2.545  0.60 11.78 ? 226 DA  G "O5'" 1 
ATOM   1315 C "C5'" B DA  G 2 6  ? -1.073  3.495   -2.563  0.60 11.01 ? 226 DA  G "C5'" 1 
ATOM   1316 C "C4'" B DA  G 2 6  ? -1.813  3.708   -1.263  0.60 9.39  ? 226 DA  G "C4'" 1 
ATOM   1317 O "O4'" B DA  G 2 6  ? -3.028  2.921   -1.213  0.60 9.25  ? 226 DA  G "O4'" 1 
ATOM   1318 C "C3'" B DA  G 2 6  ? -1.019  3.362   -0.003  0.60 10.41 ? 226 DA  G "C3'" 1 
ATOM   1319 O "O3'" B DA  G 2 6  ? -1.163  4.411   0.956   0.60 10.93 ? 226 DA  G "O3'" 1 
ATOM   1320 C "C2'" B DA  G 2 6  ? -1.665  2.075   0.486   0.60 7.57  ? 226 DA  G "C2'" 1 
ATOM   1321 C "C1'" B DA  G 2 6  ? -3.102  2.230   0.023   0.60 6.81  ? 226 DA  G "C1'" 1 
ATOM   1322 N N9    B DA  G 2 6  ? -3.806  0.967   -0.212  0.60 4.48  ? 226 DA  G N9    1 
ATOM   1323 C C8    B DA  G 2 6  ? -3.327  -0.154  -0.844  0.60 3.34  ? 226 DA  G C8    1 
ATOM   1324 N N7    B DA  G 2 6  ? -4.200  -1.131  -0.921  0.60 1.56  ? 226 DA  G N7    1 
ATOM   1325 C C5    B DA  G 2 6  ? -5.329  -0.623  -0.296  0.60 0.11  ? 226 DA  G C5    1 
ATOM   1326 C C6    B DA  G 2 6  ? -6.605  -1.167  -0.052  0.60 0.11  ? 226 DA  G C6    1 
ATOM   1327 N N6    B DA  G 2 6  ? -6.974  -2.397  -0.424  0.60 0.11  ? 226 DA  G N6    1 
ATOM   1328 N N1    B DA  G 2 6  ? -7.501  -0.395  0.596   0.60 0.11  ? 226 DA  G N1    1 
ATOM   1329 C C2    B DA  G 2 6  ? -7.132  0.837   0.973   0.60 1.12  ? 226 DA  G C2    1 
ATOM   1330 N N3    B DA  G 2 6  ? -5.967  1.460   0.802   0.60 0.11  ? 226 DA  G N3    1 
ATOM   1331 C C4    B DA  G 2 6  ? -5.098  0.668   0.153   0.60 1.61  ? 226 DA  G C4    1 
ATOM   1332 P P     B DC  G 2 7  ? -0.124  5.635   0.941   0.60 11.17 ? 227 DC  G P     1 
ATOM   1333 O OP1   B DC  G 2 7  ? -0.577  6.661   1.916   0.60 14.26 ? 227 DC  G OP1   1 
ATOM   1334 O OP2   B DC  G 2 7  ? 0.060   6.009   -0.482  0.60 10.16 ? 227 DC  G OP2   1 
ATOM   1335 O "O5'" B DC  G 2 7  ? 1.241   4.994   1.455   0.60 11.23 ? 227 DC  G "O5'" 1 
ATOM   1336 C "C5'" B DC  G 2 7  ? 1.328   4.374   2.738   0.60 11.14 ? 227 DC  G "C5'" 1 
ATOM   1337 C "C4'" B DC  G 2 7  ? 2.775   4.106   3.094   0.60 11.69 ? 227 DC  G "C4'" 1 
ATOM   1338 O "O4'" B DC  G 2 7  ? 3.327   3.097   2.215   0.60 9.13  ? 227 DC  G "O4'" 1 
ATOM   1339 C "C3'" B DC  G 2 7  ? 3.700   5.316   2.978   0.60 9.16  ? 227 DC  G "C3'" 1 
ATOM   1340 O "O3'" B DC  G 2 7  ? 4.675   5.275   4.019   0.60 11.11 ? 227 DC  G "O3'" 1 
ATOM   1341 C "C2'" B DC  G 2 7  ? 4.353   5.126   1.622   0.60 6.21  ? 227 DC  G "C2'" 1 
ATOM   1342 C "C1'" B DC  G 2 7  ? 4.447   3.613   1.515   0.60 5.07  ? 227 DC  G "C1'" 1 
ATOM   1343 N N1    B DC  G 2 7  ? 4.379   3.103   0.139   0.60 0.84  ? 227 DC  G N1    1 
ATOM   1344 C C2    B DC  G 2 7  ? 5.562   2.903   -0.564  0.60 1.66  ? 227 DC  G C2    1 
ATOM   1345 O O2    B DC  G 2 7  ? 6.642   3.171   -0.009  0.60 3.70  ? 227 DC  G O2    1 
ATOM   1346 N N3    B DC  G 2 7  ? 5.506   2.427   -1.829  0.60 1.58  ? 227 DC  G N3    1 
ATOM   1347 C C4    B DC  G 2 7  ? 4.325   2.159   -2.390  0.60 0.11  ? 227 DC  G C4    1 
ATOM   1348 N N4    B DC  G 2 7  ? 4.310   1.696   -3.648  0.60 0.11  ? 227 DC  G N4    1 
ATOM   1349 C C5    B DC  G 2 7  ? 3.103   2.355   -1.692  0.60 0.64  ? 227 DC  G C5    1 
ATOM   1350 C C6    B DC  G 2 7  ? 3.175   2.825   -0.442  0.60 1.61  ? 227 DC  G C6    1 
ATOM   1351 P P     B DC  G 2 8  ? 4.755   6.480   5.076   0.60 15.65 ? 228 DC  G P     1 
ATOM   1352 O OP1   B DC  G 2 8  ? 5.652   6.074   6.187   0.60 13.91 ? 228 DC  G OP1   1 
ATOM   1353 O OP2   B DC  G 2 8  ? 3.360   6.896   5.374   0.60 16.48 ? 228 DC  G OP2   1 
ATOM   1354 O "O5'" B DC  G 2 8  ? 5.463   7.656   4.271   0.60 15.42 ? 228 DC  G "O5'" 1 
ATOM   1355 C "C5'" B DC  G 2 8  ? 6.881   7.688   4.142   0.60 18.70 ? 228 DC  G "C5'" 1 
ATOM   1356 C "C4'" B DC  G 2 8  ? 7.289   8.680   3.079   0.60 19.83 ? 228 DC  G "C4'" 1 
ATOM   1357 O "O4'" B DC  G 2 8  ? 6.831   8.215   1.788   0.60 18.70 ? 228 DC  G "O4'" 1 
ATOM   1358 C "C3'" B DC  G 2 8  ? 6.712   10.084  3.257   0.60 21.07 ? 228 DC  G "C3'" 1 
ATOM   1359 O "O3'" B DC  G 2 8  ? 7.694   11.054  2.879   0.60 24.21 ? 228 DC  G "O3'" 1 
ATOM   1360 C "C2'" B DC  G 2 8  ? 5.538   10.104  2.295   0.60 18.90 ? 228 DC  G "C2'" 1 
ATOM   1361 C "C1'" B DC  G 2 8  ? 6.026   9.205   1.171   0.60 18.95 ? 228 DC  G "C1'" 1 
ATOM   1362 N N1    B DC  G 2 8  ? 4.962   8.512   0.437   0.60 18.51 ? 228 DC  G N1    1 
ATOM   1363 C C2    B DC  G 2 8  ? 5.198   8.123   -0.882  0.60 18.35 ? 228 DC  G C2    1 
ATOM   1364 O O2    B DC  G 2 8  ? 6.291   8.396   -1.399  0.60 15.34 ? 228 DC  G O2    1 
ATOM   1365 N N3    B DC  G 2 8  ? 4.233   7.464   -1.560  0.60 20.10 ? 228 DC  G N3    1 
ATOM   1366 C C4    B DC  G 2 8  ? 3.069   7.194   -0.968  0.60 21.00 ? 228 DC  G C4    1 
ATOM   1367 N N4    B DC  G 2 8  ? 2.150   6.527   -1.670  0.60 21.90 ? 228 DC  G N4    1 
ATOM   1368 C C5    B DC  G 2 8  ? 2.796   7.591   0.373   0.60 21.96 ? 228 DC  G C5    1 
ATOM   1369 C C6    B DC  G 2 8  ? 3.762   8.241   1.032   0.60 19.88 ? 228 DC  G C6    1 
ATOM   1370 P P     B DG  G 2 9  ? 8.412   11.942  4.010   0.60 25.81 ? 229 DG  G P     1 
ATOM   1371 O OP1   B DG  G 2 9  ? 8.954   11.011  5.033   0.60 25.32 ? 229 DG  G OP1   1 
ATOM   1372 O OP2   B DG  G 2 9  ? 7.478   13.023  4.418   0.60 28.59 ? 229 DG  G OP2   1 
ATOM   1373 O "O5'" B DG  G 2 9  ? 9.640   12.606  3.249   0.60 25.61 ? 229 DG  G "O5'" 1 
ATOM   1374 C "C5'" B DG  G 2 9  ? 10.702  11.806  2.740   0.60 22.49 ? 229 DG  G "C5'" 1 
ATOM   1375 C "C4'" B DG  G 2 9  ? 10.986  12.182  1.305   0.60 21.50 ? 229 DG  G "C4'" 1 
ATOM   1376 O "O4'" B DG  G 2 9  ? 9.866   11.803  0.474   0.60 21.22 ? 229 DG  G "O4'" 1 
ATOM   1377 C "C3'" B DG  G 2 9  ? 11.179  13.680  1.080   0.60 21.29 ? 229 DG  G "C3'" 1 
ATOM   1378 O "O3'" B DG  G 2 9  ? 12.117  13.871  0.027   0.60 20.14 ? 229 DG  G "O3'" 1 
ATOM   1379 C "C2'" B DG  G 2 9  ? 9.803   14.139  0.633   0.60 20.91 ? 229 DG  G "C2'" 1 
ATOM   1380 C "C1'" B DG  G 2 9  ? 9.336   12.947  -0.178  0.60 20.75 ? 229 DG  G "C1'" 1 
ATOM   1381 N N9    B DG  G 2 9  ? 7.890   12.771  -0.261  0.60 19.34 ? 229 DG  G N9    1 
ATOM   1382 C C8    B DG  G 2 9  ? 6.948   13.107  0.682   0.60 20.12 ? 229 DG  G C8    1 
ATOM   1383 N N7    B DG  G 2 9  ? 5.735   12.776  0.332   0.60 20.12 ? 229 DG  G N7    1 
ATOM   1384 C C5    B DG  G 2 9  ? 5.886   12.199  -0.922  0.60 19.46 ? 229 DG  G C5    1 
ATOM   1385 C C6    B DG  G 2 9  ? 4.924   11.641  -1.800  0.60 19.70 ? 229 DG  G C6    1 
ATOM   1386 O O6    B DG  G 2 9  ? 3.701   11.539  -1.641  0.60 20.89 ? 229 DG  G O6    1 
ATOM   1387 N N1    B DG  G 2 9  ? 5.513   11.169  -2.968  0.60 19.90 ? 229 DG  G N1    1 
ATOM   1388 C C2    B DG  G 2 9  ? 6.853   11.223  -3.256  0.60 17.36 ? 229 DG  G C2    1 
ATOM   1389 N N2    B DG  G 2 9  ? 7.228   10.710  -4.433  0.60 17.23 ? 229 DG  G N2    1 
ATOM   1390 N N3    B DG  G 2 9  ? 7.758   11.740  -2.448  0.60 18.04 ? 229 DG  G N3    1 
ATOM   1391 C C4    B DG  G 2 9  ? 7.209   12.203  -1.306  0.60 18.77 ? 229 DG  G C4    1 
ATOM   1392 P P     B DG  G 2 10 ? 13.415  14.772  0.277   0.60 21.93 ? 230 DG  G P     1 
ATOM   1393 O OP1   B DG  G 2 10 ? 14.393  13.944  1.027   0.60 22.14 ? 230 DG  G OP1   1 
ATOM   1394 O OP2   B DG  G 2 10 ? 12.971  16.074  0.836   0.60 21.38 ? 230 DG  G OP2   1 
ATOM   1395 O "O5'" B DG  G 2 10 ? 13.978  15.011  -1.191  0.60 21.35 ? 230 DG  G "O5'" 1 
ATOM   1396 C "C5'" B DG  G 2 10 ? 14.290  13.912  -2.041  0.60 19.09 ? 230 DG  G "C5'" 1 
ATOM   1397 C "C4'" B DG  G 2 10 ? 13.766  14.168  -3.434  0.60 19.37 ? 230 DG  G "C4'" 1 
ATOM   1398 O "O4'" B DG  G 2 10 ? 12.325  14.013  -3.458  0.60 18.13 ? 230 DG  G "O4'" 1 
ATOM   1399 C "C3'" B DG  G 2 10 ? 14.044  15.576  -3.966  0.60 18.84 ? 230 DG  G "C3'" 1 
ATOM   1400 O "O3'" B DG  G 2 10 ? 14.107  15.552  -5.391  0.60 19.85 ? 230 DG  G "O3'" 1 
ATOM   1401 C "C2'" B DG  G 2 10 ? 12.747  16.303  -3.666  0.60 18.49 ? 230 DG  G "C2'" 1 
ATOM   1402 C "C1'" B DG  G 2 10 ? 11.738  15.206  -3.954  0.60 18.51 ? 230 DG  G "C1'" 1 
ATOM   1403 N N9    B DG  G 2 10 ? 10.432  15.378  -3.325  0.60 18.53 ? 230 DG  G N9    1 
ATOM   1404 C C8    B DG  G 2 10 ? 10.133  16.145  -2.224  0.60 19.21 ? 230 DG  G C8    1 
ATOM   1405 N N7    B DG  G 2 10 ? 8.862   16.128  -1.918  0.60 19.36 ? 230 DG  G N7    1 
ATOM   1406 C C5    B DG  G 2 10 ? 8.289   15.294  -2.871  0.60 17.85 ? 230 DG  G C5    1 
ATOM   1407 C C6    B DG  G 2 10 ? 6.937   14.899  -3.057  0.60 16.84 ? 230 DG  G C6    1 
ATOM   1408 O O6    B DG  G 2 10 ? 5.940   15.226  -2.403  0.60 14.05 ? 230 DG  G O6    1 
ATOM   1409 N N1    B DG  G 2 10 ? 6.802   14.037  -4.141  0.60 16.26 ? 230 DG  G N1    1 
ATOM   1410 C C2    B DG  G 2 10 ? 7.830   13.612  -4.944  0.60 16.35 ? 230 DG  G C2    1 
ATOM   1411 N N2    B DG  G 2 10 ? 7.498   12.774  -5.934  0.60 16.79 ? 230 DG  G N2    1 
ATOM   1412 N N3    B DG  G 2 10 ? 9.091   13.978  -4.788  0.60 17.14 ? 230 DG  G N3    1 
ATOM   1413 C C4    B DG  G 2 10 ? 9.248   14.814  -3.739  0.60 18.35 ? 230 DG  G C4    1 
ATOM   1414 O "O5'" B DC  H 1 1  ? 2.249   -7.473  9.557   0.60 17.50 ? 231 DC  H "O5'" 1 
ATOM   1415 C "C5'" B DC  H 1 1  ? 0.932   -7.863  9.155   0.60 15.33 ? 231 DC  H "C5'" 1 
ATOM   1416 C "C4'" B DC  H 1 1  ? 0.204   -8.637  10.230  0.60 15.04 ? 231 DC  H "C4'" 1 
ATOM   1417 O "O4'" B DC  H 1 1  ? -0.090  -7.759  11.343  0.60 13.85 ? 231 DC  H "O4'" 1 
ATOM   1418 C "C3'" B DC  H 1 1  ? -1.141  -9.214  9.788   0.60 15.17 ? 231 DC  H "C3'" 1 
ATOM   1419 O "O3'" B DC  H 1 1  ? -1.362  -10.486 10.408  0.60 13.54 ? 231 DC  H "O3'" 1 
ATOM   1420 C "C2'" B DC  H 1 1  ? -2.142  -8.198  10.304  0.60 13.70 ? 231 DC  H "C2'" 1 
ATOM   1421 C "C1'" B DC  H 1 1  ? -1.487  -7.756  11.597  0.60 12.35 ? 231 DC  H "C1'" 1 
ATOM   1422 N N1    B DC  H 1 1  ? -1.861  -6.413  12.061  0.60 11.00 ? 231 DC  H N1    1 
ATOM   1423 C C2    B DC  H 1 1  ? -3.191  -6.165  12.405  0.60 13.23 ? 231 DC  H C2    1 
ATOM   1424 O O2    B DC  H 1 1  ? -4.026  -7.069  12.264  0.60 13.47 ? 231 DC  H O2    1 
ATOM   1425 N N3    B DC  H 1 1  ? -3.534  -4.946  12.879  0.60 14.48 ? 231 DC  H N3    1 
ATOM   1426 C C4    B DC  H 1 1  ? -2.605  -3.996  13.007  0.60 12.87 ? 231 DC  H C4    1 
ATOM   1427 N N4    B DC  H 1 1  ? -2.982  -2.818  13.509  0.60 12.46 ? 231 DC  H N4    1 
ATOM   1428 C C5    B DC  H 1 1  ? -1.249  -4.215  12.635  0.60 11.40 ? 231 DC  H C5    1 
ATOM   1429 C C6    B DC  H 1 1  ? -0.924  -5.426  12.170  0.60 10.69 ? 231 DC  H C6    1 
ATOM   1430 P P     B DC  H 1 2  ? -2.088  -11.655 9.581   0.60 16.62 ? 232 DC  H P     1 
ATOM   1431 O OP1   B DC  H 1 2  ? -2.727  -12.595 10.541  0.60 13.15 ? 232 DC  H OP1   1 
ATOM   1432 O OP2   B DC  H 1 2  ? -1.103  -12.173 8.598   0.60 15.00 ? 232 DC  H OP2   1 
ATOM   1433 O "O5'" B DC  H 1 2  ? -3.236  -10.892 8.777   0.60 12.18 ? 232 DC  H "O5'" 1 
ATOM   1434 C "C5'" B DC  H 1 2  ? -4.607  -11.058 9.126   0.60 11.99 ? 232 DC  H "C5'" 1 
ATOM   1435 C "C4'" B DC  H 1 2  ? -5.486  -10.182 8.262   0.60 10.93 ? 232 DC  H "C4'" 1 
ATOM   1436 O "O4'" B DC  H 1 2  ? -5.352  -8.789  8.639   0.60 9.85  ? 232 DC  H "O4'" 1 
ATOM   1437 C "C3'" B DC  H 1 2  ? -5.213  -10.242 6.758   0.60 10.15 ? 232 DC  H "C3'" 1 
ATOM   1438 O "O3'" B DC  H 1 2  ? -6.457  -10.203 6.053   0.60 10.71 ? 232 DC  H "O3'" 1 
ATOM   1439 C "C2'" B DC  H 1 2  ? -4.449  -8.955  6.497   0.60 9.06  ? 232 DC  H "C2'" 1 
ATOM   1440 C "C1'" B DC  H 1 2  ? -5.115  -8.010  7.480   0.60 6.79  ? 232 DC  H "C1'" 1 
ATOM   1441 N N1    B DC  H 1 2  ? -4.320  -6.841  7.881   0.60 4.86  ? 232 DC  H N1    1 
ATOM   1442 C C2    B DC  H 1 2  ? -4.970  -5.787  8.519   0.60 4.11  ? 232 DC  H C2    1 
ATOM   1443 O O2    B DC  H 1 2  ? -6.199  -5.858  8.678   0.60 2.79  ? 232 DC  H O2    1 
ATOM   1444 N N3    B DC  H 1 2  ? -4.251  -4.718  8.937   0.60 3.03  ? 232 DC  H N3    1 
ATOM   1445 C C4    B DC  H 1 2  ? -2.933  -4.678  8.723   0.60 0.36  ? 232 DC  H C4    1 
ATOM   1446 N N4    B DC  H 1 2  ? -2.259  -3.617  9.171   0.60 0.11  ? 232 DC  H N4    1 
ATOM   1447 C C5    B DC  H 1 2  ? -2.247  -5.727  8.048   0.60 3.21  ? 232 DC  H C5    1 
ATOM   1448 C C6    B DC  H 1 2  ? -2.973  -6.782  7.648   0.60 4.38  ? 232 DC  H C6    1 
ATOM   1449 P P     B DG  H 1 3  ? -7.072  -11.556 5.448   0.60 11.98 ? 233 DG  H P     1 
ATOM   1450 O OP1   B DG  H 1 3  ? -6.760  -12.684 6.361   0.60 15.07 ? 233 DG  H OP1   1 
ATOM   1451 O OP2   B DG  H 1 3  ? -6.673  -11.630 4.020   0.60 14.03 ? 233 DG  H OP2   1 
ATOM   1452 O "O5'" B DG  H 1 3  ? -8.643  -11.315 5.506   0.60 13.16 ? 233 DG  H "O5'" 1 
ATOM   1453 C "C5'" B DG  H 1 3  ? -9.333  -10.742 4.401   0.60 12.86 ? 233 DG  H "C5'" 1 
ATOM   1454 C "C4'" B DG  H 1 3  ? -10.051 -9.483  4.827   0.60 8.80  ? 233 DG  H "C4'" 1 
ATOM   1455 O "O4'" B DG  H 1 3  ? -9.096  -8.513  5.322   0.60 7.95  ? 233 DG  H "O4'" 1 
ATOM   1456 C "C3'" B DG  H 1 3  ? -10.793 -8.790  3.689   0.60 8.91  ? 233 DG  H "C3'" 1 
ATOM   1457 O "O3'" B DG  H 1 3  ? -11.967 -8.174  4.209   0.60 9.14  ? 233 DG  H "O3'" 1 
ATOM   1458 C "C2'" B DG  H 1 3  ? -9.813  -7.724  3.238   0.60 6.31  ? 233 DG  H "C2'" 1 
ATOM   1459 C "C1'" B DG  H 1 3  ? -9.166  -7.321  4.548   0.60 4.26  ? 233 DG  H "C1'" 1 
ATOM   1460 N N9    B DG  H 1 3  ? -7.811  -6.799  4.407   0.60 0.11  ? 233 DG  H N9    1 
ATOM   1461 C C8    B DG  H 1 3  ? -6.830  -7.261  3.564   0.60 0.89  ? 233 DG  H C8    1 
ATOM   1462 N N7    B DG  H 1 3  ? -5.706  -6.605  3.673   0.60 0.11  ? 233 DG  H N7    1 
ATOM   1463 C C5    B DG  H 1 3  ? -5.963  -5.647  4.646   0.60 0.13  ? 233 DG  H C5    1 
ATOM   1464 C C6    B DG  H 1 3  ? -5.119  -4.645  5.192   0.60 0.11  ? 233 DG  H C6    1 
ATOM   1465 O O6    B DG  H 1 3  ? -3.936  -4.396  4.920   0.60 3.02  ? 233 DG  H O6    1 
ATOM   1466 N N1    B DG  H 1 3  ? -5.784  -3.889  6.150   0.60 0.11  ? 233 DG  H N1    1 
ATOM   1467 C C2    B DG  H 1 3  ? -7.091  -4.067  6.532   0.60 1.29  ? 233 DG  H C2    1 
ATOM   1468 N N2    B DG  H 1 3  ? -7.554  -3.224  7.466   0.60 2.14  ? 233 DG  H N2    1 
ATOM   1469 N N3    B DG  H 1 3  ? -7.886  -5.001  6.034   0.60 0.11  ? 233 DG  H N3    1 
ATOM   1470 C C4    B DG  H 1 3  ? -7.261  -5.749  5.103   0.60 0.11  ? 233 DG  H C4    1 
ATOM   1471 P P     B DG  H 1 4  ? -13.387 -8.893  4.033   0.60 6.66  ? 234 DG  H P     1 
ATOM   1472 O OP1   B DG  H 1 4  ? -13.456 -9.976  5.048   0.60 9.94  ? 234 DG  H OP1   1 
ATOM   1473 O OP2   B DG  H 1 4  ? -13.578 -9.219  2.598   0.60 10.07 ? 234 DG  H OP2   1 
ATOM   1474 O "O5'" B DG  H 1 4  ? -14.421 -7.757  4.452   0.60 7.69  ? 234 DG  H "O5'" 1 
ATOM   1475 C "C5'" B DG  H 1 4  ? -14.488 -7.299  5.803   0.60 8.72  ? 234 DG  H "C5'" 1 
ATOM   1476 C "C4'" B DG  H 1 4  ? -14.432 -5.789  5.848   0.60 7.62  ? 234 DG  H "C4'" 1 
ATOM   1477 O "O4'" B DG  H 1 4  ? -13.102 -5.328  5.499   0.60 7.33  ? 234 DG  H "O4'" 1 
ATOM   1478 C "C3'" B DG  H 1 4  ? -15.389 -5.092  4.882   0.60 8.65  ? 234 DG  H "C3'" 1 
ATOM   1479 O "O3'" B DG  H 1 4  ? -15.957 -3.931  5.495   0.60 12.00 ? 234 DG  H "O3'" 1 
ATOM   1480 C "C2'" B DG  H 1 4  ? -14.493 -4.697  3.723   0.60 6.50  ? 234 DG  H "C2'" 1 
ATOM   1481 C "C1'" B DG  H 1 4  ? -13.173 -4.412  4.416   0.60 5.70  ? 234 DG  H "C1'" 1 
ATOM   1482 N N9    B DG  H 1 4  ? -12.006 -4.624  3.564   0.60 4.09  ? 234 DG  H N9    1 
ATOM   1483 C C8    B DG  H 1 4  ? -11.886 -5.536  2.543   0.60 4.24  ? 234 DG  H C8    1 
ATOM   1484 N N7    B DG  H 1 4  ? -10.728 -5.488  1.945   0.60 1.40  ? 234 DG  H N7    1 
ATOM   1485 C C5    B DG  H 1 4  ? -10.039 -4.486  2.611   0.60 0.24  ? 234 DG  H C5    1 
ATOM   1486 C C6    B DG  H 1 4  ? -8.735  -3.986  2.407   0.60 0.11  ? 234 DG  H C6    1 
ATOM   1487 O O6    B DG  H 1 4  ? -7.900  -4.343  1.573   0.60 0.11  ? 234 DG  H O6    1 
ATOM   1488 N N1    B DG  H 1 4  ? -8.430  -2.967  3.302   0.60 0.11  ? 234 DG  H N1    1 
ATOM   1489 C C2    B DG  H 1 4  ? -9.272  -2.492  4.273   0.60 0.11  ? 234 DG  H C2    1 
ATOM   1490 N N2    B DG  H 1 4  ? -8.791  -1.502  5.042   0.60 0.11  ? 234 DG  H N2    1 
ATOM   1491 N N3    B DG  H 1 4  ? -10.495 -2.953  4.477   0.60 3.29  ? 234 DG  H N3    1 
ATOM   1492 C C4    B DG  H 1 4  ? -10.811 -3.943  3.614   0.60 2.36  ? 234 DG  H C4    1 
ATOM   1493 P P     B DT  H 1 5  ? -16.806 -2.897  4.604   0.60 12.87 ? 235 DT  H P     1 
ATOM   1494 O OP1   B DT  H 1 5  ? -17.654 -2.095  5.524   0.60 11.94 ? 235 DT  H OP1   1 
ATOM   1495 O OP2   B DT  H 1 5  ? -17.437 -3.648  3.488   0.60 14.22 ? 235 DT  H OP2   1 
ATOM   1496 O "O5'" B DT  H 1 5  ? -15.693 -1.940  3.982   0.60 14.86 ? 235 DT  H "O5'" 1 
ATOM   1497 C "C5'" B DT  H 1 5  ? -15.063 -0.938  4.778   0.60 13.42 ? 235 DT  H "C5'" 1 
ATOM   1498 C "C4'" B DT  H 1 5  ? -14.482 0.140   3.892   0.60 13.74 ? 235 DT  H "C4'" 1 
ATOM   1499 O "O4'" B DT  H 1 5  ? -13.265 -0.320  3.258   0.60 12.60 ? 235 DT  H "O4'" 1 
ATOM   1500 C "C3'" B DT  H 1 5  ? -15.404 0.591   2.758   0.60 13.88 ? 235 DT  H "C3'" 1 
ATOM   1501 O "O3'" B DT  H 1 5  ? -15.250 1.997   2.555   0.60 18.43 ? 235 DT  H "O3'" 1 
ATOM   1502 C "C2'" B DT  H 1 5  ? -14.850 -0.151  1.556   0.60 9.87  ? 235 DT  H "C2'" 1 
ATOM   1503 C "C1'" B DT  H 1 5  ? -13.367 -0.105  1.861   0.60 9.04  ? 235 DT  H "C1'" 1 
ATOM   1504 N N1    B DT  H 1 5  ? -12.535 -1.109  1.179   0.60 4.89  ? 235 DT  H N1    1 
ATOM   1505 C C2    B DT  H 1 5  ? -11.178 -0.926  1.230   0.60 0.88  ? 235 DT  H C2    1 
ATOM   1506 O O2    B DT  H 1 5  ? -10.661 0.014   1.808   0.60 0.11  ? 235 DT  H O2    1 
ATOM   1507 N N3    B DT  H 1 5  ? -10.445 -1.881  0.576   0.60 1.70  ? 235 DT  H N3    1 
ATOM   1508 C C4    B DT  H 1 5  ? -10.929 -2.979  -0.111  0.60 3.83  ? 235 DT  H C4    1 
ATOM   1509 O O4    B DT  H 1 5  ? -10.147 -3.759  -0.652  0.60 4.62  ? 235 DT  H O4    1 
ATOM   1510 C C5    B DT  H 1 5  ? -12.369 -3.108  -0.128  0.60 3.86  ? 235 DT  H C5    1 
ATOM   1511 C C7    B DT  H 1 5  ? -12.985 -4.261  -0.854  0.60 3.22  ? 235 DT  H C7    1 
ATOM   1512 C C6    B DT  H 1 5  ? -13.091 -2.180  0.515   0.60 3.82  ? 235 DT  H C6    1 
ATOM   1513 P P     B DA  H 1 6  ? -16.343 3.012   3.152   0.60 21.71 ? 236 DA  H P     1 
ATOM   1514 O OP1   B DA  H 1 6  ? -16.493 2.692   4.597   0.60 20.63 ? 236 DA  H OP1   1 
ATOM   1515 O OP2   B DA  H 1 6  ? -17.540 3.022   2.269   0.60 18.87 ? 236 DA  H OP2   1 
ATOM   1516 O "O5'" B DA  H 1 6  ? -15.629 4.426   3.041   0.60 18.08 ? 236 DA  H "O5'" 1 
ATOM   1517 C "C5'" B DA  H 1 6  ? -14.617 4.804   3.964   0.60 14.91 ? 236 DA  H "C5'" 1 
ATOM   1518 C "C4'" B DA  H 1 6  ? -13.567 5.622   3.254   0.60 14.34 ? 236 DA  H "C4'" 1 
ATOM   1519 O "O4'" B DA  H 1 6  ? -12.758 4.754   2.425   0.60 12.56 ? 236 DA  H "O4'" 1 
ATOM   1520 C "C3'" B DA  H 1 6  ? -14.166 6.667   2.317   0.60 12.99 ? 236 DA  H "C3'" 1 
ATOM   1521 O "O3'" B DA  H 1 6  ? -13.378 7.854   2.350   0.60 17.23 ? 236 DA  H "O3'" 1 
ATOM   1522 C "C2'" B DA  H 1 6  ? -14.120 5.993   0.958   0.60 11.34 ? 236 DA  H "C2'" 1 
ATOM   1523 C "C1'" B DA  H 1 6  ? -12.890 5.104   1.054   0.60 9.94  ? 236 DA  H "C1'" 1 
ATOM   1524 N N9    B DA  H 1 6  ? -13.004 3.861   0.291   0.60 5.98  ? 236 DA  H N9    1 
ATOM   1525 C C8    B DA  H 1 6  ? -14.148 3.159   0.008   0.60 4.25  ? 236 DA  H C8    1 
ATOM   1526 N N7    B DA  H 1 6  ? -13.941 2.067   -0.688  0.60 3.57  ? 236 DA  H N7    1 
ATOM   1527 C C5    B DA  H 1 6  ? -12.567 2.048   -0.877  0.60 1.10  ? 236 DA  H C5    1 
ATOM   1528 C C6    B DA  H 1 6  ? -11.716 1.143   -1.534  0.60 2.12  ? 236 DA  H C6    1 
ATOM   1529 N N6    B DA  H 1 6  ? -12.140 0.032   -2.143  0.60 0.94  ? 236 DA  H N6    1 
ATOM   1530 N N1    B DA  H 1 6  ? -10.392 1.418   -1.541  0.60 2.00  ? 236 DA  H N1    1 
ATOM   1531 C C2    B DA  H 1 6  ? -9.967  2.529   -0.927  0.60 1.76  ? 236 DA  H C2    1 
ATOM   1532 N N3    B DA  H 1 6  ? -10.668 3.454   -0.275  0.60 3.93  ? 236 DA  H N3    1 
ATOM   1533 C C4    B DA  H 1 6  ? -11.977 3.150   -0.285  0.60 3.26  ? 236 DA  H C4    1 
HETATM 1534 N N1    B UFP H 1 7  ? -10.950 6.134   -2.838  0.60 7.57  ? 237 UFP H N1    1 
HETATM 1535 C C2    B UFP H 1 7  ? -10.339 4.964   -3.230  0.60 5.65  ? 237 UFP H C2    1 
HETATM 1536 N N3    B UFP H 1 7  ? -11.193 3.966   -3.625  0.60 2.45  ? 237 UFP H N3    1 
HETATM 1537 C C4    B UFP H 1 7  ? -12.568 4.023   -3.675  0.60 2.14  ? 237 UFP H C4    1 
HETATM 1538 C C5    B UFP H 1 7  ? -13.124 5.275   -3.271  0.60 5.36  ? 237 UFP H C5    1 
HETATM 1539 C C6    B UFP H 1 7  ? -12.316 6.264   -2.875  0.60 9.30  ? 237 UFP H C6    1 
HETATM 1540 O O2    B UFP H 1 7  ? -9.130  4.822   -3.230  0.60 9.00  ? 237 UFP H O2    1 
HETATM 1541 O O4    B UFP H 1 7  ? -13.203 3.033   -4.035  0.60 0.11  ? 237 UFP H O4    1 
HETATM 1542 F F5    B UFP H 1 7  ? -14.420 5.379   -3.327  0.60 7.54  ? 237 UFP H F5    1 
HETATM 1543 C "C1'" B UFP H 1 7  ? -10.088 7.225   -2.369  0.60 10.83 ? 237 UFP H "C1'" 1 
HETATM 1544 C "C2'" B UFP H 1 7  ? -10.693 8.613   -2.485  0.60 11.19 ? 237 UFP H "C2'" 1 
HETATM 1545 C "C3'" B UFP H 1 7  ? -10.035 9.356   -1.335  0.60 13.13 ? 237 UFP H "C3'" 1 
HETATM 1546 C "C4'" B UFP H 1 7  ? -9.846  8.276   -0.277  0.60 13.89 ? 237 UFP H "C4'" 1 
HETATM 1547 O "O3'" B UFP H 1 7  ? -8.761  9.875   -1.710  0.60 16.66 ? 237 UFP H "O3'" 1 
HETATM 1548 O "O4'" B UFP H 1 7  ? -9.858  7.015   -0.984  0.60 14.40 ? 237 UFP H "O4'" 1 
HETATM 1549 C "C5'" B UFP H 1 7  ? -10.902 8.277   0.800   0.60 15.86 ? 237 UFP H "C5'" 1 
HETATM 1550 O "O5'" B UFP H 1 7  ? -12.198 8.403   0.219   0.60 15.10 ? 237 UFP H "O5'" 1 
HETATM 1551 P P     B UFP H 1 7  ? -13.425 8.877   1.114   0.60 17.04 ? 237 UFP H P     1 
HETATM 1552 O O1P   B UFP H 1 7  ? -14.688 8.656   0.362   0.60 18.49 ? 237 UFP H O1P   1 
HETATM 1553 O O2P   B UFP H 1 7  ? -13.114 10.226  1.646   0.60 19.56 ? 237 UFP H O2P   1 
ATOM   1554 P P     B DC  H 1 8  ? -8.655  10.894  -2.938  0.60 19.20 ? 238 DC  H P     1 
ATOM   1555 O OP1   B DC  H 1 8  ? -7.277  11.452  -2.939  0.60 18.25 ? 238 DC  H OP1   1 
ATOM   1556 O OP2   B DC  H 1 8  ? -9.821  11.815  -2.885  0.60 20.88 ? 238 DC  H OP2   1 
ATOM   1557 O "O5'" B DC  H 1 8  ? -8.822  9.946   -4.205  0.60 19.28 ? 238 DC  H "O5'" 1 
ATOM   1558 C "C5'" B DC  H 1 8  ? -7.761  9.094   -4.622  0.60 20.71 ? 238 DC  H "C5'" 1 
ATOM   1559 C "C4'" B DC  H 1 8  ? -7.783  8.957   -6.124  0.60 21.69 ? 238 DC  H "C4'" 1 
ATOM   1560 O "O4'" B DC  H 1 8  ? -8.860  8.074   -6.512  0.60 22.04 ? 238 DC  H "O4'" 1 
ATOM   1561 C "C3'" B DC  H 1 8  ? -8.046  10.286  -6.825  0.60 21.58 ? 238 DC  H "C3'" 1 
ATOM   1562 O "O3'" B DC  H 1 8  ? -7.290  10.368  -8.031  0.60 24.37 ? 238 DC  H "O3'" 1 
ATOM   1563 C "C2'" B DC  H 1 8  ? -9.540  10.253  -7.095  0.60 21.24 ? 238 DC  H "C2'" 1 
ATOM   1564 C "C1'" B DC  H 1 8  ? -9.830  8.770   -7.281  0.60 20.76 ? 238 DC  H "C1'" 1 
ATOM   1565 N N1    B DC  H 1 8  ? -11.153 8.360   -6.786  0.60 19.48 ? 238 DC  H N1    1 
ATOM   1566 C C2    B DC  H 1 8  ? -11.583 7.051   -7.020  0.60 20.86 ? 238 DC  H C2    1 
ATOM   1567 O O2    B DC  H 1 8  ? -10.853 6.288   -7.670  0.60 24.01 ? 238 DC  H O2    1 
ATOM   1568 N N3    B DC  H 1 8  ? -12.779 6.649   -6.535  0.60 21.24 ? 238 DC  H N3    1 
ATOM   1569 C C4    B DC  H 1 8  ? -13.538 7.504   -5.842  0.60 21.14 ? 238 DC  H C4    1 
ATOM   1570 N N4    B DC  H 1 8  ? -14.699 7.058   -5.361  0.60 21.38 ? 238 DC  H N4    1 
ATOM   1571 C C5    B DC  H 1 8  ? -13.133 8.852   -5.609  0.60 21.34 ? 238 DC  H C5    1 
ATOM   1572 C C6    B DC  H 1 8  ? -11.945 9.234   -6.096  0.60 19.88 ? 238 DC  H C6    1 
ATOM   1573 P P     B DG  H 1 9  ? -6.097  11.436  -8.143  0.60 24.42 ? 239 DG  H P     1 
ATOM   1574 O OP1   B DG  H 1 9  ? -5.206  11.259  -6.970  0.60 26.65 ? 239 DG  H OP1   1 
ATOM   1575 O OP2   B DG  H 1 9  ? -6.712  12.762  -8.405  0.60 26.77 ? 239 DG  H OP2   1 
ATOM   1576 O "O5'" B DG  H 1 9  ? -5.297  10.972  -9.437  0.60 25.84 ? 239 DG  H "O5'" 1 
ATOM   1577 C "C5'" B DG  H 1 9  ? -4.689  9.686   -9.485  0.60 28.97 ? 239 DG  H "C5'" 1 
ATOM   1578 C "C4'" B DG  H 1 9  ? -5.243  8.891   -10.643 0.60 30.53 ? 239 DG  H "C4'" 1 
ATOM   1579 O "O4'" B DG  H 1 9  ? -6.661  8.681   -10.440 0.60 31.53 ? 239 DG  H "O4'" 1 
ATOM   1580 C "C3'" B DG  H 1 9  ? -5.107  9.590   -11.994 0.60 31.33 ? 239 DG  H "C3'" 1 
ATOM   1581 O "O3'" B DG  H 1 9  ? -4.838  8.627   -13.011 0.60 31.83 ? 239 DG  H "O3'" 1 
ATOM   1582 C "C2'" B DG  H 1 9  ? -6.468  10.224  -12.201 0.60 32.16 ? 239 DG  H "C2'" 1 
ATOM   1583 C "C1'" B DG  H 1 9  ? -7.399  9.235   -11.519 0.60 31.48 ? 239 DG  H "C1'" 1 
ATOM   1584 N N9    B DG  H 1 9  ? -8.605  9.844   -10.969 0.60 30.67 ? 239 DG  H N9    1 
ATOM   1585 C C8    B DG  H 1 9  ? -8.769  11.151  -10.575 0.60 30.69 ? 239 DG  H C8    1 
ATOM   1586 N N7    B DG  H 1 9  ? -9.971  11.406  -10.133 0.60 29.86 ? 239 DG  H N7    1 
ATOM   1587 C C5    B DG  H 1 9  ? -10.639 10.194  -10.237 0.60 30.09 ? 239 DG  H C5    1 
ATOM   1588 C C6    B DG  H 1 9  ? -11.974 9.850   -9.907  0.60 29.83 ? 239 DG  H C6    1 
ATOM   1589 O O6    B DG  H 1 9  ? -12.864 10.573  -9.441  0.60 30.30 ? 239 DG  H O6    1 
ATOM   1590 N N1    B DG  H 1 9  ? -12.234 8.508   -10.171 0.60 29.43 ? 239 DG  H N1    1 
ATOM   1591 C C2    B DG  H 1 9  ? -11.329 7.612   -10.683 0.60 29.25 ? 239 DG  H C2    1 
ATOM   1592 N N2    B DG  H 1 9  ? -11.771 6.359   -10.862 0.60 30.29 ? 239 DG  H N2    1 
ATOM   1593 N N3    B DG  H 1 9  ? -10.082 7.921   -10.996 0.60 29.93 ? 239 DG  H N3    1 
ATOM   1594 C C4    B DG  H 1 9  ? -9.808  9.219   -10.749 0.60 30.35 ? 239 DG  H C4    1 
ATOM   1595 P P     B DG  H 1 10 ? -3.488  8.740   -13.869 0.60 33.65 ? 240 DG  H P     1 
ATOM   1596 O OP1   B DG  H 1 10 ? -2.351  8.850   -12.922 0.60 32.61 ? 240 DG  H OP1   1 
ATOM   1597 O OP2   B DG  H 1 10 ? -3.698  9.801   -14.887 0.60 32.96 ? 240 DG  H OP2   1 
ATOM   1598 O "O5'" B DG  H 1 10 ? -3.396  7.331   -14.607 0.60 33.17 ? 240 DG  H "O5'" 1 
ATOM   1599 C "C5'" B DG  H 1 10 ? -3.815  7.182   -15.962 0.60 33.62 ? 240 DG  H "C5'" 1 
ATOM   1600 C "C4'" B DG  H 1 10 ? -4.685  5.955   -16.107 0.60 32.34 ? 240 DG  H "C4'" 1 
ATOM   1601 O "O4'" B DG  H 1 10 ? -5.848  6.114   -15.261 0.60 31.21 ? 240 DG  H "O4'" 1 
ATOM   1602 C "C3'" B DG  H 1 10 ? -5.238  5.743   -17.515 0.60 31.30 ? 240 DG  H "C3'" 1 
ATOM   1603 O "O3'" B DG  H 1 10 ? -5.650  4.384   -17.667 0.60 30.84 ? 240 DG  H "O3'" 1 
ATOM   1604 C "C2'" B DG  H 1 10 ? -6.527  6.536   -17.475 0.60 29.97 ? 240 DG  H "C2'" 1 
ATOM   1605 C "C1'" B DG  H 1 10 ? -7.012  6.243   -16.066 0.60 30.03 ? 240 DG  H "C1'" 1 
ATOM   1606 N N9    B DG  H 1 10 ? -7.845  7.293   -15.491 0.60 28.59 ? 240 DG  H N9    1 
ATOM   1607 C C8    B DG  H 1 10 ? -7.480  8.585   -15.197 0.60 27.77 ? 240 DG  H C8    1 
ATOM   1608 N N7    B DG  H 1 10 ? -8.458  9.289   -14.695 0.60 26.83 ? 240 DG  H N7    1 
ATOM   1609 C C5    B DG  H 1 10 ? -9.529  8.407   -14.654 0.60 26.49 ? 240 DG  H C5    1 
ATOM   1610 C C6    B DG  H 1 10 ? -10.859 8.597   -14.208 0.60 25.99 ? 240 DG  H C6    1 
ATOM   1611 O O6    B DG  H 1 10 ? -11.381 9.620   -13.747 0.60 25.59 ? 240 DG  H O6    1 
ATOM   1612 N N1    B DG  H 1 10 ? -11.611 7.433   -14.343 0.60 25.86 ? 240 DG  H N1    1 
ATOM   1613 C C2    B DG  H 1 10 ? -11.144 6.242   -14.842 0.60 25.33 ? 240 DG  H C2    1 
ATOM   1614 N N2    B DG  H 1 10 ? -12.020 5.230   -14.885 0.60 25.82 ? 240 DG  H N2    1 
ATOM   1615 N N3    B DG  H 1 10 ? -9.911  6.055   -15.262 0.60 25.93 ? 240 DG  H N3    1 
ATOM   1616 C C4    B DG  H 1 10 ? -9.162  7.170   -15.140 0.60 26.98 ? 240 DG  H C4    1 
HETATM 1617 O O     . HOH I 3 .  ? -2.741  6.355   10.963  1.00 7.14  ? 101 HOH A O     1 
HETATM 1618 O O     . HOH I 3 .  ? 6.836   0.504   4.114   1.00 5.46  ? 102 HOH A O     1 
HETATM 1619 O O     . HOH I 3 .  ? 3.972   2.503   6.603   1.00 23.07 ? 103 HOH A O     1 
HETATM 1620 O O     . HOH I 3 .  ? -18.449 -2.320  16.443  1.00 4.79  ? 104 HOH A O     1 
HETATM 1621 O O     . HOH I 3 .  ? 13.420  -17.287 4.571   1.00 1.51  ? 105 HOH A O     1 
HETATM 1622 O O     . HOH I 3 .  ? 4.439   -13.504 -5.674  1.00 18.70 ? 106 HOH A O     1 
HETATM 1623 O O     . HOH I 3 .  ? -16.047 3.319   17.106  1.00 23.55 ? 107 HOH A O     1 
HETATM 1624 O O     . HOH I 3 .  ? 13.066  -11.138 11.786  1.00 0.11  ? 108 HOH A O     1 
HETATM 1625 O O     . HOH J 3 .  ? 9.471   -2.297  14.552  1.00 0.11  ? 101 HOH B O     1 
HETATM 1626 O O     . HOH J 3 .  ? 0.418   7.608   -7.512  1.00 6.96  ? 102 HOH B O     1 
HETATM 1627 O O     . HOH J 3 .  ? 11.594  9.178   -5.085  1.00 0.11  ? 103 HOH B O     1 
HETATM 1628 O O     . HOH J 3 .  ? 5.031   -0.549  -8.461  1.00 9.81  ? 104 HOH B O     1 
HETATM 1629 O O     . HOH J 3 .  ? 2.254   13.155  0.370   1.00 21.46 ? 105 HOH B O     1 
HETATM 1630 O O     . HOH J 3 .  ? 7.155   -12.063 4.777   1.00 0.11  ? 106 HOH B O     1 
HETATM 1631 O O     . HOH J 3 .  ? 10.821  6.905   -4.500  1.00 13.89 ? 107 HOH B O     1 
HETATM 1632 O O     . HOH J 3 .  ? 1.183   4.663   -4.811  1.00 1.21  ? 108 HOH B O     1 
HETATM 1633 O O     . HOH J 3 .  ? 0.406   -15.656 5.798   1.00 19.93 ? 109 HOH B O     1 
HETATM 1634 O O     . HOH J 3 .  ? 11.276  -4.924  14.535  1.00 12.60 ? 110 HOH B O     1 
HETATM 1635 O O     . HOH K 3 .  ? 9.471   13.197  7.246   1.00 0.11  ? 101 HOH C O     1 
HETATM 1636 O O     . HOH K 3 .  ? 2.358   8.717   4.002   1.00 3.88  ? 102 HOH C O     1 
HETATM 1637 O O     . HOH K 3 .  ? -0.090  -2.612  -5.118  1.00 3.99  ? 103 HOH C O     1 
HETATM 1638 O O     . HOH K 3 .  ? 3.266   -2.124  -7.318  1.00 0.11  ? 104 HOH C O     1 
HETATM 1639 O O     . HOH K 3 .  ? 2.592   -5.209  -7.519  1.00 0.11  ? 105 HOH C O     1 
HETATM 1640 O O     . HOH K 3 .  ? -8.844  -6.341  -14.355 1.00 9.39  ? 106 HOH C O     1 
HETATM 1641 O O     . HOH K 3 .  ? -6.672  -5.721  -16.416 1.00 35.14 ? 107 HOH C O     1 
HETATM 1642 O O     . HOH K 3 .  ? -13.039 12.422  -13.269 1.00 25.25 ? 108 HOH C O     1 
HETATM 1643 O O     . HOH K 3 .  ? 10.580  10.999  9.215   1.00 20.90 ? 109 HOH C O     1 
HETATM 1644 O O     . HOH K 3 .  ? 14.874  11.367  -1.043  1.00 9.27  ? 110 HOH C O     1 
HETATM 1645 O O     . HOH L 3 .  ? -2.783  12.720  -6.179  1.00 27.49 ? 101 HOH D O     1 
HETATM 1646 O O     . HOH L 3 .  ? -16.418 7.816   1.619   1.00 11.15 ? 102 HOH D O     1 
HETATM 1647 O O     . HOH L 3 .  ? -9.317  3.851   -17.547 1.00 35.09 ? 103 HOH D O     1 
HETATM 1648 O O     . HOH L 3 .  ? -10.523 -5.777  6.874   1.00 27.42 ? 104 HOH D O     1 
HETATM 1649 O O     . HOH L 3 .  ? -11.337 15.143  -10.737 1.00 19.16 ? 105 HOH D O     1 
HETATM 1650 O O     . HOH L 3 .  ? -10.681 -6.966  9.465   1.00 0.11  ? 106 HOH D O     1 
HETATM 1651 O O     . HOH L 3 .  ? -8.327  -7.023  8.239   1.00 2.77  ? 107 HOH D O     1 
HETATM 1652 O O     . HOH L 3 .  ? -12.595 -7.203  11.353  1.00 9.16  ? 108 HOH D O     1 
HETATM 1653 O O     . HOH M 3 .  ? -0.385  2.795   9.726   1.00 0.11  ? 301 HOH E O     1 
HETATM 1654 O O     . HOH M 3 .  ? 1.657   1.100   8.473   1.00 20.07 ? 302 HOH E O     1 
HETATM 1655 O O     . HOH M 3 .  ? 7.938   -11.927 1.308   1.00 0.11  ? 303 HOH E O     1 
HETATM 1656 O O     . HOH M 3 .  ? 18.364  -15.253 -4.680  1.00 9.39  ? 304 HOH E O     1 
HETATM 1657 O O     . HOH M 3 .  ? 16.984  -10.267 7.754   1.00 15.04 ? 305 HOH E O     1 
HETATM 1658 O O     . HOH M 3 .  ? -13.493 2.364   19.822  1.00 1.06  ? 306 HOH E O     1 
HETATM 1659 O O     . HOH M 3 .  ? 2.752   -12.110 -4.492  1.00 7.90  ? 307 HOH E O     1 
HETATM 1660 O O     . HOH M 3 .  ? -9.912  0.455   17.556  1.00 0.71  ? 308 HOH E O     1 
HETATM 1661 O O     . HOH M 3 .  ? -12.878 3.367   21.337  1.00 8.50  ? 309 HOH E O     1 
HETATM 1662 O O     . HOH M 3 .  ? -13.193 -7.200  14.127  1.00 8.55  ? 310 HOH E O     1 
HETATM 1663 O O     . HOH M 3 .  ? 18.943  -12.263 -5.517  0.50 39.21 ? 311 HOH E O     1 
HETATM 1664 O O     . HOH M 3 .  ? -9.516  -0.703  19.424  1.00 13.31 ? 312 HOH E O     1 
HETATM 1665 O O     . HOH M 3 .  ? -7.988  -8.881  11.486  1.00 15.96 ? 313 HOH E O     1 
HETATM 1666 O O     . HOH M 3 .  ? -0.628  -4.789  4.703   1.00 17.60 ? 314 HOH E O     1 
HETATM 1667 O O     . HOH M 3 .  ? 16.556  -14.661 -6.868  1.00 6.23  ? 315 HOH E O     1 
HETATM 1668 O O     . HOH M 3 .  ? 0.010   5.500   5.392   1.00 28.22 ? 316 HOH E O     1 
HETATM 1669 O O     . HOH M 3 .  ? 22.227  -14.556 3.076   1.00 22.31 ? 317 HOH E O     1 
HETATM 1670 O O     . HOH N 3 .  ? 3.773   -14.288 10.129  1.00 0.11  ? 301 HOH F O     1 
HETATM 1671 O O     . HOH N 3 .  ? 9.031   6.722   -7.868  1.00 16.94 ? 302 HOH F O     1 
HETATM 1672 O O     . HOH N 3 .  ? 7.989   -8.219  14.582  1.00 0.11  ? 303 HOH F O     1 
HETATM 1673 O O     . HOH N 3 .  ? 20.060  3.055   2.364   1.00 3.53  ? 304 HOH F O     1 
HETATM 1674 O O     . HOH N 3 .  ? 3.370   1.628   -15.669 1.00 0.11  ? 305 HOH F O     1 
HETATM 1675 O O     . HOH N 3 .  ? 20.532  4.243   -3.726  1.00 0.11  ? 306 HOH F O     1 
HETATM 1676 O O     . HOH N 3 .  ? 12.039  4.653   -13.070 1.00 0.11  ? 307 HOH F O     1 
HETATM 1677 O O     . HOH N 3 .  ? -0.341  12.199  -11.726 1.00 0.11  ? 308 HOH F O     1 
HETATM 1678 O O     . HOH N 3 .  ? -0.282  10.521  1.510   1.00 12.42 ? 309 HOH F O     1 
HETATM 1679 O O     . HOH N 3 .  ? 6.530   3.907   -16.516 1.00 22.30 ? 310 HOH F O     1 
HETATM 1680 O O     . HOH N 3 .  ? 15.407  -9.739  9.931   1.00 0.11  ? 311 HOH F O     1 
HETATM 1681 O O     . HOH N 3 .  ? -0.130  9.309   -1.417  1.00 0.11  ? 312 HOH F O     1 
HETATM 1682 O O     . HOH N 3 .  ? 15.758  -5.656  1.301   1.00 9.28  ? 313 HOH F O     1 
HETATM 1683 O O     . HOH N 3 .  ? -4.338  7.094   -6.710  1.00 2.70  ? 314 HOH F O     1 
HETATM 1684 O O     . HOH N 3 .  ? 17.558  6.705   4.913   1.00 28.15 ? 315 HOH F O     1 
HETATM 1685 O O     . HOH N 3 .  ? 7.699   -1.793  -7.794  1.00 5.29  ? 316 HOH F O     1 
HETATM 1686 O O     . HOH N 3 .  ? 21.137  6.330   -5.514  1.00 20.95 ? 317 HOH F O     1 
HETATM 1687 O O     . HOH N 3 .  ? 11.951  6.553   -2.705  1.00 30.73 ? 318 HOH F O     1 
HETATM 1688 O O     . HOH N 3 .  ? 8.470   -15.683 3.558   1.00 15.81 ? 319 HOH F O     1 
HETATM 1689 O O     . HOH N 3 .  ? 4.350   -5.573  9.321   1.00 23.76 ? 320 HOH F O     1 
HETATM 1690 O O     . HOH N 3 .  ? 10.993  1.816   -13.003 1.00 37.12 ? 321 HOH F O     1 
HETATM 1691 O O     . HOH N 3 .  ? 10.576  -9.723  12.265  1.00 33.49 ? 322 HOH F O     1 
HETATM 1692 O O     . HOH O 3 .  ? -14.854 -1.866  -14.912 1.00 18.54 ? 301 HOH G O     1 
HETATM 1693 O O     . HOH O 3 .  ? 8.392   4.151   2.134   1.00 0.11  ? 302 HOH G O     1 
HETATM 1694 O O     . HOH O 3 .  ? 12.171  10.744  -0.180  1.00 0.11  ? 303 HOH G O     1 
HETATM 1695 O O     . HOH O 3 .  ? -6.397  4.366   0.925   1.00 0.11  ? 304 HOH G O     1 
HETATM 1696 O O     . HOH O 3 .  ? -0.971  1.705   -10.196 1.00 12.71 ? 305 HOH G O     1 
HETATM 1697 O O     . HOH O 3 .  ? 5.702   3.394   4.675   1.00 13.22 ? 306 HOH G O     1 
HETATM 1698 O O     . HOH O 3 .  ? 2.192   -0.572  -10.035 1.00 5.99  ? 307 HOH G O     1 
HETATM 1699 O O     . HOH O 3 .  ? 1.999   0.117   -13.976 1.00 2.26  ? 308 HOH G O     1 
HETATM 1700 O O     . HOH O 3 .  ? 8.425   4.016   5.864   1.00 3.77  ? 309 HOH G O     1 
HETATM 1701 O O     . HOH O 3 .  ? -5.019  7.297   1.274   1.00 0.11  ? 310 HOH G O     1 
HETATM 1702 O O     . HOH O 3 .  ? 11.328  8.544   -7.425  1.00 0.11  ? 311 HOH G O     1 
HETATM 1703 O O     . HOH O 3 .  ? -19.464 9.833   -9.175  1.00 5.83  ? 312 HOH G O     1 
HETATM 1704 O O     . HOH O 3 .  ? -19.188 12.486  -9.504  1.00 12.88 ? 313 HOH G O     1 
HETATM 1705 O O     . HOH O 3 .  ? 9.543   10.461  -6.558  1.00 2.84  ? 314 HOH G O     1 
HETATM 1706 O O     . HOH O 3 .  ? 10.763  9.881   -9.399  1.00 13.04 ? 315 HOH G O     1 
HETATM 1707 O O     . HOH O 3 .  ? 14.164  8.575   -7.688  1.00 35.06 ? 316 HOH G O     1 
HETATM 1708 O O     . HOH O 3 .  ? 12.886  9.869   -6.462  1.00 38.30 ? 317 HOH G O     1 
HETATM 1709 O O     . HOH P 3 .  ? -16.873 -5.494  2.332   1.00 11.87 ? 301 HOH H O     1 
HETATM 1710 O O     . HOH P 3 .  ? -18.787 2.582   -0.466  0.50 0.11  ? 302 HOH H O     1 
HETATM 1711 O O     . HOH P 3 .  ? 2.244   -5.125  11.406  1.00 10.53 ? 303 HOH H O     1 
HETATM 1712 O O     . HOH P 3 .  ? -18.761 2.660   -2.972  1.00 3.60  ? 304 HOH H O     1 
HETATM 1713 O O     . HOH P 3 .  ? -7.678  5.423   -11.653 1.00 28.07 ? 305 HOH H O     1 
HETATM 1714 O O     . HOH P 3 .  ? -1.497  -14.599 8.279   1.00 9.66  ? 306 HOH H O     1 
HETATM 1715 O O     . HOH P 3 .  ? -4.680  5.590   -10.200 1.00 28.20 ? 307 HOH H O     1 
HETATM 1716 O O     . HOH P 3 .  ? 1.732   -2.088  11.973  1.00 34.15 ? 308 HOH H O     1 
# 
loop_
_pdbx_poly_seq_scheme.asym_id 
_pdbx_poly_seq_scheme.entity_id 
_pdbx_poly_seq_scheme.seq_id 
_pdbx_poly_seq_scheme.mon_id 
_pdbx_poly_seq_scheme.ndb_seq_num 
_pdbx_poly_seq_scheme.pdb_seq_num 
_pdbx_poly_seq_scheme.auth_seq_num 
_pdbx_poly_seq_scheme.pdb_mon_id 
_pdbx_poly_seq_scheme.auth_mon_id 
_pdbx_poly_seq_scheme.pdb_strand_id 
_pdbx_poly_seq_scheme.pdb_ins_code 
_pdbx_poly_seq_scheme.hetero 
A 1 1  DC  1  1   1   DC  DC  A . n 
A 1 2  DC  2  2   2   DC  DC  A . n 
A 1 3  DG  3  3   3   DG  DG  A . n 
A 1 4  DG  4  4   4   DG  DG  A . n 
A 1 5  DT  5  5   5   DT  DT  A . n 
A 1 6  DA  6  6   6   DA  DA  A . n 
A 1 7  UFP 7  7   7   UFP UFP A . n 
A 1 8  DC  8  8   8   DC  DC  A . n 
A 1 9  DG  9  9   9   DG  DG  A . n 
A 1 10 DG  10 10  10  DG  DG  A . n 
B 2 1  DC  1  11  11  DC  DC  B . n 
B 2 2  DC  2  12  12  DC  DC  B . n 
B 2 3  DG  3  13  13  DG  DG  B . n 
B 2 4  DA  4  14  14  DA  DA  B . n 
B 2 5  DT  5  15  15  DT  DT  B . n 
B 2 6  DA  6  16  16  DA  DA  B . n 
B 2 7  DC  7  17  17  DC  DC  B . n 
B 2 8  DC  8  18  18  DC  DC  B . n 
B 2 9  DG  9  19  19  DG  DG  B . n 
B 2 10 DG  10 20  20  DG  DG  B . n 
C 1 1  DC  1  21  21  DC  DC  C . n 
C 1 2  DC  2  22  22  DC  DC  C . n 
C 1 3  DG  3  23  23  DG  DG  C . n 
C 1 4  DG  4  24  24  DG  DG  C . n 
C 1 5  DT  5  25  25  DT  DT  C . n 
C 1 6  DA  6  26  26  DA  DA  C . n 
C 1 7  UFP 7  27  27  UFP UFP C . n 
C 1 8  DC  8  28  28  DC  DC  C . n 
C 1 9  DG  9  29  29  DG  DG  C . n 
C 1 10 DG  10 30  30  DG  DG  C . n 
D 2 1  DC  1  31  31  DC  DC  D . n 
D 2 2  DC  2  32  32  DC  DC  D . n 
D 2 3  DG  3  33  33  DG  DG  D . n 
D 2 4  DA  4  34  34  DA  DA  D . n 
D 2 5  DT  5  35  35  DT  DT  D . n 
D 2 6  DA  6  36  36  DA  DA  D . n 
D 2 7  DC  7  37  37  DC  DC  D . n 
D 2 8  DC  8  38  38  DC  DC  D . n 
D 2 9  DG  9  39  39  DG  DG  D . n 
D 2 10 DG  10 40  40  DG  DG  D . n 
E 2 1  DC  1  201 201 DC  DC  E . n 
E 2 2  DC  2  202 202 DC  DC  E . n 
E 2 3  DG  3  203 203 DG  DG  E . n 
E 2 4  DA  4  204 204 DA  DA  E . n 
E 2 5  DT  5  205 205 DT  DT  E . n 
E 2 6  DA  6  206 206 DA  DA  E . n 
E 2 7  DC  7  207 207 DC  DC  E . n 
E 2 8  DC  8  208 208 DC  DC  E . n 
E 2 9  DG  9  209 209 DG  DG  E . n 
E 2 10 DG  10 210 210 DG  DG  E . n 
F 1 1  DC  1  211 211 DC  DC  F . n 
F 1 2  DC  2  212 212 DC  DC  F . n 
F 1 3  DG  3  213 213 DG  DG  F . n 
F 1 4  DG  4  214 214 DG  DG  F . n 
F 1 5  DT  5  215 215 DT  DT  F . n 
F 1 6  DA  6  216 216 DA  DA  F . n 
F 1 7  UFP 7  217 217 UFP UFP F . n 
F 1 8  DC  8  218 218 DC  DC  F . n 
F 1 9  DG  9  219 219 DG  DG  F . n 
F 1 10 DG  10 220 220 DG  DG  F . n 
G 2 1  DC  1  221 221 DC  DC  G . n 
G 2 2  DC  2  222 222 DC  DC  G . n 
G 2 3  DG  3  223 223 DG  DG  G . n 
G 2 4  DA  4  224 224 DA  DA  G . n 
G 2 5  DT  5  225 225 DT  DT  G . n 
G 2 6  DA  6  226 226 DA  DA  G . n 
G 2 7  DC  7  227 227 DC  DC  G . n 
G 2 8  DC  8  228 228 DC  DC  G . n 
G 2 9  DG  9  229 229 DG  DG  G . n 
G 2 10 DG  10 230 230 DG  DG  G . n 
H 1 1  DC  1  231 231 DC  DC  H . n 
H 1 2  DC  2  232 232 DC  DC  H . n 
H 1 3  DG  3  233 233 DG  DG  H . n 
H 1 4  DG  4  234 234 DG  DG  H . n 
H 1 5  DT  5  235 235 DT  DT  H . n 
H 1 6  DA  6  236 236 DA  DA  H . n 
H 1 7  UFP 7  237 237 UFP UFP H . n 
H 1 8  DC  8  238 238 DC  DC  H . n 
H 1 9  DG  9  239 239 DG  DG  H . n 
H 1 10 DG  10 240 240 DG  DG  H . n 
# 
loop_
_pdbx_nonpoly_scheme.asym_id 
_pdbx_nonpoly_scheme.entity_id 
_pdbx_nonpoly_scheme.mon_id 
_pdbx_nonpoly_scheme.ndb_seq_num 
_pdbx_nonpoly_scheme.pdb_seq_num 
_pdbx_nonpoly_scheme.auth_seq_num 
_pdbx_nonpoly_scheme.pdb_mon_id 
_pdbx_nonpoly_scheme.auth_mon_id 
_pdbx_nonpoly_scheme.pdb_strand_id 
_pdbx_nonpoly_scheme.pdb_ins_code 
I 3 HOH 1  101 42  HOH HOH A . 
I 3 HOH 2  102 50  HOH HOH A . 
I 3 HOH 3  103 56  HOH HOH A . 
I 3 HOH 4  104 128 HOH HOH A . 
I 3 HOH 5  105 147 HOH HOH A . 
I 3 HOH 6  106 154 HOH HOH A . 
I 3 HOH 7  107 101 HOH HOH A . 
I 3 HOH 8  108 105 HOH HOH A . 
J 3 HOH 1  101 71  HOH HOH B . 
J 3 HOH 2  102 96  HOH HOH B . 
J 3 HOH 3  103 111 HOH HOH B . 
J 3 HOH 4  104 112 HOH HOH B . 
J 3 HOH 5  105 114 HOH HOH B . 
J 3 HOH 6  106 117 HOH HOH B . 
J 3 HOH 7  107 122 HOH HOH B . 
J 3 HOH 8  108 125 HOH HOH B . 
J 3 HOH 9  109 139 HOH HOH B . 
J 3 HOH 10 110 162 HOH HOH B . 
K 3 HOH 1  101 63  HOH HOH C . 
K 3 HOH 2  102 67  HOH HOH C . 
K 3 HOH 3  103 87  HOH HOH C . 
K 3 HOH 4  104 118 HOH HOH C . 
K 3 HOH 5  105 120 HOH HOH C . 
K 3 HOH 6  106 133 HOH HOH C . 
K 3 HOH 7  107 136 HOH HOH C . 
K 3 HOH 8  108 138 HOH HOH C . 
K 3 HOH 9  109 140 HOH HOH C . 
K 3 HOH 10 110 153 HOH HOH C . 
L 3 HOH 1  101 44  HOH HOH D . 
L 3 HOH 2  102 64  HOH HOH D . 
L 3 HOH 3  103 91  HOH HOH D . 
L 3 HOH 4  104 106 HOH HOH D . 
L 3 HOH 5  105 164 HOH HOH D . 
L 3 HOH 6  106 76  HOH HOH D . 
L 3 HOH 7  107 81  HOH HOH D . 
L 3 HOH 8  108 88  HOH HOH D . 
M 3 HOH 1  301 59  HOH HOH E . 
M 3 HOH 2  302 149 HOH HOH E . 
M 3 HOH 3  303 41  HOH HOH E . 
M 3 HOH 4  304 53  HOH HOH E . 
M 3 HOH 5  305 55  HOH HOH E . 
M 3 HOH 6  306 69  HOH HOH E . 
M 3 HOH 7  307 73  HOH HOH E . 
M 3 HOH 8  308 90  HOH HOH E . 
M 3 HOH 9  309 92  HOH HOH E . 
M 3 HOH 10 310 99  HOH HOH E . 
M 3 HOH 11 311 100 HOH HOH E . 
M 3 HOH 12 312 124 HOH HOH E . 
M 3 HOH 13 313 137 HOH HOH E . 
M 3 HOH 14 314 144 HOH HOH E . 
M 3 HOH 15 315 148 HOH HOH E . 
M 3 HOH 16 316 156 HOH HOH E . 
M 3 HOH 17 317 161 HOH HOH E . 
N 3 HOH 1  301 52  HOH HOH F . 
N 3 HOH 2  302 58  HOH HOH F . 
N 3 HOH 3  303 62  HOH HOH F . 
N 3 HOH 4  304 75  HOH HOH F . 
N 3 HOH 5  305 82  HOH HOH F . 
N 3 HOH 6  306 95  HOH HOH F . 
N 3 HOH 7  307 97  HOH HOH F . 
N 3 HOH 8  308 104 HOH HOH F . 
N 3 HOH 9  309 107 HOH HOH F . 
N 3 HOH 10 310 115 HOH HOH F . 
N 3 HOH 11 311 116 HOH HOH F . 
N 3 HOH 12 312 119 HOH HOH F . 
N 3 HOH 13 313 126 HOH HOH F . 
N 3 HOH 14 314 129 HOH HOH F . 
N 3 HOH 15 315 132 HOH HOH F . 
N 3 HOH 16 316 142 HOH HOH F . 
N 3 HOH 17 317 143 HOH HOH F . 
N 3 HOH 18 318 145 HOH HOH F . 
N 3 HOH 19 319 150 HOH HOH F . 
N 3 HOH 20 320 152 HOH HOH F . 
N 3 HOH 21 321 158 HOH HOH F . 
N 3 HOH 22 322 159 HOH HOH F . 
O 3 HOH 1  301 77  HOH HOH G . 
O 3 HOH 2  302 127 HOH HOH G . 
O 3 HOH 3  303 135 HOH HOH G . 
O 3 HOH 4  304 45  HOH HOH G . 
O 3 HOH 5  305 46  HOH HOH G . 
O 3 HOH 6  306 48  HOH HOH G . 
O 3 HOH 7  307 49  HOH HOH G . 
O 3 HOH 8  308 57  HOH HOH G . 
O 3 HOH 9  309 60  HOH HOH G . 
O 3 HOH 10 310 68  HOH HOH G . 
O 3 HOH 11 311 109 HOH HOH G . 
O 3 HOH 12 312 123 HOH HOH G . 
O 3 HOH 13 313 130 HOH HOH G . 
O 3 HOH 14 314 141 HOH HOH G . 
O 3 HOH 15 315 146 HOH HOH G . 
O 3 HOH 16 316 151 HOH HOH G . 
O 3 HOH 17 317 155 HOH HOH G . 
P 3 HOH 1  301 86  HOH HOH H . 
P 3 HOH 2  302 103 HOH HOH H . 
P 3 HOH 3  303 113 HOH HOH H . 
P 3 HOH 4  304 121 HOH HOH H . 
P 3 HOH 5  305 131 HOH HOH H . 
P 3 HOH 6  306 134 HOH HOH H . 
P 3 HOH 7  307 157 HOH HOH H . 
P 3 HOH 8  308 160 HOH HOH H . 
# 
_pdbx_struct_assembly.id                   1 
_pdbx_struct_assembly.details              author_defined_assembly 
_pdbx_struct_assembly.method_details       ? 
_pdbx_struct_assembly.oligomeric_details   octameric 
_pdbx_struct_assembly.oligomeric_count     8 
# 
_pdbx_struct_assembly_gen.assembly_id       1 
_pdbx_struct_assembly_gen.oper_expression   1 
_pdbx_struct_assembly_gen.asym_id_list      A,B,C,D,E,F,G,H,I,J,K,L,M,N,O,P 
# 
_pdbx_struct_oper_list.id                   1 
_pdbx_struct_oper_list.type                 'identity operation' 
_pdbx_struct_oper_list.name                 1_555 
_pdbx_struct_oper_list.symmetry_operation   x,y,z 
_pdbx_struct_oper_list.matrix[1][1]         1.0000000000 
_pdbx_struct_oper_list.matrix[1][2]         0.0000000000 
_pdbx_struct_oper_list.matrix[1][3]         0.0000000000 
_pdbx_struct_oper_list.vector[1]            0.0000000000 
_pdbx_struct_oper_list.matrix[2][1]         0.0000000000 
_pdbx_struct_oper_list.matrix[2][2]         1.0000000000 
_pdbx_struct_oper_list.matrix[2][3]         0.0000000000 
_pdbx_struct_oper_list.vector[2]            0.0000000000 
_pdbx_struct_oper_list.matrix[3][1]         0.0000000000 
_pdbx_struct_oper_list.matrix[3][2]         0.0000000000 
_pdbx_struct_oper_list.matrix[3][3]         1.0000000000 
_pdbx_struct_oper_list.vector[3]            0.0000000000 
# 
loop_
_pdbx_struct_special_symmetry.id 
_pdbx_struct_special_symmetry.PDB_model_num 
_pdbx_struct_special_symmetry.auth_asym_id 
_pdbx_struct_special_symmetry.auth_comp_id 
_pdbx_struct_special_symmetry.auth_seq_id 
_pdbx_struct_special_symmetry.PDB_ins_code 
_pdbx_struct_special_symmetry.label_asym_id 
_pdbx_struct_special_symmetry.label_comp_id 
_pdbx_struct_special_symmetry.label_seq_id 
1 1 E HOH 311 ? M HOH . 
2 1 H HOH 302 ? P HOH . 
# 
loop_
_pdbx_audit_revision_history.ordinal 
_pdbx_audit_revision_history.data_content_type 
_pdbx_audit_revision_history.major_revision 
_pdbx_audit_revision_history.minor_revision 
_pdbx_audit_revision_history.revision_date 
1 'Structure model' 1 0 2013-07-31 
2 'Structure model' 1 1 2013-12-18 
3 'Structure model' 1 2 2017-11-15 
4 'Structure model' 1 3 2023-09-13 
# 
_pdbx_audit_revision_details.ordinal             1 
_pdbx_audit_revision_details.revision_ordinal    1 
_pdbx_audit_revision_details.data_content_type   'Structure model' 
_pdbx_audit_revision_details.provider            repository 
_pdbx_audit_revision_details.type                'Initial release' 
_pdbx_audit_revision_details.description         ? 
_pdbx_audit_revision_details.details             ? 
# 
loop_
_pdbx_audit_revision_group.ordinal 
_pdbx_audit_revision_group.revision_ordinal 
_pdbx_audit_revision_group.data_content_type 
_pdbx_audit_revision_group.group 
1 2 'Structure model' 'Database references'    
2 3 'Structure model' 'Refinement description' 
3 4 'Structure model' 'Data collection'        
4 4 'Structure model' 'Database references'    
5 4 'Structure model' 'Derived calculations'   
6 4 'Structure model' 'Refinement description' 
# 
loop_
_pdbx_audit_revision_category.ordinal 
_pdbx_audit_revision_category.revision_ordinal 
_pdbx_audit_revision_category.data_content_type 
_pdbx_audit_revision_category.category 
1 3 'Structure model' software                      
2 4 'Structure model' chem_comp_atom                
3 4 'Structure model' chem_comp_bond                
4 4 'Structure model' database_2                    
5 4 'Structure model' pdbx_initial_refinement_model 
6 4 'Structure model' struct_conn                   
# 
loop_
_pdbx_audit_revision_item.ordinal 
_pdbx_audit_revision_item.revision_ordinal 
_pdbx_audit_revision_item.data_content_type 
_pdbx_audit_revision_item.item 
1  3 'Structure model' '_software.classification'             
2  3 'Structure model' '_software.contact_author'             
3  3 'Structure model' '_software.contact_author_email'       
4  3 'Structure model' '_software.date'                       
5  3 'Structure model' '_software.language'                   
6  3 'Structure model' '_software.location'                   
7  3 'Structure model' '_software.name'                       
8  3 'Structure model' '_software.type'                       
9  3 'Structure model' '_software.version'                    
10 4 'Structure model' '_database_2.pdbx_DOI'                 
11 4 'Structure model' '_database_2.pdbx_database_accession'  
12 4 'Structure model' '_struct_conn.pdbx_dist_value'         
13 4 'Structure model' '_struct_conn.pdbx_leaving_atom_flag'  
14 4 'Structure model' '_struct_conn.pdbx_ptnr1_label_alt_id' 
15 4 'Structure model' '_struct_conn.pdbx_ptnr2_label_alt_id' 
16 4 'Structure model' '_struct_conn.ptnr1_auth_asym_id'      
17 4 'Structure model' '_struct_conn.ptnr1_auth_comp_id'      
18 4 'Structure model' '_struct_conn.ptnr1_auth_seq_id'       
19 4 'Structure model' '_struct_conn.ptnr1_label_asym_id'     
20 4 'Structure model' '_struct_conn.ptnr1_label_comp_id'     
21 4 'Structure model' '_struct_conn.ptnr1_label_seq_id'      
22 4 'Structure model' '_struct_conn.ptnr2_auth_asym_id'      
23 4 'Structure model' '_struct_conn.ptnr2_auth_comp_id'      
24 4 'Structure model' '_struct_conn.ptnr2_auth_seq_id'       
25 4 'Structure model' '_struct_conn.ptnr2_label_asym_id'     
26 4 'Structure model' '_struct_conn.ptnr2_label_comp_id'     
27 4 'Structure model' '_struct_conn.ptnr2_label_seq_id'      
# 
loop_
_software.pdbx_ordinal 
_software.name 
_software.version 
_software.date 
_software.type 
_software.contact_author 
_software.contact_author_email 
_software.classification 
_software.location 
_software.language 
_software.citation_id 
1 DENZO       .    ?                package 'Zbyszek Otwinowski' hkl@hkl-xray.com         'data reduction'  
http://www.hkl-xray.com/                  ?          ? 
2 SCALEPACK   .    ?                package 'Zbyszek Otwinowski' hkl@hkl-xray.com         'data scaling'    
http://www.hkl-xray.com/                  ?          ? 
3 CNS         1.2  ?                package 'Axel T. Brunger'    axel.brunger@yale.edu    refinement        http://cns-online.org/ 
Fortran_77 ? 
4 PDB_EXTRACT 3.11 'April 22, 2011' package PDB                  deposit@deposit.rcsb.org 'data extraction' 
http://sw-tools.pdb.org/apps/PDB_EXTRACT/ C++        ? 
5 HKL-2000    .    ?                ?       ?                    ?                        'data collection' ? ?          ? 
6 HKL-2000    .    ?                ?       ?                    ?                        'data reduction'  ? ?          ? 
7 CNS         .    ?                ?       ?                    ?                        phasing           ? ?          ? 
# 
loop_
_pdbx_validate_close_contact.id 
_pdbx_validate_close_contact.PDB_model_num 
_pdbx_validate_close_contact.auth_atom_id_1 
_pdbx_validate_close_contact.auth_asym_id_1 
_pdbx_validate_close_contact.auth_comp_id_1 
_pdbx_validate_close_contact.auth_seq_id_1 
_pdbx_validate_close_contact.PDB_ins_code_1 
_pdbx_validate_close_contact.label_alt_id_1 
_pdbx_validate_close_contact.auth_atom_id_2 
_pdbx_validate_close_contact.auth_asym_id_2 
_pdbx_validate_close_contact.auth_comp_id_2 
_pdbx_validate_close_contact.auth_seq_id_2 
_pdbx_validate_close_contact.PDB_ins_code_2 
_pdbx_validate_close_contact.label_alt_id_2 
_pdbx_validate_close_contact.dist 
1  1 O     E HOH 306 ? ? O E HOH 309 ? ? 1.92 
2  1 O     B HOH 103 ? ? O G HOH 317 ? ? 2.01 
3  1 OP1   F DG  219 ? B O F HOH 320 ? ? 2.10 
4  1 OP1   B DG  19  ? A O F HOH 320 ? ? 2.10 
5  1 OP2   E DG  210 ? B O E HOH 308 ? ? 2.12 
6  1 OP2   A DG  10  ? A O E HOH 308 ? ? 2.12 
7  1 OP2   D DC  37  ? A O D HOH 102 ? ? 2.14 
8  1 O     B HOH 107 ? ? O F HOH 318 ? ? 2.15 
9  1 "O4'" F DG  213 ? B O F HOH 302 ? ? 2.17 
10 1 OP2   F DG  220 ? B O F HOH 301 ? ? 2.18 
11 1 "O4'" B DG  13  ? A O F HOH 302 ? ? 2.18 
12 1 O     G HOH 316 ? ? O G HOH 317 ? ? 2.19 
# 
loop_
_chem_comp_atom.comp_id 
_chem_comp_atom.atom_id 
_chem_comp_atom.type_symbol 
_chem_comp_atom.pdbx_aromatic_flag 
_chem_comp_atom.pdbx_stereo_config 
_chem_comp_atom.pdbx_ordinal 
DA  OP3    O N N 1   
DA  P      P N N 2   
DA  OP1    O N N 3   
DA  OP2    O N N 4   
DA  "O5'"  O N N 5   
DA  "C5'"  C N N 6   
DA  "C4'"  C N R 7   
DA  "O4'"  O N N 8   
DA  "C3'"  C N S 9   
DA  "O3'"  O N N 10  
DA  "C2'"  C N N 11  
DA  "C1'"  C N R 12  
DA  N9     N Y N 13  
DA  C8     C Y N 14  
DA  N7     N Y N 15  
DA  C5     C Y N 16  
DA  C6     C Y N 17  
DA  N6     N N N 18  
DA  N1     N Y N 19  
DA  C2     C Y N 20  
DA  N3     N Y N 21  
DA  C4     C Y N 22  
DA  HOP3   H N N 23  
DA  HOP2   H N N 24  
DA  "H5'"  H N N 25  
DA  "H5''" H N N 26  
DA  "H4'"  H N N 27  
DA  "H3'"  H N N 28  
DA  "HO3'" H N N 29  
DA  "H2'"  H N N 30  
DA  "H2''" H N N 31  
DA  "H1'"  H N N 32  
DA  H8     H N N 33  
DA  H61    H N N 34  
DA  H62    H N N 35  
DA  H2     H N N 36  
DC  OP3    O N N 37  
DC  P      P N N 38  
DC  OP1    O N N 39  
DC  OP2    O N N 40  
DC  "O5'"  O N N 41  
DC  "C5'"  C N N 42  
DC  "C4'"  C N R 43  
DC  "O4'"  O N N 44  
DC  "C3'"  C N S 45  
DC  "O3'"  O N N 46  
DC  "C2'"  C N N 47  
DC  "C1'"  C N R 48  
DC  N1     N N N 49  
DC  C2     C N N 50  
DC  O2     O N N 51  
DC  N3     N N N 52  
DC  C4     C N N 53  
DC  N4     N N N 54  
DC  C5     C N N 55  
DC  C6     C N N 56  
DC  HOP3   H N N 57  
DC  HOP2   H N N 58  
DC  "H5'"  H N N 59  
DC  "H5''" H N N 60  
DC  "H4'"  H N N 61  
DC  "H3'"  H N N 62  
DC  "HO3'" H N N 63  
DC  "H2'"  H N N 64  
DC  "H2''" H N N 65  
DC  "H1'"  H N N 66  
DC  H41    H N N 67  
DC  H42    H N N 68  
DC  H5     H N N 69  
DC  H6     H N N 70  
DG  OP3    O N N 71  
DG  P      P N N 72  
DG  OP1    O N N 73  
DG  OP2    O N N 74  
DG  "O5'"  O N N 75  
DG  "C5'"  C N N 76  
DG  "C4'"  C N R 77  
DG  "O4'"  O N N 78  
DG  "C3'"  C N S 79  
DG  "O3'"  O N N 80  
DG  "C2'"  C N N 81  
DG  "C1'"  C N R 82  
DG  N9     N Y N 83  
DG  C8     C Y N 84  
DG  N7     N Y N 85  
DG  C5     C Y N 86  
DG  C6     C N N 87  
DG  O6     O N N 88  
DG  N1     N N N 89  
DG  C2     C N N 90  
DG  N2     N N N 91  
DG  N3     N N N 92  
DG  C4     C Y N 93  
DG  HOP3   H N N 94  
DG  HOP2   H N N 95  
DG  "H5'"  H N N 96  
DG  "H5''" H N N 97  
DG  "H4'"  H N N 98  
DG  "H3'"  H N N 99  
DG  "HO3'" H N N 100 
DG  "H2'"  H N N 101 
DG  "H2''" H N N 102 
DG  "H1'"  H N N 103 
DG  H8     H N N 104 
DG  H1     H N N 105 
DG  H21    H N N 106 
DG  H22    H N N 107 
DT  OP3    O N N 108 
DT  P      P N N 109 
DT  OP1    O N N 110 
DT  OP2    O N N 111 
DT  "O5'"  O N N 112 
DT  "C5'"  C N N 113 
DT  "C4'"  C N R 114 
DT  "O4'"  O N N 115 
DT  "C3'"  C N S 116 
DT  "O3'"  O N N 117 
DT  "C2'"  C N N 118 
DT  "C1'"  C N R 119 
DT  N1     N N N 120 
DT  C2     C N N 121 
DT  O2     O N N 122 
DT  N3     N N N 123 
DT  C4     C N N 124 
DT  O4     O N N 125 
DT  C5     C N N 126 
DT  C7     C N N 127 
DT  C6     C N N 128 
DT  HOP3   H N N 129 
DT  HOP2   H N N 130 
DT  "H5'"  H N N 131 
DT  "H5''" H N N 132 
DT  "H4'"  H N N 133 
DT  "H3'"  H N N 134 
DT  "HO3'" H N N 135 
DT  "H2'"  H N N 136 
DT  "H2''" H N N 137 
DT  "H1'"  H N N 138 
DT  H3     H N N 139 
DT  H71    H N N 140 
DT  H72    H N N 141 
DT  H73    H N N 142 
DT  H6     H N N 143 
HOH O      O N N 144 
HOH H1     H N N 145 
HOH H2     H N N 146 
UFP N1     N N N 147 
UFP C2     C N N 148 
UFP N3     N N N 149 
UFP C4     C N N 150 
UFP C5     C N N 151 
UFP C6     C N N 152 
UFP O2     O N N 153 
UFP O4     O N N 154 
UFP F5     F N N 155 
UFP "C1'"  C N R 156 
UFP "C2'"  C N N 157 
UFP "C3'"  C N S 158 
UFP "C4'"  C N R 159 
UFP "O3'"  O N N 160 
UFP "O4'"  O N N 161 
UFP "C5'"  C N N 162 
UFP "O5'"  O N N 163 
UFP P      P N N 164 
UFP O1P    O N N 165 
UFP O2P    O N N 166 
UFP O3P    O N N 167 
UFP HN3    H N N 168 
UFP H6     H N N 169 
UFP "H1'"  H N N 170 
UFP "H2'1" H N N 171 
UFP "H2'2" H N N 172 
UFP "H3'"  H N N 173 
UFP "H4'"  H N N 174 
UFP "HO3'" H N N 175 
UFP "H5'1" H N N 176 
UFP "H5'2" H N N 177 
UFP HOP2   H N N 178 
UFP HOP3   H N N 179 
# 
loop_
_chem_comp_bond.comp_id 
_chem_comp_bond.atom_id_1 
_chem_comp_bond.atom_id_2 
_chem_comp_bond.value_order 
_chem_comp_bond.pdbx_aromatic_flag 
_chem_comp_bond.pdbx_stereo_config 
_chem_comp_bond.pdbx_ordinal 
DA  OP3   P      sing N N 1   
DA  OP3   HOP3   sing N N 2   
DA  P     OP1    doub N N 3   
DA  P     OP2    sing N N 4   
DA  P     "O5'"  sing N N 5   
DA  OP2   HOP2   sing N N 6   
DA  "O5'" "C5'"  sing N N 7   
DA  "C5'" "C4'"  sing N N 8   
DA  "C5'" "H5'"  sing N N 9   
DA  "C5'" "H5''" sing N N 10  
DA  "C4'" "O4'"  sing N N 11  
DA  "C4'" "C3'"  sing N N 12  
DA  "C4'" "H4'"  sing N N 13  
DA  "O4'" "C1'"  sing N N 14  
DA  "C3'" "O3'"  sing N N 15  
DA  "C3'" "C2'"  sing N N 16  
DA  "C3'" "H3'"  sing N N 17  
DA  "O3'" "HO3'" sing N N 18  
DA  "C2'" "C1'"  sing N N 19  
DA  "C2'" "H2'"  sing N N 20  
DA  "C2'" "H2''" sing N N 21  
DA  "C1'" N9     sing N N 22  
DA  "C1'" "H1'"  sing N N 23  
DA  N9    C8     sing Y N 24  
DA  N9    C4     sing Y N 25  
DA  C8    N7     doub Y N 26  
DA  C8    H8     sing N N 27  
DA  N7    C5     sing Y N 28  
DA  C5    C6     sing Y N 29  
DA  C5    C4     doub Y N 30  
DA  C6    N6     sing N N 31  
DA  C6    N1     doub Y N 32  
DA  N6    H61    sing N N 33  
DA  N6    H62    sing N N 34  
DA  N1    C2     sing Y N 35  
DA  C2    N3     doub Y N 36  
DA  C2    H2     sing N N 37  
DA  N3    C4     sing Y N 38  
DC  OP3   P      sing N N 39  
DC  OP3   HOP3   sing N N 40  
DC  P     OP1    doub N N 41  
DC  P     OP2    sing N N 42  
DC  P     "O5'"  sing N N 43  
DC  OP2   HOP2   sing N N 44  
DC  "O5'" "C5'"  sing N N 45  
DC  "C5'" "C4'"  sing N N 46  
DC  "C5'" "H5'"  sing N N 47  
DC  "C5'" "H5''" sing N N 48  
DC  "C4'" "O4'"  sing N N 49  
DC  "C4'" "C3'"  sing N N 50  
DC  "C4'" "H4'"  sing N N 51  
DC  "O4'" "C1'"  sing N N 52  
DC  "C3'" "O3'"  sing N N 53  
DC  "C3'" "C2'"  sing N N 54  
DC  "C3'" "H3'"  sing N N 55  
DC  "O3'" "HO3'" sing N N 56  
DC  "C2'" "C1'"  sing N N 57  
DC  "C2'" "H2'"  sing N N 58  
DC  "C2'" "H2''" sing N N 59  
DC  "C1'" N1     sing N N 60  
DC  "C1'" "H1'"  sing N N 61  
DC  N1    C2     sing N N 62  
DC  N1    C6     sing N N 63  
DC  C2    O2     doub N N 64  
DC  C2    N3     sing N N 65  
DC  N3    C4     doub N N 66  
DC  C4    N4     sing N N 67  
DC  C4    C5     sing N N 68  
DC  N4    H41    sing N N 69  
DC  N4    H42    sing N N 70  
DC  C5    C6     doub N N 71  
DC  C5    H5     sing N N 72  
DC  C6    H6     sing N N 73  
DG  OP3   P      sing N N 74  
DG  OP3   HOP3   sing N N 75  
DG  P     OP1    doub N N 76  
DG  P     OP2    sing N N 77  
DG  P     "O5'"  sing N N 78  
DG  OP2   HOP2   sing N N 79  
DG  "O5'" "C5'"  sing N N 80  
DG  "C5'" "C4'"  sing N N 81  
DG  "C5'" "H5'"  sing N N 82  
DG  "C5'" "H5''" sing N N 83  
DG  "C4'" "O4'"  sing N N 84  
DG  "C4'" "C3'"  sing N N 85  
DG  "C4'" "H4'"  sing N N 86  
DG  "O4'" "C1'"  sing N N 87  
DG  "C3'" "O3'"  sing N N 88  
DG  "C3'" "C2'"  sing N N 89  
DG  "C3'" "H3'"  sing N N 90  
DG  "O3'" "HO3'" sing N N 91  
DG  "C2'" "C1'"  sing N N 92  
DG  "C2'" "H2'"  sing N N 93  
DG  "C2'" "H2''" sing N N 94  
DG  "C1'" N9     sing N N 95  
DG  "C1'" "H1'"  sing N N 96  
DG  N9    C8     sing Y N 97  
DG  N9    C4     sing Y N 98  
DG  C8    N7     doub Y N 99  
DG  C8    H8     sing N N 100 
DG  N7    C5     sing Y N 101 
DG  C5    C6     sing N N 102 
DG  C5    C4     doub Y N 103 
DG  C6    O6     doub N N 104 
DG  C6    N1     sing N N 105 
DG  N1    C2     sing N N 106 
DG  N1    H1     sing N N 107 
DG  C2    N2     sing N N 108 
DG  C2    N3     doub N N 109 
DG  N2    H21    sing N N 110 
DG  N2    H22    sing N N 111 
DG  N3    C4     sing N N 112 
DT  OP3   P      sing N N 113 
DT  OP3   HOP3   sing N N 114 
DT  P     OP1    doub N N 115 
DT  P     OP2    sing N N 116 
DT  P     "O5'"  sing N N 117 
DT  OP2   HOP2   sing N N 118 
DT  "O5'" "C5'"  sing N N 119 
DT  "C5'" "C4'"  sing N N 120 
DT  "C5'" "H5'"  sing N N 121 
DT  "C5'" "H5''" sing N N 122 
DT  "C4'" "O4'"  sing N N 123 
DT  "C4'" "C3'"  sing N N 124 
DT  "C4'" "H4'"  sing N N 125 
DT  "O4'" "C1'"  sing N N 126 
DT  "C3'" "O3'"  sing N N 127 
DT  "C3'" "C2'"  sing N N 128 
DT  "C3'" "H3'"  sing N N 129 
DT  "O3'" "HO3'" sing N N 130 
DT  "C2'" "C1'"  sing N N 131 
DT  "C2'" "H2'"  sing N N 132 
DT  "C2'" "H2''" sing N N 133 
DT  "C1'" N1     sing N N 134 
DT  "C1'" "H1'"  sing N N 135 
DT  N1    C2     sing N N 136 
DT  N1    C6     sing N N 137 
DT  C2    O2     doub N N 138 
DT  C2    N3     sing N N 139 
DT  N3    C4     sing N N 140 
DT  N3    H3     sing N N 141 
DT  C4    O4     doub N N 142 
DT  C4    C5     sing N N 143 
DT  C5    C7     sing N N 144 
DT  C5    C6     doub N N 145 
DT  C7    H71    sing N N 146 
DT  C7    H72    sing N N 147 
DT  C7    H73    sing N N 148 
DT  C6    H6     sing N N 149 
HOH O     H1     sing N N 150 
HOH O     H2     sing N N 151 
UFP N1    C2     sing N N 152 
UFP N1    C6     sing N N 153 
UFP N1    "C1'"  sing N N 154 
UFP C2    N3     sing N N 155 
UFP C2    O2     doub N N 156 
UFP N3    C4     sing N N 157 
UFP N3    HN3    sing N N 158 
UFP C4    C5     sing N N 159 
UFP C4    O4     doub N N 160 
UFP C5    C6     doub N N 161 
UFP C5    F5     sing N N 162 
UFP C6    H6     sing N N 163 
UFP "C1'" "C2'"  sing N N 164 
UFP "C1'" "O4'"  sing N N 165 
UFP "C1'" "H1'"  sing N N 166 
UFP "C2'" "C3'"  sing N N 167 
UFP "C2'" "H2'1" sing N N 168 
UFP "C2'" "H2'2" sing N N 169 
UFP "C3'" "C4'"  sing N N 170 
UFP "C3'" "O3'"  sing N N 171 
UFP "C3'" "H3'"  sing N N 172 
UFP "C4'" "O4'"  sing N N 173 
UFP "C4'" "C5'"  sing N N 174 
UFP "C4'" "H4'"  sing N N 175 
UFP "O3'" "HO3'" sing N N 176 
UFP "C5'" "O5'"  sing N N 177 
UFP "C5'" "H5'1" sing N N 178 
UFP "C5'" "H5'2" sing N N 179 
UFP "O5'" P      sing N N 180 
UFP P     O1P    doub N N 181 
UFP P     O2P    sing N N 182 
UFP P     O3P    sing N N 183 
UFP O2P   HOP2   sing N N 184 
UFP O3P   HOP3   sing N N 185 
# 
loop_
_ndb_struct_conf_na.entry_id 
_ndb_struct_conf_na.feature 
4GSI 'double helix'         
4GSI 'b-form double helix'  
4GSI 'mismatched base pair' 
# 
loop_
_ndb_struct_na_base_pair.model_number 
_ndb_struct_na_base_pair.i_label_asym_id 
_ndb_struct_na_base_pair.i_label_comp_id 
_ndb_struct_na_base_pair.i_label_seq_id 
_ndb_struct_na_base_pair.i_symmetry 
_ndb_struct_na_base_pair.j_label_asym_id 
_ndb_struct_na_base_pair.j_label_comp_id 
_ndb_struct_na_base_pair.j_label_seq_id 
_ndb_struct_na_base_pair.j_symmetry 
_ndb_struct_na_base_pair.shear 
_ndb_struct_na_base_pair.stretch 
_ndb_struct_na_base_pair.stagger 
_ndb_struct_na_base_pair.buckle 
_ndb_struct_na_base_pair.propeller 
_ndb_struct_na_base_pair.opening 
_ndb_struct_na_base_pair.pair_number 
_ndb_struct_na_base_pair.pair_name 
_ndb_struct_na_base_pair.i_auth_asym_id 
_ndb_struct_na_base_pair.i_auth_seq_id 
_ndb_struct_na_base_pair.i_PDB_ins_code 
_ndb_struct_na_base_pair.j_auth_asym_id 
_ndb_struct_na_base_pair.j_auth_seq_id 
_ndb_struct_na_base_pair.j_PDB_ins_code 
_ndb_struct_na_base_pair.hbond_type_28 
_ndb_struct_na_base_pair.hbond_type_12 
1 A DC  1  1_555 B DG 10 1_555 -0.386 -0.680 -0.487 15.727  -34.957 -0.272  1  A_DC1:DG20_B   A 1  ? B 20 ? 19 1 
1 A DC  2  1_555 B DG 9  1_555 -0.368 -0.438 1.351  -28.022 -4.065  -2.744  2  A_DC2:DG19_B   A 2  ? B 19 ? 19 1 
1 A DG  3  1_555 B DC 8  1_555 -1.125 -0.227 -0.330 -11.257 -9.201  4.155   3  A_DG3:DC18_B   A 3  ? B 18 ? 19 1 
1 A DG  4  1_555 B DC 7  1_555 1.084  0.702  -0.589 -19.736 -34.179 9.708   4  A_DG4:DC17_B   A 4  ? B 17 ? ?  ? 
1 A DT  5  1_555 B DA 6  1_555 0.707  0.233  0.817  -21.644 -2.002  -4.847  5  A_DT5:DA16_B   A 5  ? B 16 ? 20 1 
1 C UFP 7  1_555 B DA 4  1_555 0.190  -0.238 -0.750 0.234   -27.934 0.203   6  C_UFP27:DA14_B C 27 ? B 14 ? 20 1 
1 C DC  8  1_555 B DG 3  1_555 0.600  0.258  1.222  -7.239  3.090   9.066   7  C_DC28:DG13_B  C 28 ? B 13 ? ?  1 
1 C DG  9  1_555 B DC 2  1_555 -0.228 -0.228 1.586  1.712   -4.439  4.765   8  C_DG29:DC12_B  C 29 ? B 12 ? 19 1 
1 C DG  10 1_555 B DC 1  1_555 -0.677 -0.059 -0.530 -7.236  -32.284 -5.340  9  C_DG30:DC11_B  C 30 ? B 11 ? ?  1 
1 C DC  1  1_555 D DG 10 1_555 0.336  -0.351 -0.679 8.014   -23.975 -11.440 10 C_DC21:DG40_D  C 21 ? D 40 ? ?  1 
1 C DC  2  1_555 D DG 9  1_555 -0.343 0.799  0.868  -1.196  -14.350 22.465  11 C_DC22:DG39_D  C 22 ? D 39 ? ?  1 
1 C DG  3  1_555 D DC 8  1_555 -1.872 -0.395 0.205  -10.409 10.335  8.481   12 C_DG23:DC38_D  C 23 ? D 38 ? ?  1 
1 C DG  4  1_555 D DC 7  1_555 -0.772 -0.352 0.594  0.140   -10.585 -11.956 13 C_DG24:DC37_D  C 24 ? D 37 ? 19 1 
1 C DT  5  1_555 D DA 6  1_555 -0.399 0.000  0.573  -12.457 -13.012 -2.521  14 C_DT25:DA36_D  C 25 ? D 36 ? 20 1 
1 C DA  6  1_555 D DT 5  1_555 -0.937 0.159  -0.224 -14.315 -9.909  2.137   15 C_DA26:DT35_D  C 26 ? D 35 ? 20 1 
1 A UFP 7  1_555 D DA 4  1_555 0.521  0.165  0.329  -3.012  -28.787 1.572   16 A_UFP7:DA34_D  A 7  ? D 34 ? ?  ? 
1 A DC  8  1_555 D DG 3  1_555 -0.103 -0.490 0.405  -16.989 6.105   1.565   17 A_DC8:DG33_D   A 8  ? D 33 ? 19 1 
1 A DG  9  1_555 D DC 2  1_555 -0.193 -0.442 0.689  5.544   0.419   -1.841  18 A_DG9:DC32_D   A 9  ? D 32 ? 19 1 
1 A DG  10 1_555 D DC 1  1_555 -1.044 0.317  0.431  4.085   -19.660 -17.644 19 A_DG10:DC31_D  A 10 ? D 31 ? ?  ? 
# 
loop_
_ndb_struct_na_base_pair_step.model_number 
_ndb_struct_na_base_pair_step.i_label_asym_id_1 
_ndb_struct_na_base_pair_step.i_label_comp_id_1 
_ndb_struct_na_base_pair_step.i_label_seq_id_1 
_ndb_struct_na_base_pair_step.i_symmetry_1 
_ndb_struct_na_base_pair_step.j_label_asym_id_1 
_ndb_struct_na_base_pair_step.j_label_comp_id_1 
_ndb_struct_na_base_pair_step.j_label_seq_id_1 
_ndb_struct_na_base_pair_step.j_symmetry_1 
_ndb_struct_na_base_pair_step.i_label_asym_id_2 
_ndb_struct_na_base_pair_step.i_label_comp_id_2 
_ndb_struct_na_base_pair_step.i_label_seq_id_2 
_ndb_struct_na_base_pair_step.i_symmetry_2 
_ndb_struct_na_base_pair_step.j_label_asym_id_2 
_ndb_struct_na_base_pair_step.j_label_comp_id_2 
_ndb_struct_na_base_pair_step.j_label_seq_id_2 
_ndb_struct_na_base_pair_step.j_symmetry_2 
_ndb_struct_na_base_pair_step.shift 
_ndb_struct_na_base_pair_step.slide 
_ndb_struct_na_base_pair_step.rise 
_ndb_struct_na_base_pair_step.tilt 
_ndb_struct_na_base_pair_step.roll 
_ndb_struct_na_base_pair_step.twist 
_ndb_struct_na_base_pair_step.x_displacement 
_ndb_struct_na_base_pair_step.y_displacement 
_ndb_struct_na_base_pair_step.helical_rise 
_ndb_struct_na_base_pair_step.inclination 
_ndb_struct_na_base_pair_step.tip 
_ndb_struct_na_base_pair_step.helical_twist 
_ndb_struct_na_base_pair_step.step_number 
_ndb_struct_na_base_pair_step.step_name 
_ndb_struct_na_base_pair_step.i_auth_asym_id_1 
_ndb_struct_na_base_pair_step.i_auth_seq_id_1 
_ndb_struct_na_base_pair_step.i_PDB_ins_code_1 
_ndb_struct_na_base_pair_step.j_auth_asym_id_1 
_ndb_struct_na_base_pair_step.j_auth_seq_id_1 
_ndb_struct_na_base_pair_step.j_PDB_ins_code_1 
_ndb_struct_na_base_pair_step.i_auth_asym_id_2 
_ndb_struct_na_base_pair_step.i_auth_seq_id_2 
_ndb_struct_na_base_pair_step.i_PDB_ins_code_2 
_ndb_struct_na_base_pair_step.j_auth_asym_id_2 
_ndb_struct_na_base_pair_step.j_auth_seq_id_2 
_ndb_struct_na_base_pair_step.j_PDB_ins_code_2 
1 A DC  1 1_555 B DG 10 1_555 A DC  2  1_555 B DG 9 1_555 0.126  2.084  4.991 -9.169  0.128   50.508 2.395  -1.108 4.905 0.149   
10.645  51.280 1  AA_DC1DC2:DG19DG20_BB    A 1  ? B 20 ? A 2  ? B 19 ? 
1 A DC  2 1_555 B DG 9  1_555 A DG  3  1_555 B DC 8 1_555 -0.359 1.976  2.902 3.970   -4.115  36.000 3.644  1.041  2.615 -6.607  
-6.375  36.437 2  AA_DC2DG3:DC18DG19_BB    A 2  ? B 19 ? A 3  ? B 18 ? 
1 A DG  3 1_555 B DC 8  1_555 A DG  4  1_555 B DC 7 1_555 -0.819 1.900  3.720 -1.855  -0.040  46.548 2.406  0.858  3.747 -0.050  
2.346   46.583 3  AA_DG3DG4:DC17DC18_BB    A 3  ? B 18 ? A 4  ? B 17 ? 
1 A DG  4 1_555 B DC 7  1_555 A DT  5  1_555 B DA 6 1_555 -0.460 -0.664 2.943 -13.787 10.190  29.938 -2.560 -1.166 2.559 17.989  
24.341  34.402 4  AA_DG4DT5:DA16DC17_BB    A 4  ? B 17 ? A 5  ? B 16 ? 
1 A DT  5 1_555 B DA 6  1_555 C UFP 7  1_555 B DA 4 1_555 -0.149 0.926  6.183 2.565   -4.663  67.591 1.165  0.317  6.107 -4.185  
-2.302  67.775 5  AC_DT5UFP27:DA14DA16_BB  A 5  ? B 16 ? C 27 ? B 14 ? 
1 C UFP 7 1_555 B DA 4  1_555 C DC  8  1_555 B DG 3 1_555 0.767  2.012  3.974 -9.311  0.341   45.639 2.513  -1.908 3.771 0.435   
11.858  46.530 6  CC_UFP27DC28:DG13DA14_BB C 27 ? B 14 ? C 28 ? B 13 ? 
1 C DC  8 1_555 B DG 3  1_555 C DG  9  1_555 B DC 2 1_555 -0.604 2.729  3.332 -2.740  -9.933  34.934 5.637  0.618  2.526 -16.118 
4.446   36.377 7  CC_DC28DG29:DC12DG13_BB  C 28 ? B 13 ? C 29 ? B 12 ? 
1 C DG  9 1_555 B DC 2  1_555 C DG  10 1_555 B DC 1 1_555 -0.830 2.006  3.779 7.742   6.700   38.969 2.016  2.245  3.832 9.838   
-11.368 40.241 8  CC_DG29DG30:DC11DC12_BB  C 29 ? B 12 ? C 30 ? B 11 ? 
1 C DC  1 1_555 D DG 10 1_555 C DC  2  1_555 D DG 9 1_555 2.450  1.844  3.724 3.910   7.820   38.658 1.595  -3.054 4.222 11.632  
-5.816  39.597 9  CC_DC21DC22:DG39DG40_DD  C 21 ? D 40 ? C 22 ? D 39 ? 
1 C DC  2 1_555 D DG 9  1_555 C DG  3  1_555 D DC 8 1_555 -0.614 2.755  3.614 -1.991  0.179   32.171 4.926  0.712  3.659 0.322   
3.588   32.231 10 CC_DC22DG23:DC38DG39_DD  C 22 ? D 39 ? C 23 ? D 38 ? 
1 C DG  3 1_555 D DC 8  1_555 C DG  4  1_555 D DC 7 1_555 -2.045 0.961  3.580 -8.387  -2.919  42.067 1.643  1.841  3.829 -4.013  
11.530  42.952 11 CC_DG23DG24:DC37DC38_DD  C 23 ? D 38 ? C 24 ? D 37 ? 
1 C DG  4 1_555 D DC 7  1_555 C DT  5  1_555 D DA 6 1_555 0.889  -0.922 3.406 3.191   5.347   34.590 -2.353 -0.980 3.297 8.903   
-5.313  35.129 12 CC_DG24DT25:DA36DC37_DD  C 24 ? D 37 ? C 25 ? D 36 ? 
1 C DT  5 1_555 D DA 6  1_555 C DA  6  1_555 D DT 5 1_555 0.373  1.710  3.345 4.738   -2.020  42.238 2.565  -0.027 3.285 -2.790  
-6.546  42.537 13 CC_DT25DA26:DT35DA36_DD  C 25 ? D 36 ? C 26 ? D 35 ? 
1 C DA  6 1_555 D DT 5  1_555 A UFP 7  1_555 D DA 4 1_555 0.146  -0.477 2.906 -4.227  4.973   27.318 -2.005 -1.171 2.725 10.343  
8.792   28.072 14 CA_DA26UFP7:DA34DT35_DD  C 26 ? D 35 ? A 7  ? D 34 ? 
1 A UFP 7 1_555 D DA 4  1_555 A DC  8  1_555 D DG 3 1_555 0.140  2.054  3.940 -2.502  7.374   41.053 1.907  -0.528 4.216 10.402  
3.529   41.754 15 AA_UFP7DC8:DG33DA34_DD   A 7  ? D 34 ? A 8  ? D 33 ? 
1 A DC  8 1_555 D DG 3  1_555 A DG  9  1_555 D DC 2 1_555 -0.620 2.787  2.971 -4.967  -13.374 38.956 5.068  0.459  2.009 -19.284 
7.162   41.391 16 AA_DC8DG9:DC32DG33_DD    A 8  ? D 33 ? A 9  ? D 32 ? 
1 A DG  9 1_555 D DC 2  1_555 A DG  10 1_555 D DC 1 1_555 -1.095 1.559  3.421 -3.045  -0.862  38.220 2.488  1.265  3.460 -1.314  
4.641   38.346 17 AA_DG9DG10:DC31DC32_DD   A 9  ? D 32 ? A 10 ? D 31 ? 
# 
_pdbx_entity_nonpoly.entity_id   3 
_pdbx_entity_nonpoly.name        water 
_pdbx_entity_nonpoly.comp_id     HOH 
# 
_pdbx_initial_refinement_model.id               1 
_pdbx_initial_refinement_model.entity_id_list   ? 
_pdbx_initial_refinement_model.type             'experimental model' 
_pdbx_initial_refinement_model.source_name      PDB 
_pdbx_initial_refinement_model.accession_code   2ORG 
_pdbx_initial_refinement_model.details          ? 
# 
